data_2DNC
#
_entry.id   2DNC
#
_entity_poly.entity_id   1
_entity_poly.type   'polypeptide(L)'
_entity_poly.pdbx_seq_one_letter_code
;GSSGSSGIKILMPSLSPTMEEGNIVKWLKKEGEAVSAGDALCEIETDKAVVTLDASDDGILAKIVVEEGSKNIRLGSLIG
LIVEEGEDWKHVSGPSSG
;
_entity_poly.pdbx_strand_id   A
#
# COMPACT_ATOMS: atom_id res chain seq x y z
N GLY A 1 -12.65 3.49 24.03
CA GLY A 1 -11.76 4.60 23.75
C GLY A 1 -12.21 5.36 22.50
N SER A 2 -11.36 6.27 22.06
CA SER A 2 -11.66 7.06 20.88
C SER A 2 -10.38 7.30 20.07
N SER A 3 -10.50 7.12 18.77
CA SER A 3 -9.37 7.31 17.88
C SER A 3 -9.83 7.31 16.42
N GLY A 4 -10.14 8.50 15.92
CA GLY A 4 -10.60 8.64 14.55
C GLY A 4 -9.44 9.00 13.62
N SER A 5 -9.57 8.57 12.38
CA SER A 5 -8.55 8.83 11.38
C SER A 5 -9.16 8.82 9.98
N SER A 6 -8.46 9.45 9.05
CA SER A 6 -8.92 9.52 7.67
C SER A 6 -7.73 9.40 6.72
N GLY A 7 -7.44 8.17 6.34
CA GLY A 7 -6.32 7.90 5.43
C GLY A 7 -6.81 7.22 4.16
N ILE A 8 -5.86 6.80 3.35
CA ILE A 8 -6.18 6.12 2.09
C ILE A 8 -5.73 4.66 2.18
N LYS A 9 -6.72 3.78 2.18
CA LYS A 9 -6.45 2.35 2.26
C LYS A 9 -6.12 1.83 0.86
N ILE A 10 -5.00 1.12 0.77
CA ILE A 10 -4.57 0.56 -0.50
C ILE A 10 -5.05 -0.89 -0.60
N LEU A 11 -5.92 -1.12 -1.57
CA LEU A 11 -6.46 -2.45 -1.79
C LEU A 11 -5.90 -3.02 -3.09
N MET A 12 -5.57 -4.31 -3.05
CA MET A 12 -5.02 -4.98 -4.20
C MET A 12 -5.84 -4.68 -5.45
N PRO A 13 -5.19 -3.97 -6.42
CA PRO A 13 -5.85 -3.61 -7.66
C PRO A 13 -5.97 -4.81 -8.59
N SER A 14 -6.88 -4.71 -9.54
CA SER A 14 -7.10 -5.78 -10.50
C SER A 14 -6.11 -5.66 -11.66
N LEU A 15 -4.83 -5.66 -11.29
CA LEU A 15 -3.78 -5.55 -12.29
C LEU A 15 -4.13 -6.44 -13.48
N SER A 16 -4.42 -7.69 -13.20
CA SER A 16 -4.77 -8.64 -14.24
C SER A 16 -6.26 -8.53 -14.57
N PRO A 17 -6.60 -8.98 -15.80
CA PRO A 17 -8.00 -8.94 -16.25
C PRO A 17 -8.82 -10.04 -15.58
N THR A 18 -8.14 -11.12 -15.24
CA THR A 18 -8.81 -12.24 -14.59
C THR A 18 -7.92 -12.81 -13.48
N MET A 19 -7.60 -11.94 -12.54
CA MET A 19 -6.76 -12.33 -11.41
C MET A 19 -7.58 -12.46 -10.13
N GLU A 20 -7.32 -13.53 -9.39
CA GLU A 20 -8.02 -13.77 -8.15
C GLU A 20 -7.20 -13.29 -6.96
N GLU A 21 -5.89 -13.31 -7.14
CA GLU A 21 -4.97 -12.87 -6.10
C GLU A 21 -3.60 -12.52 -6.69
N GLY A 22 -2.77 -11.92 -5.87
CA GLY A 22 -1.43 -11.53 -6.30
C GLY A 22 -0.38 -11.97 -5.29
N ASN A 23 0.83 -11.46 -5.48
CA ASN A 23 1.93 -11.79 -4.59
C ASN A 23 2.97 -10.66 -4.63
N ILE A 24 3.06 -9.94 -3.52
CA ILE A 24 3.99 -8.84 -3.42
C ILE A 24 5.42 -9.39 -3.37
N VAL A 25 6.13 -9.20 -4.48
CA VAL A 25 7.50 -9.68 -4.58
C VAL A 25 8.38 -8.88 -3.62
N LYS A 26 8.41 -7.57 -3.83
CA LYS A 26 9.21 -6.69 -3.01
C LYS A 26 8.63 -5.28 -3.05
N TRP A 27 8.62 -4.62 -1.90
CA TRP A 27 8.10 -3.27 -1.81
C TRP A 27 9.15 -2.31 -2.39
N LEU A 28 8.67 -1.42 -3.24
CA LEU A 28 9.55 -0.45 -3.87
C LEU A 28 9.60 0.81 -3.01
N LYS A 29 8.77 0.83 -1.98
CA LYS A 29 8.72 1.97 -1.07
C LYS A 29 8.77 1.47 0.36
N LYS A 30 9.14 2.37 1.26
CA LYS A 30 9.23 2.04 2.67
C LYS A 30 8.21 2.87 3.46
N GLU A 31 7.96 2.43 4.68
CA GLU A 31 7.01 3.12 5.54
C GLU A 31 7.58 4.48 5.97
N GLY A 32 6.84 5.53 5.63
CA GLY A 32 7.25 6.87 5.98
C GLY A 32 7.71 7.64 4.73
N GLU A 33 7.94 6.89 3.67
CA GLU A 33 8.40 7.48 2.42
C GLU A 33 7.20 8.09 1.66
N ALA A 34 7.51 9.04 0.81
CA ALA A 34 6.49 9.71 0.02
C ALA A 34 6.09 8.81 -1.14
N VAL A 35 4.95 9.14 -1.75
CA VAL A 35 4.45 8.38 -2.88
C VAL A 35 3.83 9.33 -3.90
N SER A 36 4.00 8.98 -5.16
CA SER A 36 3.47 9.79 -6.25
C SER A 36 2.69 8.91 -7.23
N ALA A 37 1.52 9.41 -7.62
CA ALA A 37 0.68 8.68 -8.55
C ALA A 37 1.49 8.32 -9.80
N GLY A 38 1.42 7.05 -10.17
CA GLY A 38 2.14 6.55 -11.33
C GLY A 38 3.40 5.79 -10.91
N ASP A 39 4.07 6.32 -9.90
CA ASP A 39 5.28 5.70 -9.40
C ASP A 39 4.97 4.26 -8.96
N ALA A 40 5.99 3.43 -9.00
CA ALA A 40 5.85 2.04 -8.63
C ALA A 40 5.92 1.93 -7.10
N LEU A 41 4.97 1.19 -6.54
CA LEU A 41 4.92 0.99 -5.10
C LEU A 41 5.57 -0.34 -4.75
N CYS A 42 5.05 -1.39 -5.37
CA CYS A 42 5.56 -2.73 -5.12
C CYS A 42 5.33 -3.57 -6.39
N GLU A 43 5.97 -4.73 -6.42
CA GLU A 43 5.85 -5.63 -7.55
C GLU A 43 4.81 -6.71 -7.26
N ILE A 44 3.73 -6.67 -8.01
CA ILE A 44 2.66 -7.64 -7.84
C ILE A 44 2.88 -8.82 -8.79
N GLU A 45 2.88 -10.02 -8.21
CA GLU A 45 3.09 -11.22 -8.99
C GLU A 45 1.75 -11.74 -9.52
N THR A 46 1.75 -12.11 -10.80
CA THR A 46 0.54 -12.62 -11.43
C THR A 46 0.90 -13.71 -12.45
N ASP A 47 -0.02 -14.63 -12.62
CA ASP A 47 0.18 -15.73 -13.55
C ASP A 47 0.52 -15.16 -14.94
N LYS A 48 -0.22 -14.12 -15.32
CA LYS A 48 -0.01 -13.48 -16.60
C LYS A 48 1.48 -13.14 -16.75
N ALA A 49 1.97 -12.33 -15.82
CA ALA A 49 3.36 -11.91 -15.85
C ALA A 49 3.68 -11.11 -14.59
N VAL A 50 4.88 -10.58 -14.55
CA VAL A 50 5.32 -9.78 -13.41
C VAL A 50 4.89 -8.33 -13.61
N VAL A 51 3.86 -7.94 -12.86
CA VAL A 51 3.36 -6.58 -12.95
C VAL A 51 3.69 -5.83 -11.66
N THR A 52 3.71 -4.51 -11.78
CA THR A 52 4.02 -3.67 -10.62
C THR A 52 2.79 -2.85 -10.23
N LEU A 53 2.70 -2.57 -8.94
CA LEU A 53 1.59 -1.80 -8.41
C LEU A 53 1.96 -0.32 -8.41
N ASP A 54 1.30 0.43 -9.29
CA ASP A 54 1.55 1.86 -9.39
C ASP A 54 0.64 2.61 -8.41
N ALA A 55 1.14 3.74 -7.93
CA ALA A 55 0.38 4.55 -7.00
C ALA A 55 -0.73 5.27 -7.75
N SER A 56 -1.93 5.23 -7.16
CA SER A 56 -3.08 5.87 -7.76
C SER A 56 -3.19 7.32 -7.28
N ASP A 57 -2.59 7.57 -6.13
CA ASP A 57 -2.61 8.89 -5.54
C ASP A 57 -1.24 9.21 -4.93
N ASP A 58 -1.04 10.48 -4.60
CA ASP A 58 0.21 10.91 -4.01
C ASP A 58 0.02 11.09 -2.50
N GLY A 59 0.87 10.41 -1.74
CA GLY A 59 0.80 10.50 -0.29
C GLY A 59 2.02 9.82 0.35
N ILE A 60 2.03 9.83 1.67
CA ILE A 60 3.12 9.22 2.42
C ILE A 60 2.71 7.81 2.85
N LEU A 61 3.62 6.87 2.65
CA LEU A 61 3.38 5.49 3.00
C LEU A 61 3.19 5.38 4.52
N ALA A 62 1.94 5.55 4.94
CA ALA A 62 1.62 5.48 6.36
C ALA A 62 2.22 4.21 6.96
N LYS A 63 1.71 3.08 6.48
CA LYS A 63 2.19 1.79 6.97
C LYS A 63 1.98 0.74 5.87
N ILE A 64 2.43 -0.47 6.17
CA ILE A 64 2.31 -1.56 5.21
C ILE A 64 1.62 -2.75 5.90
N VAL A 65 0.36 -2.96 5.54
CA VAL A 65 -0.41 -4.05 6.12
C VAL A 65 0.20 -5.38 5.66
N VAL A 66 0.37 -5.51 4.35
CA VAL A 66 0.93 -6.73 3.79
C VAL A 66 2.35 -6.45 3.31
N GLU A 67 3.31 -7.06 4.01
CA GLU A 67 4.71 -6.89 3.67
C GLU A 67 5.10 -7.82 2.52
N GLU A 68 6.25 -7.54 1.94
CA GLU A 68 6.74 -8.34 0.83
C GLU A 68 7.02 -9.77 1.30
N GLY A 69 6.83 -10.70 0.38
CA GLY A 69 7.05 -12.11 0.68
C GLY A 69 5.72 -12.87 0.75
N SER A 70 4.65 -12.10 0.90
CA SER A 70 3.33 -12.70 0.98
C SER A 70 2.91 -13.23 -0.39
N LYS A 71 2.18 -14.35 -0.36
CA LYS A 71 1.71 -14.96 -1.58
C LYS A 71 0.19 -15.13 -1.52
N ASN A 72 -0.43 -15.15 -2.68
CA ASN A 72 -1.87 -15.31 -2.77
C ASN A 72 -2.54 -14.13 -2.05
N ILE A 73 -2.51 -12.98 -2.71
CA ILE A 73 -3.11 -11.79 -2.14
C ILE A 73 -4.37 -11.43 -2.93
N ARG A 74 -5.48 -12.01 -2.51
CA ARG A 74 -6.76 -11.76 -3.17
C ARG A 74 -6.99 -10.26 -3.33
N LEU A 75 -8.03 -9.92 -4.08
CA LEU A 75 -8.37 -8.54 -4.33
C LEU A 75 -9.12 -7.98 -3.13
N GLY A 76 -9.08 -6.66 -3.00
CA GLY A 76 -9.75 -6.00 -1.90
C GLY A 76 -9.07 -6.30 -0.57
N SER A 77 -7.74 -6.31 -0.61
CA SER A 77 -6.96 -6.58 0.59
C SER A 77 -6.04 -5.40 0.90
N LEU A 78 -6.11 -4.95 2.14
CA LEU A 78 -5.30 -3.83 2.57
C LEU A 78 -3.84 -4.27 2.67
N ILE A 79 -3.00 -3.60 1.90
CA ILE A 79 -1.58 -3.91 1.88
C ILE A 79 -0.80 -2.77 2.52
N GLY A 80 -1.44 -1.62 2.59
CA GLY A 80 -0.83 -0.44 3.18
C GLY A 80 -1.75 0.77 3.08
N LEU A 81 -1.52 1.72 3.97
CA LEU A 81 -2.33 2.94 3.99
C LEU A 81 -1.45 4.14 3.65
N ILE A 82 -2.09 5.20 3.19
CA ILE A 82 -1.37 6.40 2.82
C ILE A 82 -1.87 7.56 3.70
N VAL A 83 -0.98 8.54 3.87
CA VAL A 83 -1.31 9.70 4.68
C VAL A 83 -0.84 10.96 3.96
N GLU A 84 -1.72 11.95 3.92
CA GLU A 84 -1.41 13.21 3.27
C GLU A 84 -0.03 13.71 3.71
N GLU A 85 0.81 13.97 2.72
CA GLU A 85 2.17 14.44 3.00
C GLU A 85 2.15 15.43 4.16
N GLY A 86 3.00 15.15 5.14
CA GLY A 86 3.11 16.01 6.31
C GLY A 86 2.52 15.31 7.54
N GLU A 87 1.27 14.90 7.42
CA GLU A 87 0.60 14.22 8.52
C GLU A 87 1.55 13.27 9.22
N ASP A 88 1.48 13.28 10.55
CA ASP A 88 2.34 12.43 11.34
C ASP A 88 1.97 10.97 11.10
N TRP A 89 2.63 10.38 10.10
CA TRP A 89 2.38 9.00 9.74
C TRP A 89 2.65 8.14 10.99
N LYS A 90 3.79 8.39 11.60
CA LYS A 90 4.18 7.65 12.79
C LYS A 90 3.04 7.69 13.81
N HIS A 91 2.74 8.91 14.25
CA HIS A 91 1.68 9.11 15.21
C HIS A 91 1.46 10.61 15.43
N VAL A 92 0.23 11.04 15.17
CA VAL A 92 -0.12 12.44 15.34
C VAL A 92 -0.61 12.68 16.77
N SER A 93 -0.34 13.87 17.27
CA SER A 93 -0.76 14.24 18.61
C SER A 93 -0.30 15.66 18.93
N GLY A 94 -1.10 16.32 19.75
CA GLY A 94 -0.79 17.69 20.14
C GLY A 94 -2.07 18.49 20.41
N PRO A 95 -1.95 19.84 20.30
CA PRO A 95 -3.08 20.72 20.53
C PRO A 95 -4.06 20.68 19.35
N SER A 96 -3.49 20.77 18.15
CA SER A 96 -4.29 20.75 16.94
C SER A 96 -4.16 19.39 16.26
N SER A 97 -5.22 19.00 15.57
CA SER A 97 -5.25 17.73 14.87
C SER A 97 -5.11 16.58 15.87
N GLY A 98 -6.25 16.17 16.41
CA GLY A 98 -6.28 15.08 17.36
C GLY A 98 -6.08 15.60 18.79
N GLY A 1 -12.02 -3.05 7.88
CA GLY A 1 -12.30 -2.12 8.96
C GLY A 1 -13.15 -0.94 8.47
N SER A 2 -14.45 -1.06 8.66
CA SER A 2 -15.37 -0.01 8.25
C SER A 2 -15.78 0.84 9.46
N SER A 3 -14.84 1.66 9.90
CA SER A 3 -15.08 2.53 11.04
C SER A 3 -13.93 3.53 11.20
N GLY A 4 -14.28 4.80 11.17
CA GLY A 4 -13.28 5.85 11.32
C GLY A 4 -12.03 5.53 10.51
N SER A 5 -12.15 5.67 9.20
CA SER A 5 -11.03 5.41 8.30
C SER A 5 -10.47 6.72 7.77
N SER A 6 -9.37 7.15 8.38
CA SER A 6 -8.72 8.38 7.97
C SER A 6 -7.43 8.06 7.22
N GLY A 7 -7.50 8.16 5.90
CA GLY A 7 -6.35 7.89 5.06
C GLY A 7 -6.77 7.23 3.75
N ILE A 8 -5.77 6.84 2.98
CA ILE A 8 -6.02 6.19 1.70
C ILE A 8 -5.70 4.70 1.82
N LYS A 9 -6.76 3.90 1.89
CA LYS A 9 -6.62 2.47 2.01
C LYS A 9 -6.31 1.88 0.62
N ILE A 10 -5.15 1.26 0.53
CA ILE A 10 -4.71 0.65 -0.72
C ILE A 10 -5.20 -0.80 -0.77
N LEU A 11 -6.03 -1.08 -1.76
CA LEU A 11 -6.57 -2.41 -1.93
C LEU A 11 -5.99 -3.04 -3.20
N MET A 12 -5.64 -4.31 -3.08
CA MET A 12 -5.07 -5.04 -4.21
C MET A 12 -5.90 -4.83 -5.47
N PRO A 13 -5.29 -4.09 -6.44
CA PRO A 13 -5.96 -3.82 -7.70
C PRO A 13 -5.97 -5.05 -8.60
N SER A 14 -7.00 -5.13 -9.43
CA SER A 14 -7.14 -6.25 -10.34
C SER A 14 -6.25 -6.06 -11.57
N LEU A 15 -4.96 -5.89 -11.30
CA LEU A 15 -4.00 -5.69 -12.36
C LEU A 15 -4.34 -6.61 -13.54
N SER A 16 -4.42 -7.90 -13.24
CA SER A 16 -4.75 -8.88 -14.26
C SER A 16 -6.24 -8.85 -14.57
N PRO A 17 -6.60 -9.38 -15.77
CA PRO A 17 -7.98 -9.41 -16.20
C PRO A 17 -8.76 -10.50 -15.45
N THR A 18 -8.05 -11.57 -15.14
CA THR A 18 -8.66 -12.68 -14.43
C THR A 18 -7.75 -13.15 -13.28
N MET A 19 -7.40 -12.20 -12.43
CA MET A 19 -6.54 -12.50 -11.30
C MET A 19 -7.35 -12.58 -10.00
N GLU A 20 -7.26 -13.73 -9.35
CA GLU A 20 -7.98 -13.94 -8.10
C GLU A 20 -7.19 -13.36 -6.93
N GLU A 21 -5.88 -13.32 -7.11
CA GLU A 21 -5.00 -12.79 -6.07
C GLU A 21 -3.61 -12.52 -6.64
N GLY A 22 -2.76 -11.95 -5.80
CA GLY A 22 -1.40 -11.63 -6.21
C GLY A 22 -0.42 -11.87 -5.06
N ASN A 23 0.86 -11.77 -5.39
CA ASN A 23 1.91 -11.97 -4.41
C ASN A 23 2.89 -10.79 -4.46
N ILE A 24 2.95 -10.07 -3.35
CA ILE A 24 3.84 -8.93 -3.25
C ILE A 24 5.28 -9.40 -3.16
N VAL A 25 5.99 -9.29 -4.27
CA VAL A 25 7.38 -9.70 -4.32
C VAL A 25 8.19 -8.87 -3.33
N LYS A 26 8.26 -7.58 -3.59
CA LYS A 26 9.00 -6.67 -2.73
C LYS A 26 8.37 -5.28 -2.82
N TRP A 27 8.52 -4.53 -1.72
CA TRP A 27 7.98 -3.19 -1.66
C TRP A 27 9.04 -2.22 -2.22
N LEU A 28 8.64 -1.52 -3.27
CA LEU A 28 9.54 -0.56 -3.91
C LEU A 28 9.63 0.69 -3.05
N LYS A 29 8.76 0.76 -2.05
CA LYS A 29 8.73 1.90 -1.14
C LYS A 29 8.87 1.41 0.30
N LYS A 30 9.32 2.31 1.15
CA LYS A 30 9.49 1.99 2.57
C LYS A 30 8.46 2.75 3.40
N GLU A 31 8.24 2.26 4.60
CA GLU A 31 7.28 2.89 5.50
C GLU A 31 7.77 4.29 5.89
N GLY A 32 6.98 5.28 5.51
CA GLY A 32 7.32 6.66 5.81
C GLY A 32 7.64 7.44 4.53
N GLU A 33 8.16 6.71 3.56
CA GLU A 33 8.52 7.32 2.28
C GLU A 33 7.30 7.97 1.63
N ALA A 34 7.58 8.85 0.69
CA ALA A 34 6.51 9.56 -0.01
C ALA A 34 6.04 8.71 -1.19
N VAL A 35 4.92 9.11 -1.77
CA VAL A 35 4.36 8.41 -2.90
C VAL A 35 3.77 9.41 -3.89
N SER A 36 3.96 9.12 -5.16
CA SER A 36 3.46 9.99 -6.22
C SER A 36 2.67 9.18 -7.24
N ALA A 37 1.43 9.59 -7.44
CA ALA A 37 0.56 8.90 -8.39
C ALA A 37 1.36 8.51 -9.63
N GLY A 38 1.15 7.28 -10.06
CA GLY A 38 1.84 6.77 -11.24
C GLY A 38 3.29 6.40 -10.89
N ASP A 39 3.47 5.94 -9.65
CA ASP A 39 4.79 5.55 -9.19
C ASP A 39 4.74 4.09 -8.72
N ALA A 40 5.82 3.37 -9.00
CA ALA A 40 5.91 1.98 -8.62
C ALA A 40 5.97 1.88 -7.09
N LEU A 41 5.00 1.16 -6.54
CA LEU A 41 4.94 0.97 -5.10
C LEU A 41 5.56 -0.36 -4.73
N CYS A 42 5.05 -1.42 -5.34
CA CYS A 42 5.55 -2.75 -5.08
C CYS A 42 5.33 -3.60 -6.34
N GLU A 43 5.91 -4.79 -6.32
CA GLU A 43 5.79 -5.70 -7.45
C GLU A 43 4.74 -6.77 -7.15
N ILE A 44 3.70 -6.76 -7.97
CA ILE A 44 2.61 -7.72 -7.82
C ILE A 44 2.85 -8.91 -8.76
N GLU A 45 2.62 -10.10 -8.23
CA GLU A 45 2.79 -11.31 -9.01
C GLU A 45 1.47 -11.71 -9.68
N THR A 46 1.56 -12.00 -10.97
CA THR A 46 0.40 -12.39 -11.73
C THR A 46 0.74 -13.55 -12.68
N ASP A 47 -0.30 -14.26 -13.08
CA ASP A 47 -0.13 -15.39 -13.99
C ASP A 47 0.32 -14.88 -15.36
N LYS A 48 -0.03 -13.63 -15.63
CA LYS A 48 0.32 -13.02 -16.90
C LYS A 48 1.84 -12.83 -16.97
N ALA A 49 2.36 -12.11 -15.97
CA ALA A 49 3.78 -11.84 -15.90
C ALA A 49 4.08 -11.02 -14.65
N VAL A 50 5.31 -10.54 -14.59
CA VAL A 50 5.74 -9.73 -13.46
C VAL A 50 5.28 -8.28 -13.68
N VAL A 51 4.30 -7.88 -12.89
CA VAL A 51 3.76 -6.53 -12.99
C VAL A 51 4.11 -5.76 -11.70
N THR A 52 3.93 -4.46 -11.77
CA THR A 52 4.21 -3.60 -10.64
C THR A 52 2.96 -2.82 -10.23
N LEU A 53 2.84 -2.59 -8.93
CA LEU A 53 1.69 -1.86 -8.40
C LEU A 53 2.01 -0.36 -8.39
N ASP A 54 1.21 0.39 -9.13
CA ASP A 54 1.40 1.82 -9.22
C ASP A 54 0.45 2.51 -8.24
N ALA A 55 0.87 3.68 -7.78
CA ALA A 55 0.08 4.45 -6.84
C ALA A 55 -1.09 5.12 -7.58
N SER A 56 -2.10 5.47 -6.81
CA SER A 56 -3.28 6.10 -7.38
C SER A 56 -3.37 7.56 -6.91
N ASP A 57 -2.76 7.81 -5.76
CA ASP A 57 -2.75 9.16 -5.20
C ASP A 57 -1.36 9.47 -4.64
N ASP A 58 -1.15 10.73 -4.35
CA ASP A 58 0.12 11.18 -3.81
C ASP A 58 0.00 11.36 -2.29
N GLY A 59 0.87 10.66 -1.57
CA GLY A 59 0.86 10.74 -0.12
C GLY A 59 2.10 10.07 0.46
N ILE A 60 2.06 9.86 1.77
CA ILE A 60 3.17 9.23 2.47
C ILE A 60 2.77 7.81 2.88
N LEU A 61 3.72 6.90 2.73
CA LEU A 61 3.47 5.51 3.08
C LEU A 61 3.29 5.40 4.60
N ALA A 62 2.04 5.53 5.02
CA ALA A 62 1.72 5.44 6.43
C ALA A 62 2.33 4.17 7.02
N LYS A 63 1.75 3.04 6.60
CA LYS A 63 2.22 1.75 7.07
C LYS A 63 1.88 0.68 6.04
N ILE A 64 2.79 -0.27 5.88
CA ILE A 64 2.59 -1.35 4.93
C ILE A 64 1.95 -2.54 5.65
N VAL A 65 0.63 -2.48 5.73
CA VAL A 65 -0.12 -3.55 6.38
C VAL A 65 0.49 -4.90 6.01
N VAL A 66 0.51 -5.17 4.72
CA VAL A 66 1.06 -6.43 4.22
C VAL A 66 2.45 -6.17 3.65
N GLU A 67 3.46 -6.61 4.40
CA GLU A 67 4.84 -6.43 3.98
C GLU A 67 5.18 -7.42 2.86
N GLU A 68 6.31 -7.15 2.21
CA GLU A 68 6.76 -8.00 1.12
C GLU A 68 6.92 -9.44 1.61
N GLY A 69 7.08 -10.34 0.65
CA GLY A 69 7.25 -11.75 0.96
C GLY A 69 5.90 -12.44 1.13
N SER A 70 4.86 -11.63 1.12
CA SER A 70 3.51 -12.15 1.27
C SER A 70 3.08 -12.88 -0.01
N LYS A 71 2.01 -13.65 0.11
CA LYS A 71 1.49 -14.40 -1.02
C LYS A 71 -0.01 -14.62 -0.85
N ASN A 72 -0.66 -14.92 -1.95
CA ASN A 72 -2.10 -15.15 -1.94
C ASN A 72 -2.81 -13.89 -1.45
N ILE A 73 -2.50 -12.78 -2.11
CA ILE A 73 -3.10 -11.50 -1.76
C ILE A 73 -4.31 -11.25 -2.65
N ARG A 74 -5.43 -11.82 -2.24
CA ARG A 74 -6.67 -11.67 -2.99
C ARG A 74 -6.96 -10.19 -3.24
N LEU A 75 -8.05 -9.94 -3.94
CA LEU A 75 -8.46 -8.58 -4.24
C LEU A 75 -9.25 -8.00 -3.07
N GLY A 76 -9.15 -6.70 -2.91
CA GLY A 76 -9.85 -6.01 -1.83
C GLY A 76 -9.19 -6.31 -0.48
N SER A 77 -7.87 -6.29 -0.48
CA SER A 77 -7.11 -6.57 0.74
C SER A 77 -6.18 -5.41 1.04
N LEU A 78 -6.38 -4.80 2.20
CA LEU A 78 -5.56 -3.68 2.63
C LEU A 78 -4.11 -4.14 2.77
N ILE A 79 -3.26 -3.58 1.93
CA ILE A 79 -1.85 -3.92 1.95
C ILE A 79 -1.06 -2.78 2.61
N GLY A 80 -1.55 -1.57 2.39
CA GLY A 80 -0.90 -0.39 2.95
C GLY A 80 -1.80 0.84 2.84
N LEU A 81 -1.58 1.77 3.74
CA LEU A 81 -2.37 3.00 3.75
C LEU A 81 -1.46 4.19 3.46
N ILE A 82 -2.07 5.25 2.96
CA ILE A 82 -1.32 6.46 2.64
C ILE A 82 -1.91 7.64 3.41
N VAL A 83 -1.01 8.50 3.88
CA VAL A 83 -1.43 9.67 4.63
C VAL A 83 -0.91 10.93 3.95
N GLU A 84 -1.81 11.88 3.75
CA GLU A 84 -1.46 13.13 3.10
C GLU A 84 -0.08 13.59 3.56
N GLU A 85 0.80 13.80 2.60
CA GLU A 85 2.15 14.24 2.88
C GLU A 85 2.14 15.25 4.03
N GLY A 86 3.14 15.13 4.90
CA GLY A 86 3.26 16.03 6.03
C GLY A 86 2.69 15.38 7.31
N GLU A 87 1.42 15.00 7.22
CA GLU A 87 0.75 14.37 8.35
C GLU A 87 1.69 13.38 9.03
N ASP A 88 1.81 13.55 10.34
CA ASP A 88 2.68 12.68 11.12
C ASP A 88 2.23 11.23 10.94
N TRP A 89 2.84 10.56 9.98
CA TRP A 89 2.52 9.18 9.69
C TRP A 89 2.76 8.36 10.97
N LYS A 90 3.89 8.64 11.60
CA LYS A 90 4.26 7.94 12.81
C LYS A 90 3.09 8.03 13.82
N HIS A 91 2.57 6.87 14.16
CA HIS A 91 1.45 6.80 15.09
C HIS A 91 1.79 7.62 16.34
N VAL A 92 0.78 8.30 16.84
CA VAL A 92 0.95 9.12 18.04
C VAL A 92 -0.01 8.64 19.12
N SER A 93 -1.29 8.87 18.87
CA SER A 93 -2.32 8.46 19.82
C SER A 93 -3.70 8.67 19.21
N GLY A 94 -4.62 7.78 19.58
CA GLY A 94 -5.98 7.85 19.07
C GLY A 94 -6.99 7.72 20.22
N PRO A 95 -8.29 7.83 19.84
CA PRO A 95 -9.37 7.74 20.82
C PRO A 95 -9.58 6.29 21.25
N SER A 96 -8.53 5.71 21.80
CA SER A 96 -8.59 4.33 22.26
C SER A 96 -9.29 3.46 21.22
N SER A 97 -8.51 2.99 20.26
CA SER A 97 -9.04 2.15 19.20
C SER A 97 -9.02 0.69 19.64
N GLY A 98 -7.83 0.21 19.96
CA GLY A 98 -7.66 -1.17 20.39
C GLY A 98 -7.42 -2.09 19.19
N GLY A 1 -11.11 -0.42 9.37
CA GLY A 1 -11.26 -1.72 10.00
C GLY A 1 -11.40 -1.59 11.51
N SER A 2 -10.31 -1.21 12.15
CA SER A 2 -10.31 -1.03 13.60
C SER A 2 -9.46 0.19 13.98
N SER A 3 -8.20 0.14 13.55
CA SER A 3 -7.27 1.22 13.84
C SER A 3 -7.14 2.13 12.63
N GLY A 4 -7.60 3.36 12.78
CA GLY A 4 -7.53 4.34 11.71
C GLY A 4 -8.93 4.83 11.34
N SER A 5 -8.95 5.82 10.46
CA SER A 5 -10.22 6.38 10.00
C SER A 5 -10.05 6.99 8.61
N SER A 6 -9.17 7.98 8.53
CA SER A 6 -8.90 8.64 7.27
C SER A 6 -7.63 8.09 6.63
N GLY A 7 -7.39 8.50 5.39
CA GLY A 7 -6.21 8.05 4.67
C GLY A 7 -6.62 7.25 3.43
N ILE A 8 -5.65 7.08 2.54
CA ILE A 8 -5.88 6.34 1.30
C ILE A 8 -5.42 4.89 1.49
N LYS A 9 -6.40 4.00 1.56
CA LYS A 9 -6.11 2.59 1.74
C LYS A 9 -5.73 1.98 0.39
N ILE A 10 -4.64 1.22 0.39
CA ILE A 10 -4.18 0.57 -0.82
C ILE A 10 -4.77 -0.83 -0.91
N LEU A 11 -5.66 -1.00 -1.88
CA LEU A 11 -6.31 -2.28 -2.09
C LEU A 11 -5.76 -2.92 -3.36
N MET A 12 -5.56 -4.24 -3.28
CA MET A 12 -5.04 -4.99 -4.42
C MET A 12 -5.88 -4.73 -5.67
N PRO A 13 -5.25 -4.02 -6.64
CA PRO A 13 -5.92 -3.70 -7.89
C PRO A 13 -6.00 -4.92 -8.80
N SER A 14 -6.94 -4.87 -9.74
CA SER A 14 -7.14 -5.96 -10.67
C SER A 14 -6.13 -5.86 -11.82
N LEU A 15 -4.86 -5.90 -11.45
CA LEU A 15 -3.79 -5.80 -12.43
C LEU A 15 -4.12 -6.71 -13.62
N SER A 16 -4.39 -7.97 -13.31
CA SER A 16 -4.72 -8.95 -14.34
C SER A 16 -6.17 -8.76 -14.77
N PRO A 17 -6.54 -9.48 -15.88
CA PRO A 17 -7.89 -9.40 -16.41
C PRO A 17 -8.86 -10.20 -15.53
N THR A 18 -8.44 -11.38 -15.14
CA THR A 18 -9.26 -12.24 -14.31
C THR A 18 -8.41 -12.87 -13.20
N MET A 19 -7.85 -12.01 -12.36
CA MET A 19 -7.02 -12.47 -11.26
C MET A 19 -7.86 -12.68 -10.00
N GLU A 20 -7.37 -13.58 -9.15
CA GLU A 20 -8.07 -13.88 -7.91
C GLU A 20 -7.23 -13.43 -6.72
N GLU A 21 -5.97 -13.16 -6.99
CA GLU A 21 -5.06 -12.71 -5.94
C GLU A 21 -3.71 -12.31 -6.55
N GLY A 22 -2.81 -11.86 -5.69
CA GLY A 22 -1.50 -11.44 -6.12
C GLY A 22 -0.42 -11.92 -5.15
N ASN A 23 0.78 -11.39 -5.33
CA ASN A 23 1.90 -11.76 -4.47
C ASN A 23 2.94 -10.65 -4.51
N ILE A 24 3.04 -9.93 -3.39
CA ILE A 24 4.00 -8.85 -3.28
C ILE A 24 5.42 -9.41 -3.26
N VAL A 25 6.14 -9.14 -4.33
CA VAL A 25 7.51 -9.60 -4.45
C VAL A 25 8.42 -8.77 -3.55
N LYS A 26 8.32 -7.46 -3.71
CA LYS A 26 9.12 -6.55 -2.92
C LYS A 26 8.48 -5.16 -2.94
N TRP A 27 8.74 -4.40 -1.89
CA TRP A 27 8.20 -3.05 -1.78
C TRP A 27 9.22 -2.08 -2.36
N LEU A 28 8.74 -1.25 -3.27
CA LEU A 28 9.61 -0.27 -3.92
C LEU A 28 9.70 0.97 -3.03
N LYS A 29 8.81 1.04 -2.06
CA LYS A 29 8.79 2.16 -1.13
C LYS A 29 8.93 1.64 0.30
N LYS A 30 9.34 2.54 1.19
CA LYS A 30 9.52 2.18 2.58
C LYS A 30 8.48 2.92 3.43
N GLU A 31 8.42 2.54 4.69
CA GLU A 31 7.48 3.16 5.62
C GLU A 31 7.94 4.56 5.99
N GLY A 32 7.05 5.52 5.78
CA GLY A 32 7.37 6.91 6.10
C GLY A 32 7.77 7.68 4.84
N GLU A 33 8.04 6.92 3.78
CA GLU A 33 8.44 7.52 2.52
C GLU A 33 7.22 8.10 1.79
N ALA A 34 7.48 9.03 0.91
CA ALA A 34 6.42 9.67 0.15
C ALA A 34 6.03 8.77 -1.03
N VAL A 35 4.90 9.09 -1.63
CA VAL A 35 4.40 8.33 -2.77
C VAL A 35 3.78 9.27 -3.78
N SER A 36 3.89 8.89 -5.04
CA SER A 36 3.34 9.69 -6.13
C SER A 36 2.54 8.81 -7.08
N ALA A 37 1.40 9.33 -7.51
CA ALA A 37 0.54 8.61 -8.43
C ALA A 37 1.30 8.33 -9.72
N GLY A 38 1.26 7.07 -10.14
CA GLY A 38 1.94 6.66 -11.36
C GLY A 38 3.23 5.91 -11.04
N ASP A 39 3.81 6.24 -9.90
CA ASP A 39 5.04 5.61 -9.47
C ASP A 39 4.73 4.20 -8.93
N ALA A 40 5.70 3.31 -9.12
CA ALA A 40 5.54 1.94 -8.65
C ALA A 40 5.74 1.89 -7.14
N LEU A 41 4.82 1.19 -6.48
CA LEU A 41 4.89 1.05 -5.04
C LEU A 41 5.57 -0.27 -4.68
N CYS A 42 5.03 -1.34 -5.26
CA CYS A 42 5.57 -2.67 -5.02
C CYS A 42 5.34 -3.52 -6.26
N GLU A 43 6.00 -4.67 -6.28
CA GLU A 43 5.86 -5.58 -7.42
C GLU A 43 4.83 -6.65 -7.10
N ILE A 44 3.78 -6.67 -7.92
CA ILE A 44 2.71 -7.63 -7.75
C ILE A 44 2.95 -8.83 -8.67
N GLU A 45 2.88 -10.02 -8.10
CA GLU A 45 3.08 -11.23 -8.85
C GLU A 45 1.74 -11.79 -9.35
N THR A 46 1.74 -12.16 -10.62
CA THR A 46 0.53 -12.71 -11.23
C THR A 46 0.88 -13.85 -12.19
N ASP A 47 0.00 -14.82 -12.25
CA ASP A 47 0.21 -15.97 -13.12
C ASP A 47 0.63 -15.48 -14.50
N LYS A 48 -0.02 -14.41 -14.93
CA LYS A 48 0.26 -13.83 -16.24
C LYS A 48 1.76 -13.53 -16.34
N ALA A 49 2.19 -12.54 -15.56
CA ALA A 49 3.59 -12.14 -15.55
C ALA A 49 3.87 -11.31 -14.30
N VAL A 50 5.04 -10.70 -14.29
CA VAL A 50 5.45 -9.87 -13.16
C VAL A 50 4.96 -8.44 -13.39
N VAL A 51 3.85 -8.11 -12.73
CA VAL A 51 3.28 -6.78 -12.85
C VAL A 51 3.70 -5.94 -11.64
N THR A 52 3.68 -4.64 -11.84
CA THR A 52 4.05 -3.72 -10.77
C THR A 52 2.84 -2.89 -10.34
N LEU A 53 2.78 -2.61 -9.04
CA LEU A 53 1.68 -1.83 -8.49
C LEU A 53 2.05 -0.34 -8.53
N ASP A 54 1.19 0.43 -9.18
CA ASP A 54 1.41 1.87 -9.30
C ASP A 54 0.50 2.59 -8.31
N ALA A 55 1.03 3.67 -7.75
CA ALA A 55 0.29 4.47 -6.79
C ALA A 55 -0.93 5.09 -7.49
N SER A 56 -1.97 5.31 -6.70
CA SER A 56 -3.19 5.89 -7.22
C SER A 56 -3.35 7.32 -6.71
N ASP A 57 -2.69 7.59 -5.60
CA ASP A 57 -2.75 8.91 -4.99
C ASP A 57 -1.41 9.22 -4.31
N ASP A 58 -1.02 10.48 -4.40
CA ASP A 58 0.23 10.92 -3.80
C ASP A 58 0.04 11.11 -2.30
N GLY A 59 0.88 10.42 -1.54
CA GLY A 59 0.80 10.51 -0.08
C GLY A 59 2.02 9.86 0.57
N ILE A 60 2.01 9.83 1.89
CA ILE A 60 3.10 9.25 2.65
C ILE A 60 2.73 7.83 3.06
N LEU A 61 3.67 6.92 2.90
CA LEU A 61 3.45 5.53 3.25
C LEU A 61 3.34 5.41 4.77
N ALA A 62 2.11 5.54 5.25
CA ALA A 62 1.86 5.45 6.68
C ALA A 62 2.43 4.14 7.22
N LYS A 63 1.81 3.05 6.78
CA LYS A 63 2.25 1.73 7.21
C LYS A 63 1.94 0.71 6.11
N ILE A 64 2.86 -0.23 5.94
CA ILE A 64 2.71 -1.25 4.93
C ILE A 64 2.05 -2.48 5.55
N VAL A 65 0.72 -2.45 5.60
CA VAL A 65 -0.03 -3.55 6.17
C VAL A 65 0.60 -4.87 5.74
N VAL A 66 0.63 -5.07 4.43
CA VAL A 66 1.21 -6.28 3.87
C VAL A 66 2.62 -5.98 3.36
N GLU A 67 3.59 -6.63 3.99
CA GLU A 67 4.97 -6.45 3.61
C GLU A 67 5.37 -7.47 2.52
N GLU A 68 6.57 -7.28 2.01
CA GLU A 68 7.07 -8.16 0.96
C GLU A 68 7.41 -9.54 1.55
N GLY A 69 7.05 -10.56 0.80
CA GLY A 69 7.30 -11.93 1.23
C GLY A 69 6.00 -12.71 1.38
N SER A 70 4.90 -12.01 1.16
CA SER A 70 3.58 -12.61 1.27
C SER A 70 3.18 -13.25 -0.05
N LYS A 71 2.27 -14.21 0.03
CA LYS A 71 1.80 -14.90 -1.15
C LYS A 71 0.28 -15.09 -1.05
N ASN A 72 -0.38 -15.03 -2.20
CA ASN A 72 -1.81 -15.19 -2.25
C ASN A 72 -2.49 -13.95 -1.66
N ILE A 73 -2.55 -12.90 -2.45
CA ILE A 73 -3.16 -11.66 -2.02
C ILE A 73 -4.42 -11.39 -2.86
N ARG A 74 -5.55 -11.78 -2.32
CA ARG A 74 -6.82 -11.58 -3.01
C ARG A 74 -7.05 -10.10 -3.28
N LEU A 75 -8.14 -9.82 -3.98
CA LEU A 75 -8.49 -8.45 -4.31
C LEU A 75 -9.28 -7.83 -3.15
N GLY A 76 -9.18 -6.52 -3.06
CA GLY A 76 -9.89 -5.79 -2.01
C GLY A 76 -9.24 -6.03 -0.65
N SER A 77 -7.93 -6.25 -0.68
CA SER A 77 -7.17 -6.49 0.53
C SER A 77 -6.21 -5.33 0.79
N LEU A 78 -6.33 -4.76 1.98
CA LEU A 78 -5.48 -3.65 2.37
C LEU A 78 -4.04 -4.14 2.51
N ILE A 79 -3.17 -3.58 1.68
CA ILE A 79 -1.76 -3.95 1.72
C ILE A 79 -0.95 -2.82 2.34
N GLY A 80 -1.48 -1.60 2.21
CA GLY A 80 -0.82 -0.44 2.75
C GLY A 80 -1.78 0.75 2.84
N LEU A 81 -1.49 1.65 3.78
CA LEU A 81 -2.32 2.82 3.97
C LEU A 81 -1.48 4.08 3.71
N ILE A 82 -2.08 4.99 2.96
CA ILE A 82 -1.41 6.24 2.63
C ILE A 82 -2.02 7.38 3.46
N VAL A 83 -1.18 8.37 3.74
CA VAL A 83 -1.62 9.52 4.51
C VAL A 83 -1.24 10.81 3.77
N GLU A 84 -2.13 11.78 3.87
CA GLU A 84 -1.92 13.06 3.21
C GLU A 84 -0.50 13.58 3.51
N GLU A 85 0.24 13.85 2.44
CA GLU A 85 1.60 14.34 2.58
C GLU A 85 1.69 15.32 3.75
N GLY A 86 2.83 15.28 4.42
CA GLY A 86 3.06 16.15 5.56
C GLY A 86 2.02 15.92 6.66
N GLU A 87 2.06 14.71 7.21
CA GLU A 87 1.13 14.35 8.27
C GLU A 87 1.81 13.44 9.29
N ASP A 88 1.20 13.34 10.46
CA ASP A 88 1.73 12.52 11.53
C ASP A 88 1.58 11.04 11.14
N TRP A 89 2.44 10.62 10.22
CA TRP A 89 2.41 9.24 9.77
C TRP A 89 3.03 8.36 10.85
N LYS A 90 4.23 8.75 11.26
CA LYS A 90 4.94 8.00 12.30
C LYS A 90 4.53 8.54 13.67
N HIS A 91 3.65 7.79 14.32
CA HIS A 91 3.17 8.18 15.64
C HIS A 91 4.36 8.59 16.52
N VAL A 92 4.42 9.88 16.81
CA VAL A 92 5.49 10.41 17.64
C VAL A 92 5.51 9.67 18.99
N SER A 93 4.38 9.75 19.68
CA SER A 93 4.26 9.10 20.98
C SER A 93 4.04 7.60 20.78
N GLY A 94 2.86 7.26 20.30
CA GLY A 94 2.53 5.86 20.07
C GLY A 94 1.68 5.30 21.21
N PRO A 95 1.73 3.95 21.37
CA PRO A 95 0.98 3.28 22.41
C PRO A 95 1.63 3.49 23.78
N SER A 96 1.47 4.72 24.29
CA SER A 96 2.04 5.06 25.58
C SER A 96 0.99 5.76 26.44
N SER A 97 1.30 5.90 27.72
CA SER A 97 0.40 6.54 28.66
C SER A 97 0.18 8.01 28.26
N GLY A 98 1.30 8.73 28.22
CA GLY A 98 1.24 10.14 27.86
C GLY A 98 0.48 10.35 26.55
N GLY A 1 -16.05 0.68 10.19
CA GLY A 1 -15.72 0.92 11.59
C GLY A 1 -15.85 2.40 11.93
N SER A 2 -14.79 3.15 11.59
CA SER A 2 -14.78 4.58 11.86
C SER A 2 -14.76 4.83 13.37
N SER A 3 -13.83 5.68 13.78
CA SER A 3 -13.70 6.02 15.19
C SER A 3 -12.84 7.27 15.36
N GLY A 4 -11.63 7.19 14.83
CA GLY A 4 -10.70 8.31 14.91
C GLY A 4 -9.45 8.04 14.07
N SER A 5 -9.66 8.02 12.76
CA SER A 5 -8.56 7.79 11.84
C SER A 5 -9.07 7.87 10.39
N SER A 6 -8.33 8.64 9.59
CA SER A 6 -8.70 8.81 8.19
C SER A 6 -7.43 8.80 7.32
N GLY A 7 -7.43 7.90 6.35
CA GLY A 7 -6.30 7.78 5.44
C GLY A 7 -6.71 7.06 4.16
N ILE A 8 -5.72 6.84 3.30
CA ILE A 8 -5.96 6.16 2.04
C ILE A 8 -5.47 4.71 2.14
N LYS A 9 -6.43 3.81 2.20
CA LYS A 9 -6.11 2.39 2.30
C LYS A 9 -5.77 1.85 0.91
N ILE A 10 -4.61 1.22 0.83
CA ILE A 10 -4.15 0.67 -0.44
C ILE A 10 -4.69 -0.77 -0.57
N LEU A 11 -5.67 -0.91 -1.45
CA LEU A 11 -6.27 -2.21 -1.70
C LEU A 11 -5.71 -2.80 -2.99
N MET A 12 -5.53 -4.11 -2.98
CA MET A 12 -5.00 -4.81 -4.13
C MET A 12 -5.84 -4.49 -5.39
N PRO A 13 -5.20 -3.78 -6.34
CA PRO A 13 -5.85 -3.41 -7.58
C PRO A 13 -5.96 -4.62 -8.52
N SER A 14 -6.95 -4.56 -9.39
CA SER A 14 -7.18 -5.63 -10.35
C SER A 14 -6.20 -5.50 -11.52
N LEU A 15 -4.92 -5.54 -11.18
CA LEU A 15 -3.88 -5.42 -12.20
C LEU A 15 -4.25 -6.30 -13.40
N SER A 16 -4.67 -7.52 -13.09
CA SER A 16 -5.06 -8.46 -14.14
C SER A 16 -6.55 -8.31 -14.45
N PRO A 17 -6.93 -8.76 -15.67
CA PRO A 17 -8.31 -8.68 -16.10
C PRO A 17 -9.15 -9.76 -15.42
N THR A 18 -8.47 -10.78 -14.91
CA THR A 18 -9.13 -11.87 -14.23
C THR A 18 -8.20 -12.51 -13.21
N MET A 19 -7.87 -11.74 -12.20
CA MET A 19 -6.98 -12.22 -11.14
C MET A 19 -7.71 -12.29 -9.81
N GLU A 20 -7.74 -13.50 -9.24
CA GLU A 20 -8.41 -13.71 -7.97
C GLU A 20 -7.54 -13.15 -6.83
N GLU A 21 -6.24 -13.27 -7.00
CA GLU A 21 -5.30 -12.78 -6.01
C GLU A 21 -3.91 -12.61 -6.62
N GLY A 22 -3.03 -12.00 -5.85
CA GLY A 22 -1.67 -11.76 -6.31
C GLY A 22 -0.66 -12.11 -5.21
N ASN A 23 0.55 -11.58 -5.36
CA ASN A 23 1.60 -11.81 -4.40
C ASN A 23 2.66 -10.72 -4.53
N ILE A 24 2.80 -9.94 -3.47
CA ILE A 24 3.77 -8.86 -3.45
C ILE A 24 5.19 -9.45 -3.40
N VAL A 25 5.92 -9.22 -4.48
CA VAL A 25 7.28 -9.72 -4.58
C VAL A 25 8.18 -8.93 -3.63
N LYS A 26 8.21 -7.62 -3.85
CA LYS A 26 9.02 -6.73 -3.03
C LYS A 26 8.42 -5.32 -3.07
N TRP A 27 8.55 -4.63 -1.95
CA TRP A 27 8.04 -3.28 -1.85
C TRP A 27 9.10 -2.32 -2.41
N LEU A 28 8.66 -1.51 -3.36
CA LEU A 28 9.56 -0.56 -4.00
C LEU A 28 9.68 0.68 -3.11
N LYS A 29 8.73 0.81 -2.20
CA LYS A 29 8.71 1.94 -1.29
C LYS A 29 8.80 1.43 0.15
N LYS A 30 9.17 2.34 1.05
CA LYS A 30 9.30 1.99 2.46
C LYS A 30 8.22 2.72 3.26
N GLU A 31 8.13 2.38 4.53
CA GLU A 31 7.16 2.99 5.41
C GLU A 31 7.63 4.38 5.84
N GLY A 32 6.75 5.36 5.66
CA GLY A 32 7.06 6.73 6.01
C GLY A 32 7.52 7.52 4.79
N GLU A 33 7.74 6.80 3.71
CA GLU A 33 8.19 7.42 2.47
C GLU A 33 7.00 8.02 1.71
N ALA A 34 7.30 8.99 0.87
CA ALA A 34 6.28 9.66 0.09
C ALA A 34 5.86 8.76 -1.07
N VAL A 35 4.75 9.11 -1.69
CA VAL A 35 4.24 8.35 -2.82
C VAL A 35 3.66 9.32 -3.86
N SER A 36 3.84 8.94 -5.12
CA SER A 36 3.35 9.75 -6.22
C SER A 36 2.59 8.88 -7.21
N ALA A 37 1.50 9.44 -7.72
CA ALA A 37 0.67 8.72 -8.69
C ALA A 37 1.52 8.35 -9.91
N GLY A 38 1.43 7.08 -10.27
CA GLY A 38 2.18 6.58 -11.41
C GLY A 38 3.42 5.82 -10.97
N ASP A 39 4.06 6.34 -9.92
CA ASP A 39 5.25 5.72 -9.38
C ASP A 39 4.91 4.31 -8.87
N ALA A 40 5.86 3.41 -9.05
CA ALA A 40 5.67 2.03 -8.61
C ALA A 40 5.81 1.96 -7.10
N LEU A 41 4.92 1.20 -6.49
CA LEU A 41 4.93 1.03 -5.04
C LEU A 41 5.57 -0.32 -4.69
N CYS A 42 5.01 -1.37 -5.29
CA CYS A 42 5.52 -2.72 -5.05
C CYS A 42 5.29 -3.53 -6.33
N GLU A 43 5.82 -4.75 -6.29
CA GLU A 43 5.70 -5.65 -7.44
C GLU A 43 4.65 -6.73 -7.14
N ILE A 44 3.65 -6.79 -7.99
CA ILE A 44 2.58 -7.76 -7.84
C ILE A 44 2.85 -8.95 -8.76
N GLU A 45 2.47 -10.13 -8.29
CA GLU A 45 2.66 -11.34 -9.05
C GLU A 45 1.36 -11.75 -9.73
N THR A 46 1.46 -12.06 -11.02
CA THR A 46 0.30 -12.46 -11.80
C THR A 46 0.66 -13.62 -12.73
N ASP A 47 -0.31 -14.49 -12.92
CA ASP A 47 -0.11 -15.65 -13.78
C ASP A 47 0.43 -15.19 -15.13
N LYS A 48 -0.02 -14.01 -15.56
CA LYS A 48 0.42 -13.44 -16.81
C LYS A 48 1.94 -13.27 -16.79
N ALA A 49 2.39 -12.37 -15.93
CA ALA A 49 3.81 -12.11 -15.80
C ALA A 49 4.05 -11.24 -14.56
N VAL A 50 5.26 -10.70 -14.48
CA VAL A 50 5.63 -9.85 -13.36
C VAL A 50 5.13 -8.43 -13.62
N VAL A 51 4.21 -8.00 -12.78
CA VAL A 51 3.65 -6.67 -12.91
C VAL A 51 4.07 -5.83 -11.70
N THR A 52 3.88 -4.53 -11.83
CA THR A 52 4.22 -3.61 -10.76
C THR A 52 3.00 -2.80 -10.32
N LEU A 53 2.91 -2.58 -9.02
CA LEU A 53 1.80 -1.84 -8.46
C LEU A 53 2.13 -0.34 -8.49
N ASP A 54 1.35 0.39 -9.27
CA ASP A 54 1.54 1.82 -9.40
C ASP A 54 0.64 2.55 -8.40
N ALA A 55 1.13 3.69 -7.93
CA ALA A 55 0.37 4.49 -6.97
C ALA A 55 -0.81 5.15 -7.69
N SER A 56 -1.93 5.20 -6.98
CA SER A 56 -3.13 5.80 -7.53
C SER A 56 -3.23 7.26 -7.09
N ASP A 57 -2.72 7.53 -5.90
CA ASP A 57 -2.75 8.88 -5.35
C ASP A 57 -1.39 9.20 -4.74
N ASP A 58 -1.18 10.49 -4.49
CA ASP A 58 0.08 10.94 -3.91
C ASP A 58 -0.10 11.15 -2.41
N GLY A 59 0.71 10.44 -1.65
CA GLY A 59 0.65 10.54 -0.19
C GLY A 59 1.87 9.86 0.45
N ILE A 60 1.88 9.88 1.77
CA ILE A 60 2.97 9.28 2.53
C ILE A 60 2.58 7.85 2.93
N LEU A 61 3.53 6.94 2.76
CA LEU A 61 3.30 5.55 3.09
C LEU A 61 3.11 5.41 4.60
N ALA A 62 1.88 5.55 5.03
CA ALA A 62 1.56 5.45 6.45
C ALA A 62 2.17 4.17 7.01
N LYS A 63 1.71 3.05 6.46
CA LYS A 63 2.20 1.75 6.90
C LYS A 63 2.06 0.74 5.75
N ILE A 64 2.56 -0.46 5.99
CA ILE A 64 2.50 -1.50 4.99
C ILE A 64 1.75 -2.71 5.58
N VAL A 65 0.43 -2.61 5.55
CA VAL A 65 -0.41 -3.67 6.07
C VAL A 65 0.21 -5.03 5.72
N VAL A 66 0.41 -5.24 4.43
CA VAL A 66 1.00 -6.48 3.95
C VAL A 66 2.38 -6.19 3.38
N GLU A 67 3.37 -6.82 3.98
CA GLU A 67 4.75 -6.64 3.55
C GLU A 67 5.02 -7.50 2.31
N GLU A 68 6.26 -7.43 1.84
CA GLU A 68 6.67 -8.19 0.68
C GLU A 68 6.74 -9.69 1.01
N GLY A 69 6.76 -10.50 -0.03
CA GLY A 69 6.83 -11.94 0.13
C GLY A 69 5.45 -12.50 0.46
N SER A 70 4.48 -11.61 0.57
CA SER A 70 3.12 -12.01 0.88
C SER A 70 2.46 -12.63 -0.35
N LYS A 71 2.19 -13.93 -0.25
CA LYS A 71 1.57 -14.65 -1.34
C LYS A 71 0.05 -14.69 -1.12
N ASN A 72 -0.65 -15.12 -2.17
CA ASN A 72 -2.10 -15.21 -2.10
C ASN A 72 -2.66 -13.90 -1.55
N ILE A 73 -2.60 -12.87 -2.38
CA ILE A 73 -3.10 -11.56 -1.99
C ILE A 73 -4.40 -11.26 -2.74
N ARG A 74 -5.50 -11.71 -2.17
CA ARG A 74 -6.80 -11.50 -2.78
C ARG A 74 -7.05 -10.00 -3.01
N LEU A 75 -8.08 -9.72 -3.80
CA LEU A 75 -8.42 -8.34 -4.11
C LEU A 75 -9.12 -7.72 -2.90
N GLY A 76 -9.07 -6.39 -2.84
CA GLY A 76 -9.69 -5.66 -1.75
C GLY A 76 -8.98 -5.96 -0.43
N SER A 77 -7.68 -6.14 -0.51
CA SER A 77 -6.88 -6.43 0.66
C SER A 77 -5.94 -5.26 0.96
N LEU A 78 -5.97 -4.81 2.20
CA LEU A 78 -5.13 -3.70 2.62
C LEU A 78 -3.68 -4.17 2.68
N ILE A 79 -2.86 -3.55 1.85
CA ILE A 79 -1.44 -3.89 1.80
C ILE A 79 -0.62 -2.73 2.35
N GLY A 80 -1.22 -1.54 2.29
CA GLY A 80 -0.55 -0.34 2.78
C GLY A 80 -1.56 0.79 2.99
N LEU A 81 -1.21 1.69 3.90
CA LEU A 81 -2.07 2.82 4.21
C LEU A 81 -1.32 4.12 3.89
N ILE A 82 -1.97 4.97 3.12
CA ILE A 82 -1.38 6.25 2.74
C ILE A 82 -1.97 7.36 3.63
N VAL A 83 -1.18 8.41 3.79
CA VAL A 83 -1.60 9.53 4.60
C VAL A 83 -1.17 10.84 3.92
N GLU A 84 -2.13 11.75 3.83
CA GLU A 84 -1.86 13.04 3.20
C GLU A 84 -0.47 13.53 3.58
N GLU A 85 0.34 13.77 2.55
CA GLU A 85 1.70 14.25 2.75
C GLU A 85 1.72 15.32 3.84
N GLY A 86 2.53 15.07 4.85
CA GLY A 86 2.66 16.00 5.96
C GLY A 86 2.19 15.38 7.27
N GLU A 87 0.93 14.94 7.26
CA GLU A 87 0.35 14.32 8.44
C GLU A 87 1.37 13.38 9.11
N ASP A 88 1.49 13.54 10.41
CA ASP A 88 2.42 12.73 11.19
C ASP A 88 2.03 11.26 11.05
N TRP A 89 2.47 10.65 9.96
CA TRP A 89 2.18 9.25 9.71
C TRP A 89 2.45 8.46 10.99
N LYS A 90 3.62 8.73 11.57
CA LYS A 90 4.00 8.05 12.80
C LYS A 90 2.89 8.22 13.83
N HIS A 91 2.49 7.10 14.40
CA HIS A 91 1.44 7.10 15.41
C HIS A 91 1.93 7.82 16.67
N VAL A 92 1.00 8.05 17.58
CA VAL A 92 1.32 8.73 18.82
C VAL A 92 1.88 10.12 18.51
N SER A 93 1.09 11.13 18.86
CA SER A 93 1.49 12.51 18.62
C SER A 93 1.79 13.20 19.95
N GLY A 94 2.84 14.01 19.93
CA GLY A 94 3.24 14.73 21.12
C GLY A 94 3.56 16.19 20.80
N PRO A 95 4.40 16.81 21.67
CA PRO A 95 4.78 18.20 21.49
C PRO A 95 5.80 18.34 20.35
N SER A 96 5.27 18.42 19.13
CA SER A 96 6.12 18.56 17.96
C SER A 96 5.94 19.95 17.36
N SER A 97 6.94 20.78 17.57
CA SER A 97 6.91 22.14 17.05
C SER A 97 7.66 22.20 15.71
N GLY A 98 8.93 21.81 15.75
CA GLY A 98 9.75 21.82 14.56
C GLY A 98 10.27 20.42 14.24
N GLY A 1 -6.27 1.92 19.05
CA GLY A 1 -7.33 1.73 18.07
C GLY A 1 -7.18 2.68 16.90
N SER A 2 -8.31 2.97 16.27
CA SER A 2 -8.32 3.88 15.13
C SER A 2 -8.64 5.30 15.58
N SER A 3 -9.79 5.43 16.23
CA SER A 3 -10.22 6.73 16.73
C SER A 3 -10.67 7.61 15.56
N GLY A 4 -9.71 7.99 14.74
CA GLY A 4 -10.00 8.83 13.58
C GLY A 4 -9.50 8.18 12.30
N SER A 5 -10.43 7.61 11.54
CA SER A 5 -10.09 6.96 10.29
C SER A 5 -9.88 8.02 9.20
N SER A 6 -8.61 8.29 8.93
CA SER A 6 -8.25 9.26 7.91
C SER A 6 -6.97 8.83 7.20
N GLY A 7 -7.13 8.40 5.96
CA GLY A 7 -5.99 7.96 5.16
C GLY A 7 -6.45 7.16 3.94
N ILE A 8 -5.53 6.99 3.02
CA ILE A 8 -5.82 6.25 1.80
C ILE A 8 -5.39 4.79 1.97
N LYS A 9 -6.40 3.92 2.06
CA LYS A 9 -6.13 2.50 2.22
C LYS A 9 -5.87 1.87 0.85
N ILE A 10 -4.64 1.41 0.68
CA ILE A 10 -4.24 0.79 -0.57
C ILE A 10 -4.84 -0.62 -0.65
N LEU A 11 -5.63 -0.83 -1.69
CA LEU A 11 -6.27 -2.12 -1.89
C LEU A 11 -5.74 -2.77 -3.17
N MET A 12 -5.51 -4.06 -3.10
CA MET A 12 -5.00 -4.80 -4.24
C MET A 12 -5.82 -4.51 -5.49
N PRO A 13 -5.15 -3.82 -6.47
CA PRO A 13 -5.81 -3.46 -7.71
C PRO A 13 -5.95 -4.68 -8.63
N SER A 14 -6.95 -4.63 -9.49
CA SER A 14 -7.19 -5.72 -10.42
C SER A 14 -6.24 -5.61 -11.62
N LEU A 15 -4.95 -5.61 -11.30
CA LEU A 15 -3.92 -5.51 -12.33
C LEU A 15 -4.33 -6.39 -13.52
N SER A 16 -4.81 -7.58 -13.21
CA SER A 16 -5.24 -8.51 -14.24
C SER A 16 -6.75 -8.52 -14.34
N PRO A 17 -7.25 -8.81 -15.57
CA PRO A 17 -8.68 -8.87 -15.81
C PRO A 17 -9.30 -10.14 -15.24
N THR A 18 -8.42 -11.08 -14.91
CA THR A 18 -8.86 -12.34 -14.35
C THR A 18 -7.92 -12.79 -13.23
N MET A 19 -7.71 -11.89 -12.28
CA MET A 19 -6.84 -12.17 -11.15
C MET A 19 -7.64 -12.24 -9.85
N GLU A 20 -7.62 -13.42 -9.25
CA GLU A 20 -8.33 -13.64 -8.01
C GLU A 20 -7.52 -13.08 -6.82
N GLU A 21 -6.20 -13.12 -6.98
CA GLU A 21 -5.31 -12.63 -5.95
C GLU A 21 -3.91 -12.38 -6.53
N GLY A 22 -3.06 -11.81 -5.70
CA GLY A 22 -1.70 -11.51 -6.11
C GLY A 22 -0.71 -11.81 -4.98
N ASN A 23 0.54 -11.46 -5.23
CA ASN A 23 1.60 -11.68 -4.25
C ASN A 23 2.67 -10.61 -4.40
N ILE A 24 2.85 -9.85 -3.32
CA ILE A 24 3.84 -8.78 -3.31
C ILE A 24 5.24 -9.39 -3.28
N VAL A 25 5.97 -9.16 -4.36
CA VAL A 25 7.32 -9.67 -4.48
C VAL A 25 8.25 -8.84 -3.58
N LYS A 26 8.29 -7.55 -3.85
CA LYS A 26 9.13 -6.64 -3.09
C LYS A 26 8.50 -5.25 -3.09
N TRP A 27 8.64 -4.57 -1.96
CA TRP A 27 8.09 -3.23 -1.83
C TRP A 27 9.11 -2.24 -2.40
N LEU A 28 8.63 -1.42 -3.33
CA LEU A 28 9.49 -0.44 -3.97
C LEU A 28 9.55 0.83 -3.09
N LYS A 29 8.66 0.87 -2.11
CA LYS A 29 8.61 2.00 -1.20
C LYS A 29 8.74 1.50 0.24
N LYS A 30 9.08 2.43 1.12
CA LYS A 30 9.24 2.08 2.53
C LYS A 30 8.18 2.82 3.34
N GLU A 31 8.04 2.38 4.59
CA GLU A 31 7.06 2.98 5.48
C GLU A 31 7.53 4.35 5.94
N GLY A 32 6.76 5.37 5.58
CA GLY A 32 7.10 6.73 5.95
C GLY A 32 7.49 7.55 4.71
N GLU A 33 7.88 6.84 3.66
CA GLU A 33 8.28 7.48 2.43
C GLU A 33 7.06 8.07 1.71
N ALA A 34 7.34 9.00 0.82
CA ALA A 34 6.28 9.65 0.06
C ALA A 34 5.92 8.78 -1.15
N VAL A 35 4.79 9.12 -1.76
CA VAL A 35 4.32 8.39 -2.92
C VAL A 35 3.71 9.37 -3.93
N SER A 36 3.84 9.02 -5.19
CA SER A 36 3.30 9.86 -6.26
C SER A 36 2.54 9.00 -7.27
N ALA A 37 1.43 9.53 -7.74
CA ALA A 37 0.61 8.83 -8.72
C ALA A 37 1.47 8.44 -9.92
N GLY A 38 1.36 7.18 -10.31
CA GLY A 38 2.12 6.67 -11.44
C GLY A 38 3.38 5.93 -10.96
N ASP A 39 3.93 6.42 -9.86
CA ASP A 39 5.12 5.81 -9.30
C ASP A 39 4.80 4.39 -8.83
N ALA A 40 5.82 3.54 -8.89
CA ALA A 40 5.66 2.16 -8.47
C ALA A 40 5.72 2.09 -6.94
N LEU A 41 4.90 1.19 -6.39
CA LEU A 41 4.85 1.01 -4.96
C LEU A 41 5.51 -0.32 -4.59
N CYS A 42 5.04 -1.38 -5.24
CA CYS A 42 5.58 -2.71 -5.00
C CYS A 42 5.34 -3.55 -6.26
N GLU A 43 5.88 -4.76 -6.22
CA GLU A 43 5.74 -5.68 -7.34
C GLU A 43 4.69 -6.74 -7.03
N ILE A 44 3.70 -6.80 -7.91
CA ILE A 44 2.63 -7.77 -7.74
C ILE A 44 2.89 -8.99 -8.63
N GLU A 45 2.58 -10.16 -8.08
CA GLU A 45 2.79 -11.41 -8.81
C GLU A 45 1.49 -11.84 -9.48
N THR A 46 1.60 -12.17 -10.76
CA THR A 46 0.45 -12.61 -11.53
C THR A 46 0.83 -13.76 -12.47
N ASP A 47 -0.10 -14.67 -12.64
CA ASP A 47 0.13 -15.81 -13.51
C ASP A 47 0.58 -15.32 -14.90
N LYS A 48 0.06 -14.15 -15.27
CA LYS A 48 0.40 -13.56 -16.54
C LYS A 48 1.90 -13.32 -16.61
N ALA A 49 2.37 -12.45 -15.73
CA ALA A 49 3.79 -12.12 -15.67
C ALA A 49 4.07 -11.28 -14.44
N VAL A 50 5.27 -10.70 -14.40
CA VAL A 50 5.67 -9.87 -13.29
C VAL A 50 5.24 -8.42 -13.56
N VAL A 51 4.29 -7.96 -12.76
CA VAL A 51 3.78 -6.60 -12.91
C VAL A 51 4.10 -5.81 -11.64
N THR A 52 4.04 -4.49 -11.77
CA THR A 52 4.31 -3.61 -10.64
C THR A 52 3.07 -2.81 -10.28
N LEU A 53 2.89 -2.59 -8.98
CA LEU A 53 1.76 -1.85 -8.49
C LEU A 53 2.08 -0.35 -8.51
N ASP A 54 1.38 0.36 -9.37
CA ASP A 54 1.58 1.80 -9.50
C ASP A 54 0.63 2.53 -8.55
N ALA A 55 1.12 3.63 -8.01
CA ALA A 55 0.33 4.43 -7.08
C ALA A 55 -0.82 5.11 -7.84
N SER A 56 -1.97 5.16 -7.20
CA SER A 56 -3.14 5.76 -7.80
C SER A 56 -3.28 7.22 -7.33
N ASP A 57 -2.61 7.51 -6.22
CA ASP A 57 -2.65 8.85 -5.66
C ASP A 57 -1.30 9.17 -5.01
N ASP A 58 -1.13 10.43 -4.64
CA ASP A 58 0.10 10.87 -4.02
C ASP A 58 -0.12 11.02 -2.51
N GLY A 59 0.72 10.32 -1.76
CA GLY A 59 0.63 10.36 -0.31
C GLY A 59 1.85 9.69 0.34
N ILE A 60 1.86 9.72 1.66
CA ILE A 60 2.96 9.11 2.40
C ILE A 60 2.56 7.69 2.82
N LEU A 61 3.48 6.77 2.61
CA LEU A 61 3.25 5.37 2.95
C LEU A 61 3.16 5.25 4.48
N ALA A 62 1.93 5.41 4.97
CA ALA A 62 1.69 5.32 6.40
C ALA A 62 2.32 4.03 6.94
N LYS A 63 1.80 2.92 6.46
CA LYS A 63 2.30 1.62 6.88
C LYS A 63 2.15 0.61 5.74
N ILE A 64 2.66 -0.58 5.96
CA ILE A 64 2.58 -1.64 4.97
C ILE A 64 1.89 -2.86 5.57
N VAL A 65 0.57 -2.83 5.54
CA VAL A 65 -0.22 -3.93 6.07
C VAL A 65 0.45 -5.25 5.71
N VAL A 66 0.59 -5.48 4.41
CA VAL A 66 1.21 -6.70 3.93
C VAL A 66 2.59 -6.37 3.34
N GLU A 67 3.61 -6.92 3.99
CA GLU A 67 4.97 -6.69 3.55
C GLU A 67 5.30 -7.59 2.34
N GLU A 68 6.51 -7.41 1.83
CA GLU A 68 6.96 -8.19 0.69
C GLU A 68 7.12 -9.66 1.08
N GLY A 69 7.20 -10.51 0.07
CA GLY A 69 7.36 -11.94 0.29
C GLY A 69 6.02 -12.61 0.55
N SER A 70 5.00 -11.78 0.70
CA SER A 70 3.65 -12.28 0.95
C SER A 70 3.12 -13.00 -0.29
N LYS A 71 2.00 -13.68 -0.11
CA LYS A 71 1.38 -14.41 -1.20
C LYS A 71 -0.12 -14.59 -0.91
N ASN A 72 -0.85 -14.89 -1.96
CA ASN A 72 -2.29 -15.09 -1.83
C ASN A 72 -2.93 -13.80 -1.32
N ILE A 73 -2.75 -12.74 -2.09
CA ILE A 73 -3.31 -11.45 -1.74
C ILE A 73 -4.53 -11.16 -2.61
N ARG A 74 -5.67 -11.65 -2.15
CA ARG A 74 -6.92 -11.46 -2.88
C ARG A 74 -7.16 -9.97 -3.13
N LEU A 75 -8.25 -9.69 -3.83
CA LEU A 75 -8.60 -8.31 -4.14
C LEU A 75 -9.36 -7.70 -2.95
N GLY A 76 -9.22 -6.39 -2.82
CA GLY A 76 -9.87 -5.68 -1.73
C GLY A 76 -9.21 -5.99 -0.39
N SER A 77 -7.89 -6.11 -0.44
CA SER A 77 -7.13 -6.40 0.76
C SER A 77 -6.23 -5.23 1.11
N LEU A 78 -6.01 -5.04 2.40
CA LEU A 78 -5.17 -3.95 2.87
C LEU A 78 -3.71 -4.38 2.84
N ILE A 79 -2.94 -3.69 2.00
CA ILE A 79 -1.52 -4.00 1.87
C ILE A 79 -0.70 -2.85 2.45
N GLY A 80 -1.26 -1.65 2.34
CA GLY A 80 -0.58 -0.47 2.85
C GLY A 80 -1.57 0.70 3.00
N LEU A 81 -1.24 1.60 3.91
CA LEU A 81 -2.07 2.76 4.16
C LEU A 81 -1.28 4.03 3.84
N ILE A 82 -1.95 4.93 3.13
CA ILE A 82 -1.32 6.19 2.74
C ILE A 82 -1.87 7.32 3.63
N VAL A 83 -1.06 8.35 3.79
CA VAL A 83 -1.45 9.49 4.60
C VAL A 83 -1.00 10.77 3.91
N GLU A 84 -1.90 11.74 3.86
CA GLU A 84 -1.61 13.02 3.24
C GLU A 84 -0.24 13.52 3.68
N GLU A 85 0.62 13.75 2.70
CA GLU A 85 1.96 14.23 2.97
C GLU A 85 1.94 15.27 4.09
N GLY A 86 2.72 14.99 5.12
CA GLY A 86 2.81 15.89 6.27
C GLY A 86 2.34 15.19 7.55
N GLU A 87 1.10 14.72 7.52
CA GLU A 87 0.53 14.04 8.66
C GLU A 87 1.56 13.08 9.27
N ASP A 88 1.72 13.20 10.59
CA ASP A 88 2.66 12.36 11.30
C ASP A 88 2.26 10.89 11.12
N TRP A 89 2.86 10.26 10.12
CA TRP A 89 2.58 8.86 9.84
C TRP A 89 2.95 8.05 11.08
N LYS A 90 4.13 8.35 11.62
CA LYS A 90 4.60 7.64 12.80
C LYS A 90 3.55 7.76 13.91
N HIS A 91 2.79 6.68 14.06
CA HIS A 91 1.75 6.65 15.08
C HIS A 91 2.30 7.19 16.40
N VAL A 92 3.41 6.61 16.83
CA VAL A 92 4.04 7.03 18.06
C VAL A 92 4.25 8.55 18.04
N SER A 93 4.03 9.16 19.19
CA SER A 93 4.18 10.60 19.33
C SER A 93 5.08 10.92 20.51
N GLY A 94 5.75 12.06 20.42
CA GLY A 94 6.65 12.50 21.47
C GLY A 94 7.79 11.51 21.67
N PRO A 95 8.91 12.02 22.25
CA PRO A 95 10.07 11.19 22.50
C PRO A 95 9.84 10.27 23.70
N SER A 96 10.76 9.33 23.87
CA SER A 96 10.66 8.38 24.97
C SER A 96 11.13 9.04 26.26
N SER A 97 10.43 8.72 27.33
CA SER A 97 10.75 9.26 28.64
C SER A 97 12.21 8.94 29.00
N GLY A 98 12.76 9.78 29.86
CA GLY A 98 14.14 9.59 30.29
C GLY A 98 14.39 10.25 31.65
N GLY A 1 -8.62 -6.59 11.25
CA GLY A 1 -9.64 -6.23 12.21
C GLY A 1 -10.20 -4.84 11.94
N SER A 2 -10.62 -4.18 13.02
CA SER A 2 -11.18 -2.84 12.91
C SER A 2 -10.20 -1.82 13.48
N SER A 3 -9.79 -0.89 12.62
CA SER A 3 -8.86 0.15 13.03
C SER A 3 -9.45 1.53 12.71
N GLY A 4 -9.73 1.74 11.44
CA GLY A 4 -10.28 3.00 10.99
C GLY A 4 -9.19 4.05 10.79
N SER A 5 -9.47 5.25 11.28
CA SER A 5 -8.51 6.34 11.17
C SER A 5 -8.41 6.81 9.71
N SER A 6 -8.68 8.08 9.50
CA SER A 6 -8.63 8.65 8.17
C SER A 6 -7.34 8.22 7.47
N GLY A 7 -7.37 8.30 6.15
CA GLY A 7 -6.22 7.92 5.35
C GLY A 7 -6.66 7.22 4.05
N ILE A 8 -5.67 6.92 3.23
CA ILE A 8 -5.94 6.27 1.96
C ILE A 8 -5.54 4.79 2.07
N LYS A 9 -6.56 3.93 2.11
CA LYS A 9 -6.34 2.51 2.22
C LYS A 9 -6.02 1.94 0.83
N ILE A 10 -4.85 1.34 0.72
CA ILE A 10 -4.42 0.75 -0.53
C ILE A 10 -4.92 -0.68 -0.63
N LEU A 11 -5.77 -0.92 -1.61
CA LEU A 11 -6.33 -2.24 -1.82
C LEU A 11 -5.75 -2.85 -3.10
N MET A 12 -5.55 -4.15 -3.05
CA MET A 12 -5.01 -4.85 -4.20
C MET A 12 -5.82 -4.57 -5.46
N PRO A 13 -5.15 -3.86 -6.42
CA PRO A 13 -5.80 -3.51 -7.67
C PRO A 13 -5.92 -4.73 -8.60
N SER A 14 -6.79 -4.61 -9.58
CA SER A 14 -7.01 -5.69 -10.53
C SER A 14 -6.06 -5.53 -11.72
N LEU A 15 -4.77 -5.46 -11.42
CA LEU A 15 -3.77 -5.31 -12.45
C LEU A 15 -4.15 -6.15 -13.66
N SER A 16 -4.35 -7.43 -13.41
CA SER A 16 -4.72 -8.37 -14.47
C SER A 16 -6.24 -8.29 -14.72
N PRO A 17 -6.61 -8.60 -15.99
CA PRO A 17 -8.01 -8.57 -16.37
C PRO A 17 -8.76 -9.78 -15.81
N THR A 18 -8.00 -10.75 -15.36
CA THR A 18 -8.56 -11.97 -14.79
C THR A 18 -7.68 -12.50 -13.66
N MET A 19 -7.45 -11.64 -12.68
CA MET A 19 -6.63 -12.01 -11.54
C MET A 19 -7.46 -12.09 -10.26
N GLU A 20 -7.44 -13.26 -9.65
CA GLU A 20 -8.18 -13.48 -8.41
C GLU A 20 -7.38 -12.98 -7.21
N GLU A 21 -6.06 -12.99 -7.37
CA GLU A 21 -5.17 -12.55 -6.31
C GLU A 21 -3.76 -12.34 -6.85
N GLY A 22 -2.91 -11.81 -6.00
CA GLY A 22 -1.53 -11.55 -6.38
C GLY A 22 -0.58 -11.77 -5.20
N ASN A 23 0.71 -11.67 -5.48
CA ASN A 23 1.73 -11.86 -4.46
C ASN A 23 2.72 -10.70 -4.51
N ILE A 24 2.88 -10.04 -3.38
CA ILE A 24 3.80 -8.92 -3.29
C ILE A 24 5.24 -9.45 -3.20
N VAL A 25 5.94 -9.34 -4.32
CA VAL A 25 7.32 -9.80 -4.38
C VAL A 25 8.17 -9.00 -3.39
N LYS A 26 8.25 -7.70 -3.65
CA LYS A 26 9.01 -6.82 -2.79
C LYS A 26 8.39 -5.42 -2.81
N TRP A 27 8.67 -4.66 -1.75
CA TRP A 27 8.14 -3.31 -1.65
C TRP A 27 9.17 -2.36 -2.23
N LEU A 28 8.73 -1.59 -3.22
CA LEU A 28 9.59 -0.63 -3.87
C LEU A 28 9.62 0.67 -3.06
N LYS A 29 8.84 0.67 -1.99
CA LYS A 29 8.77 1.83 -1.12
C LYS A 29 8.86 1.38 0.34
N LYS A 30 9.23 2.32 1.20
CA LYS A 30 9.36 2.04 2.62
C LYS A 30 8.33 2.85 3.39
N GLU A 31 8.04 2.39 4.60
CA GLU A 31 7.08 3.07 5.46
C GLU A 31 7.62 4.44 5.88
N GLY A 32 6.83 5.46 5.60
CA GLY A 32 7.22 6.82 5.94
C GLY A 32 7.62 7.61 4.70
N GLU A 33 7.96 6.89 3.65
CA GLU A 33 8.36 7.51 2.40
C GLU A 33 7.15 8.10 1.69
N ALA A 34 7.42 9.04 0.79
CA ALA A 34 6.37 9.69 0.04
C ALA A 34 5.96 8.80 -1.14
N VAL A 35 4.81 9.13 -1.71
CA VAL A 35 4.30 8.37 -2.85
C VAL A 35 3.63 9.33 -3.84
N SER A 36 3.73 8.97 -5.11
CA SER A 36 3.14 9.80 -6.15
C SER A 36 2.32 8.92 -7.11
N ALA A 37 1.38 9.56 -7.78
CA ALA A 37 0.52 8.85 -8.73
C ALA A 37 1.37 8.31 -9.87
N GLY A 38 1.05 7.09 -10.29
CA GLY A 38 1.77 6.46 -11.37
C GLY A 38 3.23 6.18 -10.97
N ASP A 39 3.39 5.70 -9.76
CA ASP A 39 4.72 5.39 -9.25
C ASP A 39 4.74 3.93 -8.77
N ALA A 40 5.88 3.29 -9.01
CA ALA A 40 6.05 1.91 -8.61
C ALA A 40 6.11 1.82 -7.08
N LEU A 41 5.15 1.12 -6.52
CA LEU A 41 5.08 0.96 -5.08
C LEU A 41 5.69 -0.40 -4.69
N CYS A 42 5.18 -1.45 -5.31
CA CYS A 42 5.67 -2.79 -5.05
C CYS A 42 5.47 -3.63 -6.30
N GLU A 43 6.05 -4.83 -6.28
CA GLU A 43 5.94 -5.73 -7.40
C GLU A 43 4.87 -6.78 -7.14
N ILE A 44 3.83 -6.73 -7.96
CA ILE A 44 2.73 -7.67 -7.82
C ILE A 44 2.97 -8.88 -8.73
N GLU A 45 2.67 -10.05 -8.20
CA GLU A 45 2.86 -11.29 -8.95
C GLU A 45 1.54 -11.72 -9.60
N THR A 46 1.63 -12.02 -10.88
CA THR A 46 0.46 -12.44 -11.63
C THR A 46 0.81 -13.59 -12.57
N ASP A 47 -0.14 -14.51 -12.72
CA ASP A 47 0.07 -15.66 -13.59
C ASP A 47 0.57 -15.17 -14.96
N LYS A 48 0.04 -14.03 -15.36
CA LYS A 48 0.43 -13.45 -16.65
C LYS A 48 1.94 -13.26 -16.68
N ALA A 49 2.41 -12.35 -15.83
CA ALA A 49 3.84 -12.07 -15.76
C ALA A 49 4.13 -11.26 -14.50
N VAL A 50 5.34 -10.72 -14.44
CA VAL A 50 5.75 -9.93 -13.30
C VAL A 50 5.34 -8.47 -13.53
N VAL A 51 4.32 -8.05 -12.79
CA VAL A 51 3.83 -6.69 -12.90
C VAL A 51 4.12 -5.94 -11.60
N THR A 52 4.01 -4.62 -11.68
CA THR A 52 4.25 -3.77 -10.53
C THR A 52 3.02 -2.94 -10.20
N LEU A 53 2.84 -2.70 -8.91
CA LEU A 53 1.70 -1.93 -8.44
C LEU A 53 2.05 -0.44 -8.52
N ASP A 54 1.14 0.31 -9.11
CA ASP A 54 1.32 1.75 -9.26
C ASP A 54 0.38 2.48 -8.31
N ALA A 55 0.81 3.67 -7.89
CA ALA A 55 0.01 4.47 -6.97
C ALA A 55 -1.02 5.27 -7.78
N SER A 56 -2.19 5.42 -7.18
CA SER A 56 -3.27 6.16 -7.81
C SER A 56 -3.34 7.58 -7.26
N ASP A 57 -2.76 7.75 -6.07
CA ASP A 57 -2.75 9.05 -5.42
C ASP A 57 -1.37 9.29 -4.81
N ASP A 58 -1.09 10.56 -4.56
CA ASP A 58 0.18 10.94 -3.97
C ASP A 58 0.00 11.14 -2.46
N GLY A 59 0.79 10.39 -1.70
CA GLY A 59 0.73 10.47 -0.25
C GLY A 59 1.93 9.78 0.38
N ILE A 60 1.99 9.86 1.71
CA ILE A 60 3.08 9.25 2.45
C ILE A 60 2.69 7.83 2.85
N LEU A 61 3.65 6.92 2.73
CA LEU A 61 3.41 5.54 3.07
C LEU A 61 3.26 5.41 4.59
N ALA A 62 2.02 5.51 5.03
CA ALA A 62 1.71 5.41 6.45
C ALA A 62 2.29 4.10 7.00
N LYS A 63 1.73 3.00 6.52
CA LYS A 63 2.17 1.68 6.96
C LYS A 63 2.05 0.70 5.79
N ILE A 64 2.55 -0.50 6.02
CA ILE A 64 2.50 -1.54 5.00
C ILE A 64 1.74 -2.75 5.54
N VAL A 65 0.42 -2.63 5.54
CA VAL A 65 -0.42 -3.71 6.03
C VAL A 65 0.17 -5.05 5.61
N VAL A 66 0.28 -5.23 4.30
CA VAL A 66 0.83 -6.46 3.75
C VAL A 66 2.26 -6.21 3.28
N GLU A 67 3.20 -6.84 3.96
CA GLU A 67 4.61 -6.70 3.63
C GLU A 67 4.95 -7.57 2.42
N GLU A 68 6.23 -7.55 2.06
CA GLU A 68 6.70 -8.33 0.92
C GLU A 68 6.88 -9.79 1.34
N GLY A 69 7.08 -10.64 0.33
CA GLY A 69 7.26 -12.06 0.57
C GLY A 69 5.93 -12.77 0.75
N SER A 70 4.86 -11.98 0.70
CA SER A 70 3.52 -12.52 0.86
C SER A 70 3.13 -13.33 -0.37
N LYS A 71 2.00 -14.02 -0.26
CA LYS A 71 1.52 -14.85 -1.35
C LYS A 71 0.00 -15.01 -1.22
N ASN A 72 -0.66 -15.01 -2.37
CA ASN A 72 -2.10 -15.16 -2.39
C ASN A 72 -2.75 -13.94 -1.73
N ILE A 73 -2.75 -12.84 -2.47
CA ILE A 73 -3.32 -11.61 -1.96
C ILE A 73 -4.55 -11.24 -2.80
N ARG A 74 -5.68 -11.80 -2.42
CA ARG A 74 -6.93 -11.54 -3.12
C ARG A 74 -7.15 -10.04 -3.28
N LEU A 75 -8.11 -9.69 -4.11
CA LEU A 75 -8.44 -8.30 -4.36
C LEU A 75 -9.21 -7.74 -3.16
N GLY A 76 -9.14 -6.42 -3.01
CA GLY A 76 -9.82 -5.75 -1.92
C GLY A 76 -9.15 -6.06 -0.58
N SER A 77 -7.82 -6.07 -0.61
CA SER A 77 -7.05 -6.35 0.59
C SER A 77 -6.09 -5.20 0.86
N LEU A 78 -6.13 -4.71 2.10
CA LEU A 78 -5.27 -3.62 2.51
C LEU A 78 -3.83 -4.11 2.58
N ILE A 79 -2.98 -3.47 1.77
CA ILE A 79 -1.58 -3.84 1.73
C ILE A 79 -0.74 -2.71 2.32
N GLY A 80 -1.29 -1.51 2.24
CA GLY A 80 -0.61 -0.33 2.77
C GLY A 80 -1.59 0.82 2.96
N LEU A 81 -1.24 1.70 3.90
CA LEU A 81 -2.07 2.85 4.19
C LEU A 81 -1.28 4.13 3.95
N ILE A 82 -1.89 5.06 3.23
CA ILE A 82 -1.25 6.32 2.92
C ILE A 82 -1.78 7.40 3.85
N VAL A 83 -1.00 8.45 4.01
CA VAL A 83 -1.39 9.56 4.86
C VAL A 83 -1.00 10.88 4.20
N GLU A 84 -1.95 11.81 4.19
CA GLU A 84 -1.71 13.12 3.60
C GLU A 84 -0.29 13.59 3.88
N GLU A 85 0.44 13.88 2.82
CA GLU A 85 1.81 14.33 2.95
C GLU A 85 1.94 15.28 4.14
N GLY A 86 3.05 15.14 4.85
CA GLY A 86 3.31 15.98 6.01
C GLY A 86 2.28 15.71 7.12
N GLU A 87 2.32 14.49 7.65
CA GLU A 87 1.40 14.11 8.71
C GLU A 87 2.07 13.10 9.64
N ASP A 88 1.51 13.00 10.84
CA ASP A 88 2.04 12.08 11.84
C ASP A 88 1.75 10.64 11.39
N TRP A 89 2.65 10.11 10.58
CA TRP A 89 2.51 8.75 10.08
C TRP A 89 3.03 7.79 11.16
N LYS A 90 4.26 8.06 11.60
CA LYS A 90 4.88 7.25 12.62
C LYS A 90 4.32 7.62 13.99
N HIS A 91 4.07 6.60 14.79
CA HIS A 91 3.52 6.80 16.13
C HIS A 91 4.46 7.71 16.92
N VAL A 92 3.98 8.91 17.20
CA VAL A 92 4.76 9.88 17.95
C VAL A 92 3.82 10.71 18.82
N SER A 93 3.90 10.47 20.12
CA SER A 93 3.07 11.19 21.07
C SER A 93 3.74 12.50 21.46
N GLY A 94 3.48 13.54 20.66
CA GLY A 94 4.05 14.84 20.91
C GLY A 94 5.01 15.25 19.78
N PRO A 95 5.08 16.58 19.54
CA PRO A 95 5.96 17.11 18.51
C PRO A 95 7.41 17.07 18.96
N SER A 96 8.20 16.24 18.27
CA SER A 96 9.60 16.10 18.58
C SER A 96 9.79 15.82 20.07
N SER A 97 10.00 14.56 20.39
CA SER A 97 10.19 14.15 21.77
C SER A 97 11.61 14.46 22.21
N GLY A 98 11.76 15.56 22.94
CA GLY A 98 13.05 15.98 23.44
C GLY A 98 13.27 17.47 23.21
N GLY A 1 -16.41 -4.87 15.74
CA GLY A 1 -17.04 -3.58 15.51
C GLY A 1 -16.17 -2.70 14.60
N SER A 2 -16.84 -1.95 13.74
CA SER A 2 -16.15 -1.06 12.82
C SER A 2 -16.34 0.39 13.25
N SER A 3 -15.42 1.23 12.78
CA SER A 3 -15.48 2.65 13.11
C SER A 3 -15.03 3.48 11.90
N GLY A 4 -13.81 3.22 11.46
CA GLY A 4 -13.26 3.92 10.32
C GLY A 4 -12.08 4.80 10.74
N SER A 5 -11.13 4.94 9.83
CA SER A 5 -9.95 5.74 10.10
C SER A 5 -9.75 6.77 8.99
N SER A 6 -8.91 7.76 9.27
CA SER A 6 -8.63 8.81 8.31
C SER A 6 -7.34 8.50 7.56
N GLY A 7 -7.49 8.03 6.34
CA GLY A 7 -6.34 7.70 5.51
C GLY A 7 -6.78 6.99 4.22
N ILE A 8 -5.79 6.72 3.38
CA ILE A 8 -6.06 6.06 2.11
C ILE A 8 -5.61 4.61 2.19
N LYS A 9 -6.59 3.71 2.20
CA LYS A 9 -6.30 2.29 2.28
C LYS A 9 -5.94 1.77 0.88
N ILE A 10 -4.78 1.13 0.81
CA ILE A 10 -4.31 0.59 -0.45
C ILE A 10 -4.81 -0.85 -0.61
N LEU A 11 -5.79 -1.02 -1.49
CA LEU A 11 -6.35 -2.33 -1.73
C LEU A 11 -5.77 -2.91 -3.02
N MET A 12 -5.56 -4.21 -2.99
CA MET A 12 -5.00 -4.90 -4.15
C MET A 12 -5.81 -4.59 -5.41
N PRO A 13 -5.16 -3.85 -6.34
CA PRO A 13 -5.79 -3.48 -7.60
C PRO A 13 -5.88 -4.68 -8.54
N SER A 14 -6.88 -4.64 -9.41
CA SER A 14 -7.07 -5.71 -10.38
C SER A 14 -6.11 -5.54 -11.55
N LEU A 15 -4.82 -5.51 -11.22
CA LEU A 15 -3.79 -5.34 -12.24
C LEU A 15 -4.14 -6.21 -13.45
N SER A 16 -4.40 -7.49 -13.16
CA SER A 16 -4.74 -8.43 -14.21
C SER A 16 -6.24 -8.36 -14.51
N PRO A 17 -6.60 -8.90 -15.71
CA PRO A 17 -8.00 -8.90 -16.13
C PRO A 17 -8.79 -9.97 -15.37
N THR A 18 -8.09 -11.04 -15.01
CA THR A 18 -8.72 -12.13 -14.29
C THR A 18 -7.78 -12.65 -13.20
N MET A 19 -7.47 -11.77 -12.26
CA MET A 19 -6.58 -12.13 -11.17
C MET A 19 -7.35 -12.23 -9.86
N GLU A 20 -7.52 -13.46 -9.40
CA GLU A 20 -8.24 -13.70 -8.15
C GLU A 20 -7.43 -13.19 -6.96
N GLU A 21 -6.11 -13.20 -7.12
CA GLU A 21 -5.22 -12.73 -6.07
C GLU A 21 -3.84 -12.43 -6.65
N GLY A 22 -3.03 -11.76 -5.85
CA GLY A 22 -1.68 -11.40 -6.27
C GLY A 22 -0.66 -11.85 -5.23
N ASN A 23 0.56 -11.34 -5.39
CA ASN A 23 1.64 -11.68 -4.48
C ASN A 23 2.69 -10.57 -4.50
N ILE A 24 2.74 -9.81 -3.41
CA ILE A 24 3.69 -8.73 -3.30
C ILE A 24 5.11 -9.29 -3.20
N VAL A 25 5.86 -9.13 -4.28
CA VAL A 25 7.23 -9.61 -4.33
C VAL A 25 8.09 -8.80 -3.37
N LYS A 26 8.16 -7.50 -3.63
CA LYS A 26 8.94 -6.60 -2.81
C LYS A 26 8.33 -5.20 -2.87
N TRP A 27 8.56 -4.44 -1.79
CA TRP A 27 8.04 -3.08 -1.71
C TRP A 27 9.12 -2.13 -2.25
N LEU A 28 8.73 -1.36 -3.25
CA LEU A 28 9.65 -0.41 -3.85
C LEU A 28 9.80 0.80 -2.93
N LYS A 29 8.79 0.99 -2.09
CA LYS A 29 8.80 2.10 -1.16
C LYS A 29 8.89 1.57 0.27
N LYS A 30 9.18 2.47 1.19
CA LYS A 30 9.29 2.10 2.60
C LYS A 30 8.23 2.84 3.40
N GLU A 31 8.00 2.36 4.61
CA GLU A 31 7.02 2.97 5.49
C GLU A 31 7.50 4.34 5.97
N GLY A 32 6.78 5.36 5.56
CA GLY A 32 7.12 6.72 5.94
C GLY A 32 7.54 7.53 4.71
N GLU A 33 7.85 6.83 3.64
CA GLU A 33 8.26 7.46 2.41
C GLU A 33 7.05 8.06 1.69
N ALA A 34 7.34 8.95 0.74
CA ALA A 34 6.30 9.60 -0.03
C ALA A 34 5.92 8.71 -1.21
N VAL A 35 4.78 9.05 -1.82
CA VAL A 35 4.30 8.30 -2.97
C VAL A 35 3.68 9.27 -3.97
N SER A 36 3.87 8.95 -5.25
CA SER A 36 3.34 9.77 -6.31
C SER A 36 2.60 8.90 -7.33
N ALA A 37 1.44 9.38 -7.74
CA ALA A 37 0.63 8.66 -8.72
C ALA A 37 1.49 8.32 -9.93
N GLY A 38 1.43 7.06 -10.33
CA GLY A 38 2.19 6.60 -11.47
C GLY A 38 3.46 5.86 -11.04
N ASP A 39 4.09 6.39 -10.00
CA ASP A 39 5.30 5.79 -9.46
C ASP A 39 5.00 4.37 -8.99
N ALA A 40 6.00 3.51 -9.10
CA ALA A 40 5.86 2.13 -8.67
C ALA A 40 5.92 2.05 -7.15
N LEU A 41 5.04 1.24 -6.60
CA LEU A 41 4.97 1.07 -5.15
C LEU A 41 5.64 -0.25 -4.78
N CYS A 42 5.18 -1.32 -5.41
CA CYS A 42 5.73 -2.64 -5.15
C CYS A 42 5.53 -3.50 -6.40
N GLU A 43 6.07 -4.70 -6.35
CA GLU A 43 5.96 -5.62 -7.46
C GLU A 43 4.89 -6.68 -7.18
N ILE A 44 3.85 -6.66 -8.00
CA ILE A 44 2.76 -7.60 -7.85
C ILE A 44 3.03 -8.83 -8.73
N GLU A 45 2.85 -10.00 -8.13
CA GLU A 45 3.07 -11.24 -8.85
C GLU A 45 1.75 -11.75 -9.45
N THR A 46 1.74 -11.89 -10.76
CA THR A 46 0.56 -12.36 -11.45
C THR A 46 0.92 -13.49 -12.42
N ASP A 47 -0.02 -14.40 -12.60
CA ASP A 47 0.19 -15.53 -13.50
C ASP A 47 0.65 -15.01 -14.86
N LYS A 48 0.03 -13.93 -15.30
CA LYS A 48 0.38 -13.34 -16.57
C LYS A 48 1.89 -13.09 -16.63
N ALA A 49 2.34 -12.19 -15.76
CA ALA A 49 3.75 -11.85 -15.71
C ALA A 49 4.03 -11.06 -14.42
N VAL A 50 5.23 -10.51 -14.36
CA VAL A 50 5.63 -9.73 -13.19
C VAL A 50 5.24 -8.27 -13.41
N VAL A 51 4.16 -7.88 -12.75
CA VAL A 51 3.67 -6.51 -12.85
C VAL A 51 3.99 -5.76 -11.56
N THR A 52 3.88 -4.43 -11.65
CA THR A 52 4.16 -3.59 -10.50
C THR A 52 2.92 -2.77 -10.13
N LEU A 53 2.77 -2.55 -8.83
CA LEU A 53 1.64 -1.79 -8.32
C LEU A 53 1.97 -0.30 -8.38
N ASP A 54 1.34 0.38 -9.33
CA ASP A 54 1.56 1.80 -9.50
C ASP A 54 0.66 2.57 -8.52
N ALA A 55 1.18 3.68 -8.04
CA ALA A 55 0.45 4.51 -7.10
C ALA A 55 -0.72 5.20 -7.83
N SER A 56 -1.87 5.17 -7.17
CA SER A 56 -3.06 5.78 -7.73
C SER A 56 -3.20 7.22 -7.26
N ASP A 57 -2.54 7.50 -6.14
CA ASP A 57 -2.58 8.84 -5.57
C ASP A 57 -1.22 9.15 -4.93
N ASP A 58 -1.02 10.43 -4.65
CA ASP A 58 0.22 10.87 -4.03
C ASP A 58 0.01 11.05 -2.53
N GLY A 59 0.78 10.30 -1.76
CA GLY A 59 0.68 10.36 -0.32
C GLY A 59 1.87 9.67 0.35
N ILE A 60 1.94 9.81 1.66
CA ILE A 60 3.03 9.20 2.42
C ILE A 60 2.63 7.79 2.82
N LEU A 61 3.58 6.87 2.66
CA LEU A 61 3.34 5.48 2.99
C LEU A 61 3.17 5.34 4.51
N ALA A 62 1.94 5.50 4.96
CA ALA A 62 1.63 5.40 6.37
C ALA A 62 2.24 4.12 6.93
N LYS A 63 1.71 3.00 6.47
CA LYS A 63 2.19 1.71 6.92
C LYS A 63 2.03 0.68 5.79
N ILE A 64 2.56 -0.50 6.03
CA ILE A 64 2.48 -1.57 5.05
C ILE A 64 1.75 -2.77 5.65
N VAL A 65 0.42 -2.71 5.58
CA VAL A 65 -0.40 -3.78 6.12
C VAL A 65 0.25 -5.12 5.81
N VAL A 66 0.42 -5.39 4.53
CA VAL A 66 1.03 -6.64 4.08
C VAL A 66 2.45 -6.36 3.61
N GLU A 67 3.41 -6.89 4.35
CA GLU A 67 4.81 -6.71 4.01
C GLU A 67 5.20 -7.63 2.86
N GLU A 68 6.26 -7.24 2.16
CA GLU A 68 6.75 -8.02 1.03
C GLU A 68 7.00 -9.47 1.46
N GLY A 69 6.87 -10.38 0.51
CA GLY A 69 7.07 -11.79 0.78
C GLY A 69 5.75 -12.53 0.94
N SER A 70 4.68 -11.74 1.04
CA SER A 70 3.35 -12.29 1.21
C SER A 70 2.79 -12.72 -0.16
N LYS A 71 2.26 -13.93 -0.19
CA LYS A 71 1.69 -14.46 -1.42
C LYS A 71 0.17 -14.55 -1.27
N ASN A 72 -0.46 -15.07 -2.32
CA ASN A 72 -1.91 -15.21 -2.32
C ASN A 72 -2.55 -13.98 -1.68
N ILE A 73 -2.58 -12.91 -2.45
CA ILE A 73 -3.15 -11.66 -1.98
C ILE A 73 -4.43 -11.36 -2.76
N ARG A 74 -5.53 -11.87 -2.25
CA ARG A 74 -6.82 -11.67 -2.90
C ARG A 74 -7.08 -10.17 -3.12
N LEU A 75 -8.14 -9.89 -3.85
CA LEU A 75 -8.49 -8.51 -4.14
C LEU A 75 -9.23 -7.91 -2.95
N GLY A 76 -9.15 -6.59 -2.83
CA GLY A 76 -9.79 -5.90 -1.73
C GLY A 76 -9.11 -6.20 -0.41
N SER A 77 -7.79 -6.21 -0.45
CA SER A 77 -7.01 -6.49 0.74
C SER A 77 -6.04 -5.33 1.02
N LEU A 78 -6.07 -4.86 2.26
CA LEU A 78 -5.21 -3.75 2.66
C LEU A 78 -3.76 -4.25 2.71
N ILE A 79 -2.93 -3.61 1.89
CA ILE A 79 -1.53 -3.98 1.82
C ILE A 79 -0.68 -2.82 2.40
N GLY A 80 -1.25 -1.63 2.30
CA GLY A 80 -0.57 -0.45 2.80
C GLY A 80 -1.55 0.72 2.99
N LEU A 81 -1.20 1.60 3.91
CA LEU A 81 -2.03 2.75 4.19
C LEU A 81 -1.26 4.04 3.89
N ILE A 82 -1.94 4.96 3.22
CA ILE A 82 -1.32 6.23 2.86
C ILE A 82 -1.87 7.33 3.76
N VAL A 83 -1.09 8.39 3.88
CA VAL A 83 -1.48 9.52 4.71
C VAL A 83 -1.09 10.82 4.01
N GLU A 84 -2.05 11.74 3.97
CA GLU A 84 -1.82 13.03 3.34
C GLU A 84 -0.41 13.54 3.65
N GLU A 85 0.33 13.83 2.59
CA GLU A 85 1.69 14.33 2.75
C GLU A 85 1.77 15.30 3.92
N GLY A 86 2.95 15.36 4.52
CA GLY A 86 3.18 16.26 5.65
C GLY A 86 2.24 15.91 6.80
N GLU A 87 2.35 14.67 7.26
CA GLU A 87 1.52 14.22 8.36
C GLU A 87 2.34 13.30 9.29
N ASP A 88 1.81 13.12 10.49
CA ASP A 88 2.47 12.28 11.48
C ASP A 88 2.01 10.83 11.30
N TRP A 89 2.61 10.16 10.34
CA TRP A 89 2.27 8.79 10.06
C TRP A 89 2.65 7.94 11.28
N LYS A 90 3.83 8.26 11.82
CA LYS A 90 4.32 7.54 12.99
C LYS A 90 3.30 7.67 14.13
N HIS A 91 3.02 8.90 14.50
CA HIS A 91 2.07 9.17 15.58
C HIS A 91 2.59 8.56 16.88
N VAL A 92 2.61 9.39 17.91
CA VAL A 92 3.07 8.95 19.22
C VAL A 92 1.98 9.19 20.25
N SER A 93 1.45 8.10 20.78
CA SER A 93 0.40 8.19 21.78
C SER A 93 0.96 7.87 23.17
N GLY A 94 0.53 8.66 24.14
CA GLY A 94 0.98 8.48 25.51
C GLY A 94 0.40 7.21 26.12
N PRO A 95 0.62 7.06 27.46
CA PRO A 95 0.12 5.89 28.17
C PRO A 95 -1.39 5.98 28.38
N SER A 96 -2.12 5.32 27.50
CA SER A 96 -3.57 5.32 27.59
C SER A 96 -4.01 5.06 29.02
N SER A 97 -4.62 6.07 29.61
CA SER A 97 -5.09 5.95 30.99
C SER A 97 -3.97 5.44 31.89
N GLY A 98 -3.17 6.37 32.37
CA GLY A 98 -2.06 6.02 33.25
C GLY A 98 -1.27 7.26 33.66
N GLY A 1 -14.79 -2.15 14.23
CA GLY A 1 -13.60 -1.41 14.58
C GLY A 1 -13.20 -0.43 13.46
N SER A 2 -12.21 0.38 13.76
CA SER A 2 -11.73 1.36 12.80
C SER A 2 -10.41 1.97 13.29
N SER A 3 -9.51 2.18 12.33
CA SER A 3 -8.21 2.75 12.65
C SER A 3 -8.13 4.17 12.10
N GLY A 4 -7.22 4.96 12.68
CA GLY A 4 -7.02 6.33 12.25
C GLY A 4 -8.36 7.05 12.08
N SER A 5 -8.35 8.07 11.24
CA SER A 5 -9.55 8.84 10.98
C SER A 5 -9.81 8.93 9.47
N SER A 6 -8.83 9.49 8.78
CA SER A 6 -8.93 9.64 7.33
C SER A 6 -7.62 9.22 6.67
N GLY A 7 -7.76 8.48 5.58
CA GLY A 7 -6.60 8.00 4.84
C GLY A 7 -7.02 7.18 3.62
N ILE A 8 -6.06 6.97 2.73
CA ILE A 8 -6.31 6.21 1.52
C ILE A 8 -5.83 4.77 1.71
N LYS A 9 -6.79 3.85 1.70
CA LYS A 9 -6.48 2.45 1.87
C LYS A 9 -6.15 1.83 0.51
N ILE A 10 -4.97 1.22 0.45
CA ILE A 10 -4.53 0.59 -0.78
C ILE A 10 -5.06 -0.85 -0.84
N LEU A 11 -5.92 -1.08 -1.83
CA LEU A 11 -6.50 -2.39 -2.01
C LEU A 11 -5.96 -3.04 -3.28
N MET A 12 -5.60 -4.30 -3.17
CA MET A 12 -5.06 -5.03 -4.30
C MET A 12 -5.94 -4.85 -5.55
N PRO A 13 -5.29 -4.35 -6.64
CA PRO A 13 -6.00 -4.13 -7.89
C PRO A 13 -6.29 -5.45 -8.61
N SER A 14 -7.31 -5.42 -9.45
CA SER A 14 -7.68 -6.60 -10.20
C SER A 14 -6.96 -6.64 -11.54
N LEU A 15 -5.63 -6.59 -11.47
CA LEU A 15 -4.81 -6.61 -12.66
C LEU A 15 -5.38 -7.63 -13.65
N SER A 16 -5.40 -8.88 -13.21
CA SER A 16 -5.91 -9.96 -14.04
C SER A 16 -7.41 -9.76 -14.29
N PRO A 17 -7.94 -10.53 -15.28
CA PRO A 17 -9.35 -10.45 -15.61
C PRO A 17 -10.20 -11.16 -14.56
N THR A 18 -9.62 -12.18 -13.94
CA THR A 18 -10.31 -12.94 -12.92
C THR A 18 -9.38 -13.21 -11.73
N MET A 19 -8.40 -12.33 -11.58
CA MET A 19 -7.44 -12.47 -10.50
C MET A 19 -8.11 -12.98 -9.22
N GLU A 20 -7.40 -13.85 -8.53
CA GLU A 20 -7.91 -14.43 -7.29
C GLU A 20 -7.06 -14.01 -6.10
N GLU A 21 -5.76 -13.85 -6.38
CA GLU A 21 -4.83 -13.46 -5.34
C GLU A 21 -3.45 -13.20 -5.94
N GLY A 22 -2.95 -11.99 -5.72
CA GLY A 22 -1.65 -11.60 -6.24
C GLY A 22 -0.53 -12.06 -5.29
N ASN A 23 0.66 -11.53 -5.53
CA ASN A 23 1.81 -11.87 -4.72
C ASN A 23 2.82 -10.72 -4.77
N ILE A 24 2.93 -10.02 -3.65
CA ILE A 24 3.85 -8.90 -3.55
C ILE A 24 5.28 -9.42 -3.56
N VAL A 25 5.98 -9.14 -4.65
CA VAL A 25 7.36 -9.58 -4.79
C VAL A 25 8.23 -8.80 -3.81
N LYS A 26 8.25 -7.48 -4.00
CA LYS A 26 9.05 -6.62 -3.14
C LYS A 26 8.44 -5.21 -3.14
N TRP A 27 8.70 -4.49 -2.06
CA TRP A 27 8.18 -3.15 -1.91
C TRP A 27 9.21 -2.18 -2.50
N LEU A 28 8.73 -1.32 -3.40
CA LEU A 28 9.60 -0.35 -4.04
C LEU A 28 9.77 0.87 -3.12
N LYS A 29 8.86 0.97 -2.16
CA LYS A 29 8.90 2.06 -1.21
C LYS A 29 8.96 1.51 0.21
N LYS A 30 9.17 2.42 1.16
CA LYS A 30 9.26 2.02 2.56
C LYS A 30 8.23 2.81 3.36
N GLU A 31 8.15 2.48 4.65
CA GLU A 31 7.20 3.14 5.53
C GLU A 31 7.75 4.52 5.94
N GLY A 32 6.92 5.54 5.72
CA GLY A 32 7.30 6.90 6.05
C GLY A 32 7.81 7.64 4.83
N GLU A 33 8.03 6.88 3.77
CA GLU A 33 8.53 7.46 2.52
C GLU A 33 7.37 8.10 1.74
N ALA A 34 7.71 9.13 0.98
CA ALA A 34 6.72 9.82 0.18
C ALA A 34 6.27 8.91 -0.97
N VAL A 35 5.14 9.29 -1.57
CA VAL A 35 4.60 8.52 -2.67
C VAL A 35 4.00 9.48 -3.71
N SER A 36 4.14 9.08 -4.97
CA SER A 36 3.63 9.90 -6.06
C SER A 36 2.81 9.03 -7.02
N ALA A 37 1.64 9.54 -7.38
CA ALA A 37 0.76 8.83 -8.29
C ALA A 37 1.50 8.52 -9.59
N GLY A 38 1.45 7.26 -9.99
CA GLY A 38 2.12 6.83 -11.21
C GLY A 38 3.40 6.05 -10.89
N ASP A 39 3.97 6.37 -9.74
CA ASP A 39 5.20 5.70 -9.31
C ASP A 39 4.86 4.29 -8.81
N ALA A 40 5.78 3.38 -9.07
CA ALA A 40 5.59 1.99 -8.66
C ALA A 40 5.79 1.89 -7.15
N LEU A 41 4.82 1.27 -6.50
CA LEU A 41 4.87 1.10 -5.05
C LEU A 41 5.54 -0.24 -4.74
N CYS A 42 5.01 -1.29 -5.33
CA CYS A 42 5.55 -2.63 -5.12
C CYS A 42 5.31 -3.45 -6.39
N GLU A 43 5.99 -4.59 -6.46
CA GLU A 43 5.87 -5.47 -7.60
C GLU A 43 4.86 -6.59 -7.31
N ILE A 44 3.79 -6.59 -8.08
CA ILE A 44 2.75 -7.59 -7.91
C ILE A 44 3.01 -8.75 -8.87
N GLU A 45 2.81 -9.96 -8.36
CA GLU A 45 3.01 -11.15 -9.15
C GLU A 45 1.68 -11.67 -9.71
N THR A 46 1.68 -11.96 -11.00
CA THR A 46 0.48 -12.46 -11.65
C THR A 46 0.84 -13.52 -12.70
N ASP A 47 -0.03 -14.50 -12.82
CA ASP A 47 0.18 -15.58 -13.78
C ASP A 47 0.57 -14.99 -15.13
N LYS A 48 -0.21 -14.01 -15.56
CA LYS A 48 0.04 -13.35 -16.83
C LYS A 48 1.54 -13.04 -16.94
N ALA A 49 2.01 -12.22 -16.02
CA ALA A 49 3.42 -11.83 -16.00
C ALA A 49 3.72 -11.10 -14.70
N VAL A 50 4.91 -10.52 -14.65
CA VAL A 50 5.34 -9.79 -13.47
C VAL A 50 4.95 -8.32 -13.62
N VAL A 51 3.84 -7.97 -13.00
CA VAL A 51 3.34 -6.60 -13.06
C VAL A 51 3.79 -5.85 -11.80
N THR A 52 3.62 -4.53 -11.85
CA THR A 52 4.00 -3.69 -10.72
C THR A 52 2.83 -2.80 -10.30
N LEU A 53 2.75 -2.56 -9.00
CA LEU A 53 1.69 -1.74 -8.46
C LEU A 53 2.13 -0.27 -8.50
N ASP A 54 1.26 0.56 -9.07
CA ASP A 54 1.55 1.98 -9.19
C ASP A 54 0.63 2.75 -8.24
N ALA A 55 1.19 3.80 -7.65
CA ALA A 55 0.44 4.63 -6.72
C ALA A 55 -0.74 5.28 -7.45
N SER A 56 -1.86 5.33 -6.77
CA SER A 56 -3.07 5.91 -7.33
C SER A 56 -3.17 7.39 -6.94
N ASP A 57 -2.65 7.69 -5.75
CA ASP A 57 -2.67 9.05 -5.24
C ASP A 57 -1.33 9.36 -4.59
N ASP A 58 -1.04 10.66 -4.48
CA ASP A 58 0.19 11.11 -3.88
C ASP A 58 0.00 11.24 -2.37
N GLY A 59 0.91 10.63 -1.63
CA GLY A 59 0.85 10.67 -0.17
C GLY A 59 2.10 10.04 0.45
N ILE A 60 2.03 9.82 1.75
CA ILE A 60 3.14 9.22 2.47
C ILE A 60 2.76 7.81 2.91
N LEU A 61 3.71 6.89 2.75
CA LEU A 61 3.49 5.51 3.12
C LEU A 61 3.30 5.41 4.64
N ALA A 62 2.04 5.56 5.05
CA ALA A 62 1.71 5.49 6.46
C ALA A 62 2.32 4.22 7.07
N LYS A 63 1.76 3.09 6.66
CA LYS A 63 2.24 1.81 7.14
C LYS A 63 1.94 0.73 6.11
N ILE A 64 2.88 -0.19 5.96
CA ILE A 64 2.73 -1.28 5.00
C ILE A 64 2.10 -2.49 5.70
N VAL A 65 0.76 -2.47 5.73
CA VAL A 65 0.03 -3.55 6.37
C VAL A 65 0.68 -4.89 6.01
N VAL A 66 0.74 -5.16 4.72
CA VAL A 66 1.34 -6.39 4.24
C VAL A 66 2.69 -6.09 3.59
N GLU A 67 3.72 -6.72 4.13
CA GLU A 67 5.07 -6.52 3.62
C GLU A 67 5.30 -7.40 2.39
N GLU A 68 6.52 -7.32 1.87
CA GLU A 68 6.88 -8.09 0.69
C GLU A 68 7.01 -9.58 1.06
N GLY A 69 7.15 -10.39 0.02
CA GLY A 69 7.28 -11.83 0.21
C GLY A 69 5.93 -12.46 0.53
N SER A 70 4.91 -11.62 0.54
CA SER A 70 3.55 -12.09 0.82
C SER A 70 2.89 -12.58 -0.46
N LYS A 71 2.76 -13.90 -0.56
CA LYS A 71 2.15 -14.50 -1.74
C LYS A 71 0.64 -14.65 -1.49
N ASN A 72 -0.06 -15.10 -2.53
CA ASN A 72 -1.49 -15.30 -2.43
C ASN A 72 -2.11 -14.12 -1.70
N ILE A 73 -2.30 -13.03 -2.43
CA ILE A 73 -2.90 -11.83 -1.86
C ILE A 73 -4.26 -11.59 -2.50
N ARG A 74 -5.29 -12.11 -1.85
CA ARG A 74 -6.65 -11.96 -2.33
C ARG A 74 -6.91 -10.51 -2.74
N LEU A 75 -7.92 -10.33 -3.57
CA LEU A 75 -8.28 -9.00 -4.04
C LEU A 75 -9.06 -8.27 -2.94
N GLY A 76 -9.05 -6.95 -3.03
CA GLY A 76 -9.75 -6.13 -2.06
C GLY A 76 -9.14 -6.30 -0.67
N SER A 77 -7.82 -6.43 -0.64
CA SER A 77 -7.10 -6.59 0.61
C SER A 77 -6.20 -5.38 0.86
N LEU A 78 -6.20 -4.94 2.12
CA LEU A 78 -5.40 -3.80 2.50
C LEU A 78 -3.93 -4.23 2.62
N ILE A 79 -3.10 -3.63 1.78
CA ILE A 79 -1.68 -3.95 1.78
C ILE A 79 -0.90 -2.78 2.40
N GLY A 80 -1.57 -1.63 2.45
CA GLY A 80 -0.95 -0.44 3.01
C GLY A 80 -1.88 0.77 2.88
N LEU A 81 -1.68 1.73 3.78
CA LEU A 81 -2.50 2.93 3.78
C LEU A 81 -1.61 4.14 3.48
N ILE A 82 -2.21 5.15 2.88
CA ILE A 82 -1.49 6.36 2.54
C ILE A 82 -2.06 7.53 3.35
N VAL A 83 -1.19 8.49 3.63
CA VAL A 83 -1.60 9.66 4.40
C VAL A 83 -1.04 10.91 3.72
N GLU A 84 -1.92 11.88 3.53
CA GLU A 84 -1.54 13.13 2.90
C GLU A 84 -0.19 13.60 3.44
N GLU A 85 0.75 13.80 2.51
CA GLU A 85 2.08 14.25 2.88
C GLU A 85 1.99 15.30 3.98
N GLY A 86 2.72 15.03 5.06
CA GLY A 86 2.75 15.94 6.19
C GLY A 86 1.98 15.36 7.38
N GLU A 87 0.74 14.98 7.11
CA GLU A 87 -0.10 14.40 8.15
C GLU A 87 0.69 13.39 8.98
N ASP A 88 0.78 13.67 10.27
CA ASP A 88 1.50 12.79 11.18
C ASP A 88 1.17 11.33 10.83
N TRP A 89 2.07 10.72 10.08
CA TRP A 89 1.89 9.33 9.68
C TRP A 89 2.22 8.44 10.88
N LYS A 90 3.38 8.73 11.48
CA LYS A 90 3.82 7.98 12.64
C LYS A 90 2.71 7.94 13.69
N HIS A 91 2.40 9.11 14.22
CA HIS A 91 1.36 9.23 15.23
C HIS A 91 1.09 10.70 15.53
N VAL A 92 2.11 11.36 16.05
CA VAL A 92 2.01 12.77 16.38
C VAL A 92 3.17 13.53 15.75
N SER A 93 4.38 13.18 16.17
CA SER A 93 5.57 13.82 15.66
C SER A 93 5.57 15.31 16.00
N GLY A 94 6.44 15.67 16.93
CA GLY A 94 6.53 17.06 17.36
C GLY A 94 6.74 17.99 16.17
N PRO A 95 6.73 19.32 16.47
CA PRO A 95 6.91 20.32 15.44
C PRO A 95 8.37 20.39 14.98
N SER A 96 9.25 20.57 15.95
CA SER A 96 10.68 20.65 15.67
C SER A 96 11.07 19.57 14.66
N SER A 97 11.56 20.02 13.52
CA SER A 97 11.98 19.11 12.47
C SER A 97 13.34 19.55 11.91
N GLY A 98 14.21 18.56 11.73
CA GLY A 98 15.54 18.83 11.21
C GLY A 98 16.62 18.30 12.16
N GLY A 1 -11.98 9.52 20.23
CA GLY A 1 -11.94 8.82 18.97
C GLY A 1 -13.22 8.00 18.75
N SER A 2 -13.17 6.76 19.20
CA SER A 2 -14.31 5.87 19.06
C SER A 2 -14.78 5.84 17.61
N SER A 3 -14.35 4.82 16.90
CA SER A 3 -14.72 4.65 15.50
C SER A 3 -14.25 5.88 14.70
N GLY A 4 -13.06 5.75 14.14
CA GLY A 4 -12.49 6.82 13.34
C GLY A 4 -11.38 6.30 12.42
N SER A 5 -11.21 7.00 11.31
CA SER A 5 -10.20 6.61 10.34
C SER A 5 -10.22 7.58 9.15
N SER A 6 -9.06 8.17 8.89
CA SER A 6 -8.94 9.11 7.80
C SER A 6 -7.60 8.90 7.07
N GLY A 7 -7.69 8.20 5.95
CA GLY A 7 -6.50 7.92 5.16
C GLY A 7 -6.86 7.20 3.85
N ILE A 8 -5.85 6.98 3.03
CA ILE A 8 -6.05 6.31 1.76
C ILE A 8 -5.64 4.83 1.90
N LYS A 9 -6.64 3.97 1.85
CA LYS A 9 -6.40 2.54 1.97
C LYS A 9 -6.04 1.98 0.59
N ILE A 10 -4.90 1.30 0.55
CA ILE A 10 -4.43 0.71 -0.70
C ILE A 10 -4.96 -0.73 -0.80
N LEU A 11 -5.89 -0.91 -1.73
CA LEU A 11 -6.48 -2.22 -1.93
C LEU A 11 -5.88 -2.85 -3.20
N MET A 12 -5.64 -4.15 -3.12
CA MET A 12 -5.07 -4.89 -4.24
C MET A 12 -5.89 -4.65 -5.51
N PRO A 13 -5.25 -3.95 -6.48
CA PRO A 13 -5.90 -3.66 -7.75
C PRO A 13 -5.96 -4.91 -8.63
N SER A 14 -6.78 -4.81 -9.67
CA SER A 14 -6.95 -5.93 -10.60
C SER A 14 -5.95 -5.80 -11.75
N LEU A 15 -4.66 -5.74 -11.38
CA LEU A 15 -3.61 -5.61 -12.37
C LEU A 15 -3.89 -6.57 -13.53
N SER A 16 -4.19 -7.81 -13.18
CA SER A 16 -4.48 -8.83 -14.18
C SER A 16 -5.95 -8.75 -14.58
N PRO A 17 -6.23 -9.29 -15.80
CA PRO A 17 -7.59 -9.29 -16.33
C PRO A 17 -8.44 -10.36 -15.63
N THR A 18 -7.81 -11.49 -15.35
CA THR A 18 -8.49 -12.58 -14.69
C THR A 18 -7.68 -13.08 -13.49
N MET A 19 -7.33 -12.14 -12.63
CA MET A 19 -6.56 -12.47 -11.43
C MET A 19 -7.45 -12.49 -10.19
N GLU A 20 -7.27 -13.54 -9.40
CA GLU A 20 -8.04 -13.70 -8.17
C GLU A 20 -7.27 -13.15 -6.98
N GLU A 21 -5.95 -13.15 -7.12
CA GLU A 21 -5.09 -12.65 -6.06
C GLU A 21 -3.68 -12.38 -6.61
N GLY A 22 -2.88 -11.74 -5.78
CA GLY A 22 -1.51 -11.42 -6.16
C GLY A 22 -0.54 -11.68 -5.02
N ASN A 23 0.74 -11.46 -5.30
CA ASN A 23 1.78 -11.67 -4.30
C ASN A 23 2.84 -10.58 -4.44
N ILE A 24 3.05 -9.85 -3.36
CA ILE A 24 4.04 -8.79 -3.35
C ILE A 24 5.44 -9.39 -3.28
N VAL A 25 6.20 -9.16 -4.34
CA VAL A 25 7.55 -9.68 -4.42
C VAL A 25 8.46 -8.84 -3.52
N LYS A 26 8.51 -7.55 -3.81
CA LYS A 26 9.33 -6.64 -3.03
C LYS A 26 8.72 -5.24 -3.08
N TRP A 27 8.72 -4.60 -1.92
CA TRP A 27 8.16 -3.26 -1.80
C TRP A 27 9.18 -2.27 -2.38
N LEU A 28 8.75 -1.53 -3.39
CA LEU A 28 9.61 -0.55 -4.01
C LEU A 28 9.64 0.72 -3.17
N LYS A 29 8.83 0.72 -2.12
CA LYS A 29 8.76 1.86 -1.23
C LYS A 29 8.91 1.37 0.22
N LYS A 30 9.32 2.30 1.08
CA LYS A 30 9.51 1.99 2.48
C LYS A 30 8.50 2.76 3.31
N GLU A 31 8.42 2.39 4.59
CA GLU A 31 7.50 3.05 5.49
C GLU A 31 7.99 4.46 5.83
N GLY A 32 7.11 5.43 5.62
CA GLY A 32 7.44 6.81 5.89
C GLY A 32 7.78 7.57 4.60
N GLU A 33 8.17 6.79 3.60
CA GLU A 33 8.53 7.36 2.31
C GLU A 33 7.31 8.04 1.67
N ALA A 34 7.57 8.79 0.62
CA ALA A 34 6.52 9.48 -0.10
C ALA A 34 5.99 8.60 -1.23
N VAL A 35 4.83 8.97 -1.74
CA VAL A 35 4.21 8.22 -2.81
C VAL A 35 3.53 9.19 -3.78
N SER A 36 3.70 8.92 -5.06
CA SER A 36 3.12 9.76 -6.10
C SER A 36 2.41 8.89 -7.14
N ALA A 37 1.14 9.22 -7.37
CA ALA A 37 0.34 8.49 -8.33
C ALA A 37 1.16 8.25 -9.59
N GLY A 38 1.12 7.01 -10.07
CA GLY A 38 1.85 6.64 -11.27
C GLY A 38 3.29 6.24 -10.93
N ASP A 39 3.48 5.84 -9.69
CA ASP A 39 4.79 5.43 -9.22
C ASP A 39 4.74 3.98 -8.75
N ALA A 40 5.78 3.23 -9.09
CA ALA A 40 5.87 1.84 -8.72
C ALA A 40 5.99 1.74 -7.20
N LEU A 41 5.00 1.10 -6.59
CA LEU A 41 4.99 0.93 -5.14
C LEU A 41 5.66 -0.40 -4.79
N CYS A 42 5.16 -1.47 -5.42
CA CYS A 42 5.68 -2.79 -5.18
C CYS A 42 5.45 -3.64 -6.43
N GLU A 43 5.96 -4.86 -6.38
CA GLU A 43 5.81 -5.78 -7.50
C GLU A 43 4.75 -6.84 -7.17
N ILE A 44 3.69 -6.83 -7.96
CA ILE A 44 2.61 -7.78 -7.77
C ILE A 44 2.83 -8.99 -8.67
N GLU A 45 2.71 -10.17 -8.08
CA GLU A 45 2.90 -11.40 -8.82
C GLU A 45 1.59 -11.82 -9.48
N THR A 46 1.70 -12.13 -10.77
CA THR A 46 0.54 -12.55 -11.54
C THR A 46 0.92 -13.67 -12.50
N ASP A 47 -0.02 -14.59 -12.69
CA ASP A 47 0.19 -15.71 -13.58
C ASP A 47 0.69 -15.21 -14.94
N LYS A 48 0.12 -14.08 -15.36
CA LYS A 48 0.49 -13.48 -16.63
C LYS A 48 2.01 -13.26 -16.65
N ALA A 49 2.47 -12.42 -15.74
CA ALA A 49 3.88 -12.11 -15.65
C ALA A 49 4.16 -11.31 -14.38
N VAL A 50 5.31 -10.67 -14.36
CA VAL A 50 5.70 -9.86 -13.22
C VAL A 50 5.31 -8.41 -13.47
N VAL A 51 4.24 -7.99 -12.81
CA VAL A 51 3.75 -6.63 -12.96
C VAL A 51 4.09 -5.84 -11.70
N THR A 52 3.97 -4.52 -11.82
CA THR A 52 4.25 -3.64 -10.69
C THR A 52 3.01 -2.85 -10.31
N LEU A 53 2.88 -2.61 -9.00
CA LEU A 53 1.74 -1.87 -8.49
C LEU A 53 2.07 -0.37 -8.49
N ASP A 54 1.29 0.38 -9.26
CA ASP A 54 1.48 1.81 -9.35
C ASP A 54 0.54 2.51 -8.37
N ALA A 55 0.98 3.69 -7.93
CA ALA A 55 0.19 4.46 -6.98
C ALA A 55 -0.93 5.19 -7.73
N SER A 56 -2.08 5.26 -7.09
CA SER A 56 -3.23 5.90 -7.68
C SER A 56 -3.43 7.29 -7.05
N ASP A 57 -2.65 7.55 -6.01
CA ASP A 57 -2.73 8.82 -5.31
C ASP A 57 -1.36 9.14 -4.70
N ASP A 58 -1.20 10.40 -4.34
CA ASP A 58 0.04 10.85 -3.74
C ASP A 58 -0.15 11.01 -2.23
N GLY A 59 0.80 10.45 -1.48
CA GLY A 59 0.75 10.52 -0.03
C GLY A 59 2.02 9.92 0.58
N ILE A 60 1.95 9.71 1.90
CA ILE A 60 3.08 9.14 2.61
C ILE A 60 2.72 7.73 3.07
N LEU A 61 3.66 6.81 2.86
CA LEU A 61 3.46 5.43 3.25
C LEU A 61 3.39 5.34 4.78
N ALA A 62 2.16 5.51 5.28
CA ALA A 62 1.94 5.44 6.72
C ALA A 62 2.44 4.10 7.25
N LYS A 63 1.73 3.04 6.86
CA LYS A 63 2.09 1.70 7.30
C LYS A 63 1.83 0.72 6.15
N ILE A 64 2.70 -0.27 6.06
CA ILE A 64 2.59 -1.27 5.02
C ILE A 64 1.85 -2.49 5.58
N VAL A 65 0.54 -2.45 5.50
CA VAL A 65 -0.29 -3.53 6.00
C VAL A 65 0.34 -4.88 5.59
N VAL A 66 0.49 -5.04 4.28
CA VAL A 66 1.07 -6.26 3.75
C VAL A 66 2.47 -5.96 3.20
N GLU A 67 3.44 -6.62 3.80
CA GLU A 67 4.82 -6.43 3.39
C GLU A 67 5.17 -7.38 2.24
N GLU A 68 6.45 -7.36 1.86
CA GLU A 68 6.91 -8.21 0.78
C GLU A 68 7.16 -9.63 1.29
N GLY A 69 7.26 -10.55 0.34
CA GLY A 69 7.49 -11.95 0.68
C GLY A 69 6.17 -12.69 0.88
N SER A 70 5.13 -11.91 1.11
CA SER A 70 3.81 -12.49 1.32
C SER A 70 3.33 -13.18 0.04
N LYS A 71 2.15 -13.80 0.15
CA LYS A 71 1.58 -14.50 -0.99
C LYS A 71 0.08 -14.67 -0.77
N ASN A 72 -0.63 -14.90 -1.86
CA ASN A 72 -2.07 -15.08 -1.79
C ASN A 72 -2.72 -13.80 -1.28
N ILE A 73 -2.64 -12.77 -2.11
CA ILE A 73 -3.22 -11.48 -1.76
C ILE A 73 -4.43 -11.20 -2.65
N ARG A 74 -5.57 -11.74 -2.23
CA ARG A 74 -6.80 -11.55 -2.99
C ARG A 74 -7.05 -10.06 -3.25
N LEU A 75 -8.10 -9.79 -3.99
CA LEU A 75 -8.47 -8.42 -4.31
C LEU A 75 -9.28 -7.83 -3.16
N GLY A 76 -9.20 -6.51 -3.04
CA GLY A 76 -9.92 -5.81 -1.99
C GLY A 76 -9.25 -6.01 -0.63
N SER A 77 -7.94 -6.16 -0.67
CA SER A 77 -7.17 -6.36 0.55
C SER A 77 -6.23 -5.18 0.79
N LEU A 78 -6.22 -4.71 2.02
CA LEU A 78 -5.38 -3.58 2.39
C LEU A 78 -3.91 -4.04 2.44
N ILE A 79 -3.10 -3.43 1.59
CA ILE A 79 -1.69 -3.77 1.54
C ILE A 79 -0.88 -2.63 2.18
N GLY A 80 -1.42 -1.43 2.07
CA GLY A 80 -0.76 -0.27 2.63
C GLY A 80 -1.75 0.90 2.79
N LEU A 81 -1.42 1.78 3.74
CA LEU A 81 -2.28 2.93 4.00
C LEU A 81 -1.48 4.20 3.73
N ILE A 82 -2.09 5.08 2.95
CA ILE A 82 -1.46 6.34 2.60
C ILE A 82 -2.09 7.47 3.44
N VAL A 83 -1.24 8.41 3.83
CA VAL A 83 -1.70 9.54 4.63
C VAL A 83 -1.32 10.84 3.92
N GLU A 84 -2.23 11.79 3.98
CA GLU A 84 -2.01 13.08 3.36
C GLU A 84 -0.63 13.62 3.72
N GLU A 85 0.17 13.86 2.68
CA GLU A 85 1.51 14.37 2.89
C GLU A 85 1.53 15.40 4.02
N GLY A 86 2.45 15.20 4.94
CA GLY A 86 2.59 16.10 6.08
C GLY A 86 2.04 15.46 7.35
N GLU A 87 0.77 15.06 7.28
CA GLU A 87 0.12 14.44 8.42
C GLU A 87 1.08 13.46 9.10
N ASP A 88 1.38 13.74 10.36
CA ASP A 88 2.28 12.90 11.14
C ASP A 88 1.87 11.44 10.96
N TRP A 89 2.59 10.76 10.08
CA TRP A 89 2.31 9.36 9.80
C TRP A 89 2.77 8.54 11.02
N LYS A 90 4.02 8.75 11.39
CA LYS A 90 4.59 8.05 12.53
C LYS A 90 4.45 8.92 13.79
N HIS A 91 3.36 8.69 14.50
CA HIS A 91 3.10 9.44 15.72
C HIS A 91 4.39 9.61 16.51
N VAL A 92 4.72 8.58 17.29
CA VAL A 92 5.93 8.60 18.09
C VAL A 92 7.07 7.98 17.31
N SER A 93 8.29 8.41 17.63
CA SER A 93 9.47 7.89 16.96
C SER A 93 10.63 7.81 17.95
N GLY A 94 11.00 8.96 18.48
CA GLY A 94 12.10 9.04 19.42
C GLY A 94 11.91 10.22 20.39
N PRO A 95 12.68 10.18 21.51
CA PRO A 95 12.61 11.24 22.50
C PRO A 95 13.33 12.49 22.01
N SER A 96 14.50 12.28 21.42
CA SER A 96 15.29 13.39 20.91
C SER A 96 14.45 14.23 19.95
N SER A 97 15.00 15.38 19.59
CA SER A 97 14.31 16.28 18.68
C SER A 97 14.78 16.04 17.25
N GLY A 98 14.09 15.14 16.57
CA GLY A 98 14.42 14.80 15.21
C GLY A 98 14.02 15.93 14.25
N GLY A 1 -12.76 -7.36 11.31
CA GLY A 1 -11.38 -7.00 11.54
C GLY A 1 -10.99 -5.75 10.75
N SER A 2 -10.63 -5.96 9.49
CA SER A 2 -10.24 -4.88 8.62
C SER A 2 -11.23 -3.71 8.76
N SER A 3 -10.74 -2.61 9.31
CA SER A 3 -11.56 -1.43 9.51
C SER A 3 -10.68 -0.18 9.51
N GLY A 4 -10.91 0.67 8.52
CA GLY A 4 -10.16 1.91 8.41
C GLY A 4 -11.00 3.11 8.83
N SER A 5 -10.31 4.17 9.20
CA SER A 5 -10.98 5.40 9.62
C SER A 5 -10.60 6.55 8.69
N SER A 6 -9.31 6.86 8.68
CA SER A 6 -8.81 7.94 7.85
C SER A 6 -7.57 7.48 7.08
N GLY A 7 -7.34 8.13 5.96
CA GLY A 7 -6.19 7.79 5.12
C GLY A 7 -6.63 7.18 3.80
N ILE A 8 -5.64 6.79 3.00
CA ILE A 8 -5.92 6.20 1.71
C ILE A 8 -5.61 4.70 1.77
N LYS A 9 -6.67 3.92 1.84
CA LYS A 9 -6.53 2.47 1.91
C LYS A 9 -6.21 1.92 0.52
N ILE A 10 -5.01 1.38 0.39
CA ILE A 10 -4.57 0.83 -0.88
C ILE A 10 -5.05 -0.62 -0.99
N LEU A 11 -6.07 -0.82 -1.82
CA LEU A 11 -6.62 -2.14 -2.02
C LEU A 11 -5.99 -2.76 -3.27
N MET A 12 -5.70 -4.06 -3.15
CA MET A 12 -5.09 -4.78 -4.26
C MET A 12 -5.85 -4.52 -5.57
N PRO A 13 -5.12 -3.90 -6.53
CA PRO A 13 -5.70 -3.57 -7.82
C PRO A 13 -5.84 -4.83 -8.69
N SER A 14 -6.73 -4.76 -9.66
CA SER A 14 -6.96 -5.87 -10.56
C SER A 14 -6.02 -5.79 -11.76
N LEU A 15 -4.73 -5.74 -11.46
CA LEU A 15 -3.71 -5.66 -12.49
C LEU A 15 -4.10 -6.58 -13.65
N SER A 16 -4.52 -7.78 -13.29
CA SER A 16 -4.92 -8.76 -14.28
C SER A 16 -6.43 -8.71 -14.50
N PRO A 17 -6.85 -9.13 -15.72
CA PRO A 17 -8.27 -9.13 -16.07
C PRO A 17 -9.00 -10.28 -15.36
N THR A 18 -8.24 -11.28 -14.99
CA THR A 18 -8.81 -12.44 -14.31
C THR A 18 -7.92 -12.86 -13.13
N MET A 19 -7.70 -11.90 -12.23
CA MET A 19 -6.89 -12.15 -11.07
C MET A 19 -7.73 -12.15 -9.79
N GLU A 20 -7.42 -13.08 -8.91
CA GLU A 20 -8.14 -13.20 -7.65
C GLU A 20 -7.23 -12.83 -6.48
N GLU A 21 -5.93 -12.89 -6.73
CA GLU A 21 -4.95 -12.56 -5.71
C GLU A 21 -3.59 -12.29 -6.36
N GLY A 22 -2.62 -11.99 -5.49
CA GLY A 22 -1.27 -11.70 -5.97
C GLY A 22 -0.24 -12.02 -4.88
N ASN A 23 1.02 -11.74 -5.20
CA ASN A 23 2.11 -11.98 -4.28
C ASN A 23 3.08 -10.81 -4.33
N ILE A 24 3.07 -10.01 -3.27
CA ILE A 24 3.96 -8.86 -3.18
C ILE A 24 5.41 -9.34 -3.13
N VAL A 25 6.06 -9.28 -4.28
CA VAL A 25 7.44 -9.70 -4.37
C VAL A 25 8.30 -8.86 -3.42
N LYS A 26 8.36 -7.57 -3.70
CA LYS A 26 9.13 -6.65 -2.89
C LYS A 26 8.49 -5.26 -2.94
N TRP A 27 8.68 -4.51 -1.87
CA TRP A 27 8.13 -3.17 -1.78
C TRP A 27 9.16 -2.20 -2.35
N LEU A 28 8.74 -1.47 -3.38
CA LEU A 28 9.61 -0.50 -4.03
C LEU A 28 9.65 0.78 -3.19
N LYS A 29 8.86 0.78 -2.13
CA LYS A 29 8.79 1.93 -1.25
C LYS A 29 8.96 1.47 0.21
N LYS A 30 9.30 2.43 1.06
CA LYS A 30 9.50 2.13 2.46
C LYS A 30 8.45 2.87 3.28
N GLU A 31 8.34 2.47 4.55
CA GLU A 31 7.37 3.08 5.44
C GLU A 31 7.85 4.47 5.87
N GLY A 32 6.98 5.45 5.66
CA GLY A 32 7.29 6.82 6.01
C GLY A 32 7.66 7.63 4.77
N GLU A 33 8.16 6.94 3.76
CA GLU A 33 8.55 7.58 2.53
C GLU A 33 7.33 8.23 1.86
N ALA A 34 7.60 8.96 0.79
CA ALA A 34 6.55 9.64 0.05
C ALA A 34 6.09 8.74 -1.11
N VAL A 35 4.92 9.08 -1.64
CA VAL A 35 4.37 8.32 -2.75
C VAL A 35 3.69 9.28 -3.74
N SER A 36 3.85 8.98 -5.01
CA SER A 36 3.25 9.80 -6.06
C SER A 36 2.49 8.93 -7.05
N ALA A 37 1.31 9.40 -7.41
CA ALA A 37 0.47 8.67 -8.36
C ALA A 37 1.25 8.43 -9.65
N GLY A 38 1.24 7.18 -10.09
CA GLY A 38 1.93 6.81 -11.31
C GLY A 38 3.38 6.39 -11.01
N ASP A 39 3.56 5.79 -9.83
CA ASP A 39 4.87 5.33 -9.42
C ASP A 39 4.77 3.90 -8.89
N ALA A 40 5.77 3.11 -9.22
CA ALA A 40 5.81 1.73 -8.78
C ALA A 40 5.97 1.67 -7.27
N LEU A 41 4.97 1.10 -6.61
CA LEU A 41 4.99 0.98 -5.17
C LEU A 41 5.63 -0.34 -4.77
N CYS A 42 5.09 -1.41 -5.34
CA CYS A 42 5.60 -2.75 -5.07
C CYS A 42 5.36 -3.62 -6.31
N GLU A 43 6.06 -4.74 -6.34
CA GLU A 43 5.95 -5.67 -7.45
C GLU A 43 4.90 -6.75 -7.14
N ILE A 44 3.83 -6.72 -7.92
CA ILE A 44 2.75 -7.69 -7.74
C ILE A 44 3.00 -8.89 -8.66
N GLU A 45 2.67 -10.06 -8.15
CA GLU A 45 2.85 -11.29 -8.91
C GLU A 45 1.51 -11.75 -9.48
N THR A 46 1.53 -12.13 -10.74
CA THR A 46 0.33 -12.60 -11.41
C THR A 46 0.67 -13.75 -12.36
N ASP A 47 -0.27 -14.68 -12.46
CA ASP A 47 -0.09 -15.84 -13.32
C ASP A 47 0.37 -15.37 -14.71
N LYS A 48 -0.17 -14.23 -15.12
CA LYS A 48 0.18 -13.67 -16.41
C LYS A 48 1.69 -13.43 -16.47
N ALA A 49 2.14 -12.47 -15.67
CA ALA A 49 3.56 -12.14 -15.62
C ALA A 49 3.82 -11.26 -14.41
N VAL A 50 5.02 -10.71 -14.37
CA VAL A 50 5.42 -9.84 -13.27
C VAL A 50 4.92 -8.43 -13.53
N VAL A 51 3.97 -8.00 -12.70
CA VAL A 51 3.40 -6.67 -12.84
C VAL A 51 3.82 -5.82 -11.63
N THR A 52 3.62 -4.51 -11.77
CA THR A 52 3.96 -3.59 -10.71
C THR A 52 2.73 -2.82 -10.25
N LEU A 53 2.70 -2.51 -8.97
CA LEU A 53 1.58 -1.78 -8.39
C LEU A 53 1.91 -0.28 -8.39
N ASP A 54 1.21 0.46 -9.24
CA ASP A 54 1.42 1.88 -9.34
C ASP A 54 0.50 2.60 -8.35
N ALA A 55 0.95 3.75 -7.88
CA ALA A 55 0.18 4.54 -6.94
C ALA A 55 -0.96 5.23 -7.68
N SER A 56 -2.07 5.41 -6.97
CA SER A 56 -3.24 6.04 -7.54
C SER A 56 -3.37 7.47 -7.00
N ASP A 57 -2.60 7.76 -5.97
CA ASP A 57 -2.61 9.07 -5.36
C ASP A 57 -1.26 9.34 -4.69
N ASP A 58 -1.00 10.61 -4.46
CA ASP A 58 0.25 11.01 -3.83
C ASP A 58 0.03 11.16 -2.32
N GLY A 59 0.93 10.56 -1.56
CA GLY A 59 0.83 10.61 -0.10
C GLY A 59 2.08 10.00 0.55
N ILE A 60 1.98 9.78 1.85
CA ILE A 60 3.08 9.20 2.60
C ILE A 60 2.73 7.76 2.99
N LEU A 61 3.71 6.89 2.86
CA LEU A 61 3.51 5.49 3.19
C LEU A 61 3.33 5.36 4.71
N ALA A 62 2.08 5.48 5.13
CA ALA A 62 1.75 5.37 6.55
C ALA A 62 2.36 4.08 7.11
N LYS A 63 1.79 2.96 6.67
CA LYS A 63 2.25 1.66 7.12
C LYS A 63 1.95 0.62 6.04
N ILE A 64 2.88 -0.32 5.90
CA ILE A 64 2.72 -1.37 4.91
C ILE A 64 2.05 -2.58 5.57
N VAL A 65 0.73 -2.52 5.64
CA VAL A 65 -0.03 -3.60 6.24
C VAL A 65 0.57 -4.94 5.83
N VAL A 66 0.59 -5.17 4.52
CA VAL A 66 1.13 -6.40 3.97
C VAL A 66 2.54 -6.14 3.44
N GLU A 67 3.52 -6.69 4.14
CA GLU A 67 4.91 -6.52 3.76
C GLU A 67 5.26 -7.48 2.62
N GLU A 68 6.40 -7.23 2.00
CA GLU A 68 6.86 -8.06 0.90
C GLU A 68 7.04 -9.51 1.37
N GLY A 69 7.33 -10.37 0.41
CA GLY A 69 7.54 -11.78 0.71
C GLY A 69 6.20 -12.48 0.99
N SER A 70 5.13 -11.70 0.88
CA SER A 70 3.80 -12.23 1.13
C SER A 70 3.31 -13.01 -0.09
N LYS A 71 2.19 -13.67 0.08
CA LYS A 71 1.60 -14.45 -1.00
C LYS A 71 0.14 -14.77 -0.66
N ASN A 72 -0.68 -14.81 -1.70
CA ASN A 72 -2.09 -15.10 -1.52
C ASN A 72 -2.82 -13.83 -1.05
N ILE A 73 -2.57 -12.75 -1.77
CA ILE A 73 -3.19 -11.48 -1.45
C ILE A 73 -4.52 -11.36 -2.18
N ARG A 74 -5.58 -11.84 -1.53
CA ARG A 74 -6.90 -11.79 -2.11
C ARG A 74 -7.14 -10.44 -2.80
N LEU A 75 -8.16 -10.41 -3.65
CA LEU A 75 -8.49 -9.20 -4.37
C LEU A 75 -9.02 -8.15 -3.39
N GLY A 76 -8.86 -6.89 -3.76
CA GLY A 76 -9.31 -5.79 -2.93
C GLY A 76 -8.92 -6.01 -1.46
N SER A 77 -7.62 -6.17 -1.26
CA SER A 77 -7.10 -6.39 0.08
C SER A 77 -6.22 -5.21 0.49
N LEU A 78 -6.23 -4.92 1.79
CA LEU A 78 -5.45 -3.82 2.32
C LEU A 78 -4.01 -4.28 2.51
N ILE A 79 -3.12 -3.70 1.71
CA ILE A 79 -1.71 -4.05 1.78
C ILE A 79 -0.95 -2.90 2.46
N GLY A 80 -1.45 -1.69 2.24
CA GLY A 80 -0.82 -0.51 2.83
C GLY A 80 -1.76 0.69 2.76
N LEU A 81 -1.55 1.62 3.69
CA LEU A 81 -2.37 2.82 3.74
C LEU A 81 -1.48 4.05 3.55
N ILE A 82 -2.07 5.08 2.98
CA ILE A 82 -1.35 6.31 2.73
C ILE A 82 -1.97 7.44 3.56
N VAL A 83 -1.14 8.40 3.92
CA VAL A 83 -1.60 9.53 4.70
C VAL A 83 -1.19 10.83 4.00
N GLU A 84 -2.15 11.73 3.85
CA GLU A 84 -1.91 13.01 3.20
C GLU A 84 -0.54 13.55 3.61
N GLU A 85 0.25 13.88 2.61
CA GLU A 85 1.58 14.41 2.85
C GLU A 85 1.56 15.37 4.05
N GLY A 86 2.54 15.20 4.92
CA GLY A 86 2.64 16.03 6.11
C GLY A 86 2.07 15.32 7.34
N GLU A 87 0.81 14.94 7.23
CA GLU A 87 0.14 14.25 8.32
C GLU A 87 1.11 13.27 9.00
N ASP A 88 1.50 13.63 10.21
CA ASP A 88 2.42 12.80 10.97
C ASP A 88 2.03 11.33 10.79
N TRP A 89 2.74 10.66 9.90
CA TRP A 89 2.48 9.26 9.62
C TRP A 89 2.83 8.46 10.89
N LYS A 90 4.03 8.69 11.37
CA LYS A 90 4.50 8.00 12.57
C LYS A 90 3.46 8.14 13.67
N HIS A 91 3.60 7.30 14.69
CA HIS A 91 2.68 7.33 15.81
C HIS A 91 2.36 8.77 16.19
N VAL A 92 1.08 9.04 16.36
CA VAL A 92 0.63 10.38 16.71
C VAL A 92 0.52 10.48 18.24
N SER A 93 0.72 11.69 18.73
CA SER A 93 0.65 11.94 20.17
C SER A 93 1.57 10.96 20.91
N GLY A 94 2.82 11.37 21.07
CA GLY A 94 3.79 10.55 21.76
C GLY A 94 5.05 11.36 22.11
N PRO A 95 6.16 10.63 22.35
CA PRO A 95 7.43 11.26 22.69
C PRO A 95 8.06 11.90 21.46
N SER A 96 7.67 13.13 21.20
CA SER A 96 8.20 13.86 20.05
C SER A 96 8.17 15.37 20.33
N SER A 97 9.21 16.05 19.86
CA SER A 97 9.32 17.48 20.06
C SER A 97 10.46 18.04 19.22
N GLY A 98 10.51 19.36 19.13
CA GLY A 98 11.55 20.03 18.37
C GLY A 98 11.04 20.42 16.97
N GLY A 1 -5.10 0.28 20.33
CA GLY A 1 -5.60 1.49 19.72
C GLY A 1 -7.11 1.38 19.45
N SER A 2 -7.67 2.50 18.99
CA SER A 2 -9.10 2.55 18.71
C SER A 2 -9.46 3.92 18.14
N SER A 3 -10.57 3.95 17.42
CA SER A 3 -11.05 5.19 16.82
C SER A 3 -9.99 5.75 15.88
N GLY A 4 -10.40 6.75 15.12
CA GLY A 4 -9.49 7.39 14.17
C GLY A 4 -9.29 6.51 12.94
N SER A 5 -10.33 6.44 12.11
CA SER A 5 -10.27 5.64 10.90
C SER A 5 -10.32 6.55 9.67
N SER A 6 -9.15 6.88 9.17
CA SER A 6 -9.04 7.74 8.00
C SER A 6 -7.75 7.43 7.24
N GLY A 7 -7.60 8.08 6.10
CA GLY A 7 -6.43 7.88 5.26
C GLY A 7 -6.80 7.18 3.95
N ILE A 8 -5.76 6.88 3.18
CA ILE A 8 -5.97 6.22 1.90
C ILE A 8 -5.55 4.75 2.02
N LYS A 9 -6.54 3.88 2.03
CA LYS A 9 -6.30 2.46 2.14
C LYS A 9 -5.96 1.90 0.75
N ILE A 10 -4.82 1.22 0.68
CA ILE A 10 -4.37 0.64 -0.57
C ILE A 10 -4.91 -0.79 -0.68
N LEU A 11 -5.89 -0.94 -1.56
CA LEU A 11 -6.50 -2.25 -1.77
C LEU A 11 -5.93 -2.88 -3.03
N MET A 12 -5.71 -4.18 -2.96
CA MET A 12 -5.17 -4.92 -4.08
C MET A 12 -5.94 -4.63 -5.36
N PRO A 13 -5.31 -3.84 -6.26
CA PRO A 13 -5.94 -3.48 -7.52
C PRO A 13 -5.91 -4.65 -8.50
N SER A 14 -6.86 -4.62 -9.43
CA SER A 14 -6.96 -5.67 -10.42
C SER A 14 -5.88 -5.49 -11.50
N LEU A 15 -4.64 -5.46 -11.03
CA LEU A 15 -3.51 -5.29 -11.94
C LEU A 15 -3.75 -6.12 -13.20
N SER A 16 -4.38 -7.26 -13.02
CA SER A 16 -4.68 -8.14 -14.13
C SER A 16 -6.17 -8.49 -14.15
N PRO A 17 -6.68 -8.79 -15.37
CA PRO A 17 -8.08 -9.14 -15.54
C PRO A 17 -8.36 -10.56 -15.03
N THR A 18 -9.45 -10.68 -14.28
CA THR A 18 -9.83 -11.97 -13.74
C THR A 18 -8.80 -12.44 -12.71
N MET A 19 -8.10 -11.48 -12.13
CA MET A 19 -7.09 -11.78 -11.13
C MET A 19 -7.73 -12.11 -9.78
N GLU A 20 -7.57 -13.35 -9.37
CA GLU A 20 -8.12 -13.79 -8.10
C GLU A 20 -7.26 -13.29 -6.94
N GLU A 21 -5.97 -13.19 -7.21
CA GLU A 21 -5.04 -12.72 -6.20
C GLU A 21 -3.64 -12.53 -6.81
N GLY A 22 -2.71 -12.15 -5.96
CA GLY A 22 -1.34 -11.92 -6.41
C GLY A 22 -0.33 -12.26 -5.30
N ASN A 23 0.90 -11.82 -5.51
CA ASN A 23 1.95 -12.06 -4.54
C ASN A 23 2.94 -10.90 -4.57
N ILE A 24 2.92 -10.12 -3.51
CA ILE A 24 3.82 -8.98 -3.40
C ILE A 24 5.26 -9.46 -3.37
N VAL A 25 5.93 -9.29 -4.51
CA VAL A 25 7.32 -9.71 -4.63
C VAL A 25 8.17 -8.94 -3.61
N LYS A 26 8.20 -7.64 -3.77
CA LYS A 26 8.96 -6.79 -2.88
C LYS A 26 8.36 -5.38 -2.88
N TRP A 27 8.59 -4.67 -1.78
CA TRP A 27 8.08 -3.33 -1.64
C TRP A 27 9.14 -2.36 -2.17
N LEU A 28 8.74 -1.58 -3.16
CA LEU A 28 9.63 -0.62 -3.78
C LEU A 28 9.68 0.65 -2.91
N LYS A 29 8.75 0.71 -1.96
CA LYS A 29 8.67 1.86 -1.07
C LYS A 29 8.75 1.37 0.38
N LYS A 30 9.16 2.29 1.25
CA LYS A 30 9.29 1.97 2.65
C LYS A 30 8.25 2.76 3.45
N GLU A 31 8.08 2.37 4.71
CA GLU A 31 7.11 3.02 5.57
C GLU A 31 7.63 4.41 5.99
N GLY A 32 6.82 5.41 5.72
CA GLY A 32 7.18 6.78 6.06
C GLY A 32 7.71 7.53 4.84
N GLU A 33 7.76 6.81 3.72
CA GLU A 33 8.23 7.40 2.47
C GLU A 33 7.08 8.08 1.74
N ALA A 34 7.44 8.89 0.75
CA ALA A 34 6.45 9.60 -0.04
C ALA A 34 6.02 8.73 -1.22
N VAL A 35 4.89 9.10 -1.81
CA VAL A 35 4.36 8.36 -2.94
C VAL A 35 3.75 9.35 -3.95
N SER A 36 3.93 9.02 -5.21
CA SER A 36 3.40 9.87 -6.27
C SER A 36 2.62 9.02 -7.28
N ALA A 37 1.40 9.48 -7.57
CA ALA A 37 0.55 8.77 -8.50
C ALA A 37 1.36 8.38 -9.74
N GLY A 38 1.20 7.12 -10.14
CA GLY A 38 1.90 6.61 -11.30
C GLY A 38 3.35 6.24 -10.95
N ASP A 39 3.52 5.79 -9.71
CA ASP A 39 4.83 5.40 -9.23
C ASP A 39 4.79 3.94 -8.76
N ALA A 40 5.87 3.23 -9.06
CA ALA A 40 5.97 1.83 -8.67
C ALA A 40 6.07 1.73 -7.15
N LEU A 41 5.05 1.13 -6.56
CA LEU A 41 5.01 0.97 -5.12
C LEU A 41 5.66 -0.36 -4.75
N CYS A 42 5.22 -1.42 -5.42
CA CYS A 42 5.75 -2.74 -5.17
C CYS A 42 5.51 -3.61 -6.41
N GLU A 43 6.10 -4.79 -6.40
CA GLU A 43 5.95 -5.71 -7.52
C GLU A 43 5.00 -6.84 -7.14
N ILE A 44 3.89 -6.91 -7.86
CA ILE A 44 2.90 -7.94 -7.61
C ILE A 44 3.04 -9.04 -8.67
N GLU A 45 2.82 -10.27 -8.24
CA GLU A 45 2.91 -11.41 -9.13
C GLU A 45 1.55 -11.72 -9.75
N THR A 46 1.58 -12.00 -11.04
CA THR A 46 0.36 -12.31 -11.76
C THR A 46 0.62 -13.36 -12.83
N ASP A 47 -0.37 -14.23 -13.03
CA ASP A 47 -0.25 -15.29 -14.01
C ASP A 47 0.36 -14.72 -15.30
N LYS A 48 -0.17 -13.58 -15.72
CA LYS A 48 0.31 -12.92 -16.91
C LYS A 48 1.84 -12.84 -16.87
N ALA A 49 2.33 -12.00 -15.96
CA ALA A 49 3.76 -11.82 -15.81
C ALA A 49 4.03 -11.00 -14.55
N VAL A 50 5.27 -10.53 -14.44
CA VAL A 50 5.67 -9.72 -13.30
C VAL A 50 5.20 -8.28 -13.51
N VAL A 51 4.17 -7.91 -12.76
CA VAL A 51 3.62 -6.57 -12.85
C VAL A 51 4.01 -5.78 -11.59
N THR A 52 3.80 -4.47 -11.66
CA THR A 52 4.11 -3.60 -10.55
C THR A 52 2.88 -2.80 -10.12
N LEU A 53 2.82 -2.52 -8.82
CA LEU A 53 1.71 -1.77 -8.27
C LEU A 53 1.99 -0.28 -8.42
N ASP A 54 1.09 0.41 -9.11
CA ASP A 54 1.21 1.84 -9.32
C ASP A 54 0.32 2.58 -8.34
N ALA A 55 0.76 3.77 -7.96
CA ALA A 55 0.01 4.59 -7.03
C ALA A 55 -1.10 5.33 -7.79
N SER A 56 -2.23 5.50 -7.11
CA SER A 56 -3.37 6.18 -7.71
C SER A 56 -3.42 7.63 -7.22
N ASP A 57 -2.72 7.88 -6.12
CA ASP A 57 -2.68 9.22 -5.54
C ASP A 57 -1.32 9.43 -4.87
N ASP A 58 -1.02 10.69 -4.62
CA ASP A 58 0.23 11.06 -3.98
C ASP A 58 0.02 11.18 -2.47
N GLY A 59 0.89 10.53 -1.72
CA GLY A 59 0.80 10.57 -0.27
C GLY A 59 2.01 9.87 0.36
N ILE A 60 2.01 9.86 1.69
CA ILE A 60 3.09 9.24 2.44
C ILE A 60 2.68 7.83 2.85
N LEU A 61 3.60 6.89 2.66
CA LEU A 61 3.35 5.50 3.01
C LEU A 61 3.19 5.39 4.53
N ALA A 62 1.97 5.56 4.98
CA ALA A 62 1.67 5.47 6.40
C ALA A 62 2.27 4.17 6.96
N LYS A 63 1.71 3.06 6.50
CA LYS A 63 2.17 1.75 6.94
C LYS A 63 2.03 0.75 5.80
N ILE A 64 2.53 -0.44 6.03
CA ILE A 64 2.47 -1.50 5.03
C ILE A 64 1.73 -2.71 5.61
N VAL A 65 0.41 -2.62 5.55
CA VAL A 65 -0.43 -3.69 6.07
C VAL A 65 0.20 -5.05 5.72
N VAL A 66 0.35 -5.27 4.42
CA VAL A 66 0.94 -6.52 3.95
C VAL A 66 2.35 -6.23 3.42
N GLU A 67 3.32 -6.88 4.05
CA GLU A 67 4.71 -6.71 3.66
C GLU A 67 5.03 -7.59 2.46
N GLU A 68 6.29 -7.52 2.04
CA GLU A 68 6.74 -8.31 0.90
C GLU A 68 6.91 -9.78 1.30
N GLY A 69 6.60 -10.65 0.35
CA GLY A 69 6.70 -12.08 0.59
C GLY A 69 5.33 -12.71 0.82
N SER A 70 4.32 -11.84 0.82
CA SER A 70 2.96 -12.30 1.03
C SER A 70 2.35 -12.75 -0.30
N LYS A 71 1.88 -13.99 -0.31
CA LYS A 71 1.27 -14.56 -1.51
C LYS A 71 -0.24 -14.64 -1.31
N ASN A 72 -0.91 -15.15 -2.34
CA ASN A 72 -2.36 -15.28 -2.29
C ASN A 72 -2.96 -14.02 -1.67
N ILE A 73 -2.93 -12.94 -2.45
CA ILE A 73 -3.47 -11.68 -1.98
C ILE A 73 -4.74 -11.35 -2.78
N ARG A 74 -5.86 -11.82 -2.26
CA ARG A 74 -7.14 -11.58 -2.91
C ARG A 74 -7.38 -10.08 -3.07
N LEU A 75 -8.24 -9.75 -4.02
CA LEU A 75 -8.57 -8.36 -4.30
C LEU A 75 -9.26 -7.76 -3.07
N GLY A 76 -9.23 -6.44 -3.01
CA GLY A 76 -9.85 -5.73 -1.91
C GLY A 76 -9.16 -6.06 -0.59
N SER A 77 -7.84 -6.03 -0.62
CA SER A 77 -7.04 -6.33 0.57
C SER A 77 -6.09 -5.17 0.86
N LEU A 78 -6.12 -4.71 2.10
CA LEU A 78 -5.26 -3.62 2.51
C LEU A 78 -3.82 -4.10 2.57
N ILE A 79 -2.98 -3.45 1.77
CA ILE A 79 -1.57 -3.81 1.72
C ILE A 79 -0.75 -2.68 2.34
N GLY A 80 -1.28 -1.47 2.23
CA GLY A 80 -0.60 -0.31 2.77
C GLY A 80 -1.57 0.87 2.93
N LEU A 81 -1.24 1.74 3.86
CA LEU A 81 -2.07 2.91 4.11
C LEU A 81 -1.27 4.18 3.82
N ILE A 82 -1.91 5.11 3.12
CA ILE A 82 -1.27 6.36 2.77
C ILE A 82 -1.85 7.48 3.63
N VAL A 83 -1.04 8.51 3.83
CA VAL A 83 -1.46 9.65 4.62
C VAL A 83 -0.94 10.94 3.97
N GLU A 84 -1.85 11.90 3.84
CA GLU A 84 -1.50 13.17 3.24
C GLU A 84 -0.11 13.61 3.69
N GLU A 85 0.75 13.83 2.72
CA GLU A 85 2.11 14.26 3.00
C GLU A 85 2.13 15.28 4.13
N GLY A 86 2.97 15.01 5.11
CA GLY A 86 3.09 15.89 6.26
C GLY A 86 2.46 15.27 7.51
N GLU A 87 1.18 14.93 7.37
CA GLU A 87 0.44 14.33 8.47
C GLU A 87 1.32 13.32 9.20
N ASP A 88 1.43 13.51 10.51
CA ASP A 88 2.23 12.62 11.33
C ASP A 88 1.73 11.19 11.17
N TRP A 89 2.29 10.51 10.18
CA TRP A 89 1.92 9.14 9.90
C TRP A 89 2.13 8.32 11.17
N LYS A 90 3.35 8.39 11.68
CA LYS A 90 3.70 7.66 12.90
C LYS A 90 2.57 7.83 13.92
N HIS A 91 2.23 6.71 14.55
CA HIS A 91 1.17 6.72 15.55
C HIS A 91 1.35 7.92 16.48
N VAL A 92 0.30 8.20 17.24
CA VAL A 92 0.33 9.32 18.16
C VAL A 92 0.56 10.62 17.39
N SER A 93 -0.46 11.46 17.38
CA SER A 93 -0.38 12.73 16.68
C SER A 93 -0.99 13.84 17.55
N GLY A 94 -0.82 15.07 17.08
CA GLY A 94 -1.35 16.22 17.79
C GLY A 94 -1.23 17.49 16.95
N PRO A 95 -1.73 18.61 17.54
CA PRO A 95 -1.68 19.89 16.86
C PRO A 95 -0.26 20.47 16.87
N SER A 96 -0.12 21.64 16.27
CA SER A 96 1.17 22.31 16.21
C SER A 96 1.13 23.60 17.02
N SER A 97 1.31 23.46 18.32
CA SER A 97 1.29 24.60 19.22
C SER A 97 2.07 24.28 20.50
N GLY A 98 2.55 25.33 21.14
CA GLY A 98 3.30 25.17 22.37
C GLY A 98 3.34 26.48 23.16
N GLY A 1 -10.59 -6.80 11.20
CA GLY A 1 -10.27 -5.73 12.13
C GLY A 1 -9.52 -4.60 11.41
N SER A 2 -8.28 -4.41 11.82
CA SER A 2 -7.45 -3.37 11.23
C SER A 2 -8.06 -1.99 11.52
N SER A 3 -7.25 -0.97 11.31
CA SER A 3 -7.68 0.40 11.54
C SER A 3 -7.12 1.32 10.46
N GLY A 4 -7.99 1.69 9.53
CA GLY A 4 -7.60 2.56 8.44
C GLY A 4 -8.81 2.95 7.59
N SER A 5 -9.39 4.09 7.90
CA SER A 5 -10.54 4.58 7.18
C SER A 5 -10.26 5.98 6.62
N SER A 6 -9.87 6.88 7.52
CA SER A 6 -9.56 8.24 7.13
C SER A 6 -8.52 8.26 6.01
N GLY A 7 -7.35 7.73 6.33
CA GLY A 7 -6.26 7.68 5.37
C GLY A 7 -6.71 7.00 4.08
N ILE A 8 -5.75 6.77 3.20
CA ILE A 8 -6.03 6.13 1.92
C ILE A 8 -5.57 4.67 1.99
N LYS A 9 -6.54 3.77 2.07
CA LYS A 9 -6.25 2.35 2.14
C LYS A 9 -5.90 1.84 0.74
N ILE A 10 -4.73 1.24 0.65
CA ILE A 10 -4.27 0.71 -0.62
C ILE A 10 -4.82 -0.71 -0.81
N LEU A 11 -5.89 -0.80 -1.58
CA LEU A 11 -6.53 -2.07 -1.85
C LEU A 11 -5.92 -2.69 -3.11
N MET A 12 -5.74 -4.00 -3.06
CA MET A 12 -5.17 -4.71 -4.19
C MET A 12 -5.96 -4.44 -5.48
N PRO A 13 -5.27 -3.80 -6.45
CA PRO A 13 -5.88 -3.47 -7.72
C PRO A 13 -6.04 -4.72 -8.59
N SER A 14 -6.96 -4.63 -9.54
CA SER A 14 -7.22 -5.74 -10.44
C SER A 14 -6.24 -5.69 -11.62
N LEU A 15 -4.95 -5.72 -11.27
CA LEU A 15 -3.92 -5.69 -12.28
C LEU A 15 -4.32 -6.57 -13.47
N SER A 16 -4.56 -7.84 -13.16
CA SER A 16 -4.95 -8.80 -14.18
C SER A 16 -6.45 -8.68 -14.45
N PRO A 17 -6.84 -9.02 -15.70
CA PRO A 17 -8.24 -8.96 -16.10
C PRO A 17 -9.03 -10.12 -15.50
N THR A 18 -8.31 -11.20 -15.22
CA THR A 18 -8.94 -12.38 -14.64
C THR A 18 -8.08 -12.92 -13.49
N MET A 19 -7.73 -12.03 -12.59
CA MET A 19 -6.93 -12.41 -11.44
C MET A 19 -7.78 -12.51 -10.17
N GLU A 20 -7.38 -13.42 -9.30
CA GLU A 20 -8.09 -13.63 -8.05
C GLU A 20 -7.26 -13.14 -6.86
N GLU A 21 -5.95 -13.18 -7.05
CA GLU A 21 -5.03 -12.75 -6.02
C GLU A 21 -3.66 -12.44 -6.61
N GLY A 22 -2.82 -11.79 -5.82
CA GLY A 22 -1.49 -11.43 -6.25
C GLY A 22 -0.45 -11.83 -5.21
N ASN A 23 0.77 -11.35 -5.43
CA ASN A 23 1.87 -11.65 -4.51
C ASN A 23 2.91 -10.54 -4.60
N ILE A 24 3.06 -9.81 -3.50
CA ILE A 24 4.01 -8.72 -3.44
C ILE A 24 5.44 -9.30 -3.39
N VAL A 25 6.16 -9.08 -4.47
CA VAL A 25 7.54 -9.58 -4.56
C VAL A 25 8.43 -8.74 -3.65
N LYS A 26 8.43 -7.44 -3.90
CA LYS A 26 9.22 -6.52 -3.11
C LYS A 26 8.58 -5.13 -3.13
N TRP A 27 8.74 -4.43 -2.01
CA TRP A 27 8.18 -3.09 -1.90
C TRP A 27 9.19 -2.10 -2.45
N LEU A 28 8.76 -1.35 -3.44
CA LEU A 28 9.62 -0.36 -4.07
C LEU A 28 9.71 0.87 -3.17
N LYS A 29 8.83 0.90 -2.18
CA LYS A 29 8.80 2.01 -1.24
C LYS A 29 8.89 1.48 0.19
N LYS A 30 9.19 2.38 1.11
CA LYS A 30 9.31 2.01 2.51
C LYS A 30 8.28 2.77 3.33
N GLU A 31 8.10 2.34 4.56
CA GLU A 31 7.14 2.99 5.46
C GLU A 31 7.67 4.34 5.90
N GLY A 32 6.89 5.38 5.60
CA GLY A 32 7.26 6.73 5.96
C GLY A 32 7.70 7.53 4.74
N GLU A 33 7.90 6.81 3.64
CA GLU A 33 8.31 7.44 2.40
C GLU A 33 7.10 8.01 1.66
N ALA A 34 7.38 9.00 0.82
CA ALA A 34 6.32 9.63 0.05
C ALA A 34 5.94 8.73 -1.13
N VAL A 35 4.81 9.06 -1.75
CA VAL A 35 4.33 8.30 -2.89
C VAL A 35 3.72 9.26 -3.91
N SER A 36 3.90 8.91 -5.18
CA SER A 36 3.36 9.72 -6.25
C SER A 36 2.56 8.85 -7.22
N ALA A 37 1.41 9.36 -7.61
CA ALA A 37 0.55 8.64 -8.54
C ALA A 37 1.33 8.31 -9.81
N GLY A 38 1.24 7.04 -10.21
CA GLY A 38 1.93 6.58 -11.40
C GLY A 38 3.21 5.82 -11.03
N ASP A 39 3.89 6.34 -10.02
CA ASP A 39 5.12 5.72 -9.56
C ASP A 39 4.82 4.33 -9.01
N ALA A 40 5.73 3.41 -9.28
CA ALA A 40 5.57 2.04 -8.81
C ALA A 40 5.75 2.00 -7.29
N LEU A 41 4.89 1.21 -6.65
CA LEU A 41 4.94 1.07 -5.21
C LEU A 41 5.62 -0.25 -4.85
N CYS A 42 5.12 -1.32 -5.45
CA CYS A 42 5.66 -2.64 -5.20
C CYS A 42 5.46 -3.49 -6.46
N GLU A 43 5.98 -4.71 -6.40
CA GLU A 43 5.87 -5.62 -7.53
C GLU A 43 4.82 -6.70 -7.24
N ILE A 44 3.77 -6.68 -8.04
CA ILE A 44 2.68 -7.64 -7.88
C ILE A 44 2.95 -8.85 -8.79
N GLU A 45 2.84 -10.03 -8.20
CA GLU A 45 3.06 -11.26 -8.94
C GLU A 45 1.73 -11.78 -9.51
N THR A 46 1.78 -12.18 -10.77
CA THR A 46 0.60 -12.71 -11.43
C THR A 46 0.97 -13.83 -12.40
N ASP A 47 0.02 -14.73 -12.62
CA ASP A 47 0.24 -15.84 -13.52
C ASP A 47 0.98 -15.36 -14.76
N LYS A 48 0.45 -14.30 -15.35
CA LYS A 48 1.03 -13.71 -16.55
C LYS A 48 2.53 -13.51 -16.32
N ALA A 49 2.86 -12.48 -15.55
CA ALA A 49 4.24 -12.17 -15.26
C ALA A 49 4.30 -11.30 -13.99
N VAL A 50 5.49 -10.79 -13.72
CA VAL A 50 5.70 -9.94 -12.56
C VAL A 50 5.25 -8.52 -12.88
N VAL A 51 4.07 -8.18 -12.38
CA VAL A 51 3.51 -6.86 -12.60
C VAL A 51 3.93 -5.94 -11.45
N THR A 52 3.68 -4.64 -11.66
CA THR A 52 4.02 -3.65 -10.65
C THR A 52 2.79 -2.86 -10.24
N LEU A 53 2.75 -2.48 -8.97
CA LEU A 53 1.64 -1.72 -8.44
C LEU A 53 1.97 -0.23 -8.49
N ASP A 54 1.20 0.49 -9.30
CA ASP A 54 1.40 1.92 -9.45
C ASP A 54 0.56 2.66 -8.41
N ALA A 55 1.09 3.79 -7.96
CA ALA A 55 0.40 4.59 -6.97
C ALA A 55 -0.80 5.28 -7.63
N SER A 56 -1.92 5.26 -6.91
CA SER A 56 -3.13 5.88 -7.42
C SER A 56 -3.26 7.31 -6.87
N ASP A 57 -2.66 7.51 -5.71
CA ASP A 57 -2.69 8.82 -5.08
C ASP A 57 -1.34 9.11 -4.43
N ASP A 58 -1.00 10.39 -4.36
CA ASP A 58 0.25 10.80 -3.76
C ASP A 58 0.05 11.04 -2.27
N GLY A 59 0.96 10.48 -1.49
CA GLY A 59 0.89 10.62 -0.04
C GLY A 59 2.12 10.00 0.64
N ILE A 60 2.03 9.89 1.95
CA ILE A 60 3.13 9.32 2.72
C ILE A 60 2.78 7.87 3.10
N LEU A 61 3.72 6.98 2.84
CA LEU A 61 3.53 5.58 3.16
C LEU A 61 3.40 5.41 4.67
N ALA A 62 2.17 5.54 5.14
CA ALA A 62 1.91 5.39 6.56
C ALA A 62 2.44 4.04 7.05
N LYS A 63 1.79 2.99 6.60
CA LYS A 63 2.20 1.64 6.97
C LYS A 63 2.02 0.70 5.78
N ILE A 64 2.51 -0.52 5.95
CA ILE A 64 2.42 -1.51 4.89
C ILE A 64 1.75 -2.77 5.44
N VAL A 65 0.43 -2.76 5.41
CA VAL A 65 -0.35 -3.89 5.89
C VAL A 65 0.36 -5.19 5.51
N VAL A 66 0.52 -5.36 4.20
CA VAL A 66 1.17 -6.55 3.68
C VAL A 66 2.56 -6.19 3.18
N GLU A 67 3.56 -6.83 3.76
CA GLU A 67 4.95 -6.58 3.39
C GLU A 67 5.34 -7.48 2.21
N GLU A 68 6.59 -7.32 1.78
CA GLU A 68 7.10 -8.12 0.68
C GLU A 68 7.38 -9.55 1.15
N GLY A 69 7.11 -10.49 0.26
CA GLY A 69 7.33 -11.89 0.56
C GLY A 69 5.99 -12.64 0.71
N SER A 70 4.92 -11.85 0.78
CA SER A 70 3.59 -12.43 0.92
C SER A 70 3.09 -12.93 -0.43
N LYS A 71 2.23 -13.93 -0.37
CA LYS A 71 1.67 -14.52 -1.58
C LYS A 71 0.17 -14.75 -1.38
N ASN A 72 -0.52 -14.95 -2.50
CA ASN A 72 -1.95 -15.19 -2.46
C ASN A 72 -2.64 -14.00 -1.77
N ILE A 73 -2.70 -12.90 -2.50
CA ILE A 73 -3.33 -11.69 -1.98
C ILE A 73 -4.61 -11.41 -2.78
N ARG A 74 -5.72 -11.81 -2.19
CA ARG A 74 -7.02 -11.61 -2.83
C ARG A 74 -7.25 -10.12 -3.08
N LEU A 75 -8.23 -9.85 -3.95
CA LEU A 75 -8.56 -8.47 -4.28
C LEU A 75 -9.32 -7.84 -3.10
N GLY A 76 -9.27 -6.52 -3.06
CA GLY A 76 -9.94 -5.78 -2.00
C GLY A 76 -9.28 -6.04 -0.65
N SER A 77 -7.97 -6.19 -0.70
CA SER A 77 -7.20 -6.43 0.51
C SER A 77 -6.27 -5.24 0.80
N LEU A 78 -6.10 -4.96 2.08
CA LEU A 78 -5.25 -3.87 2.50
C LEU A 78 -3.79 -4.33 2.51
N ILE A 79 -2.98 -3.66 1.70
CA ILE A 79 -1.57 -3.99 1.61
C ILE A 79 -0.74 -2.85 2.21
N GLY A 80 -1.29 -1.65 2.13
CA GLY A 80 -0.61 -0.48 2.66
C GLY A 80 -1.59 0.68 2.86
N LEU A 81 -1.25 1.55 3.80
CA LEU A 81 -2.09 2.70 4.08
C LEU A 81 -1.31 3.98 3.78
N ILE A 82 -1.99 4.91 3.15
CA ILE A 82 -1.39 6.19 2.78
C ILE A 82 -2.06 7.32 3.58
N VAL A 83 -1.28 8.35 3.83
CA VAL A 83 -1.78 9.50 4.58
C VAL A 83 -1.22 10.79 3.97
N GLU A 84 -2.12 11.73 3.72
CA GLU A 84 -1.73 13.01 3.14
C GLU A 84 -0.44 13.51 3.79
N GLU A 85 0.60 13.61 2.99
CA GLU A 85 1.88 14.07 3.48
C GLU A 85 1.70 15.27 4.41
N GLY A 86 2.35 15.19 5.56
CA GLY A 86 2.25 16.25 6.55
C GLY A 86 1.61 15.75 7.84
N GLU A 87 0.68 14.82 7.68
CA GLU A 87 -0.02 14.26 8.82
C GLU A 87 0.89 13.27 9.55
N ASP A 88 0.59 13.07 10.83
CA ASP A 88 1.38 12.16 11.65
C ASP A 88 1.20 10.73 11.13
N TRP A 89 2.02 10.40 10.14
CA TRP A 89 1.96 9.07 9.55
C TRP A 89 2.52 8.07 10.57
N LYS A 90 3.67 8.43 11.12
CA LYS A 90 4.31 7.58 12.11
C LYS A 90 3.29 7.19 13.19
N HIS A 91 3.23 5.90 13.45
CA HIS A 91 2.31 5.38 14.45
C HIS A 91 2.60 6.03 15.81
N VAL A 92 1.58 6.68 16.33
CA VAL A 92 1.72 7.35 17.63
C VAL A 92 2.00 6.31 18.71
N SER A 93 3.13 6.49 19.38
CA SER A 93 3.51 5.58 20.45
C SER A 93 3.45 6.28 21.79
N GLY A 94 2.34 6.08 22.49
CA GLY A 94 2.14 6.69 23.79
C GLY A 94 0.72 6.45 24.30
N PRO A 95 0.47 6.94 25.55
CA PRO A 95 -0.84 6.80 26.15
C PRO A 95 -1.85 7.76 25.53
N SER A 96 -2.05 7.60 24.23
CA SER A 96 -2.98 8.45 23.50
C SER A 96 -2.46 9.89 23.47
N SER A 97 -2.54 10.54 24.63
CA SER A 97 -2.08 11.91 24.75
C SER A 97 -0.71 12.07 24.08
N GLY A 98 -0.43 13.30 23.66
CA GLY A 98 0.84 13.59 23.01
C GLY A 98 0.62 14.41 21.74
N GLY A 1 -10.88 -4.75 14.64
CA GLY A 1 -11.84 -5.39 13.74
C GLY A 1 -12.70 -4.35 13.03
N SER A 2 -12.24 -3.93 11.86
CA SER A 2 -12.96 -2.95 11.07
C SER A 2 -13.02 -1.62 11.83
N SER A 3 -12.33 -0.64 11.29
CA SER A 3 -12.30 0.69 11.91
C SER A 3 -11.48 1.65 11.04
N GLY A 4 -12.18 2.31 10.14
CA GLY A 4 -11.54 3.26 9.25
C GLY A 4 -11.81 4.71 9.70
N SER A 5 -10.75 5.36 10.14
CA SER A 5 -10.85 6.73 10.60
C SER A 5 -10.56 7.70 9.44
N SER A 6 -9.36 7.56 8.89
CA SER A 6 -8.94 8.41 7.79
C SER A 6 -7.71 7.82 7.11
N GLY A 7 -7.38 8.39 5.95
CA GLY A 7 -6.22 7.92 5.20
C GLY A 7 -6.67 7.19 3.93
N ILE A 8 -5.68 6.91 3.08
CA ILE A 8 -5.95 6.23 1.82
C ILE A 8 -5.53 4.76 1.95
N LYS A 9 -6.52 3.89 1.97
CA LYS A 9 -6.26 2.46 2.09
C LYS A 9 -5.90 1.90 0.71
N ILE A 10 -4.75 1.27 0.64
CA ILE A 10 -4.28 0.69 -0.61
C ILE A 10 -4.86 -0.72 -0.75
N LEU A 11 -5.86 -0.83 -1.61
CA LEU A 11 -6.50 -2.11 -1.85
C LEU A 11 -5.93 -2.74 -3.12
N MET A 12 -5.69 -4.04 -3.04
CA MET A 12 -5.15 -4.77 -4.18
C MET A 12 -5.94 -4.47 -5.45
N PRO A 13 -5.22 -3.87 -6.45
CA PRO A 13 -5.85 -3.54 -7.71
C PRO A 13 -6.07 -4.79 -8.57
N SER A 14 -6.78 -4.59 -9.67
CA SER A 14 -7.06 -5.69 -10.57
C SER A 14 -6.12 -5.63 -11.78
N LEU A 15 -4.83 -5.68 -11.48
CA LEU A 15 -3.82 -5.63 -12.53
C LEU A 15 -4.26 -6.50 -13.70
N SER A 16 -4.50 -7.77 -13.41
CA SER A 16 -4.93 -8.71 -14.43
C SER A 16 -6.43 -8.52 -14.72
N PRO A 17 -6.85 -9.04 -15.90
CA PRO A 17 -8.24 -8.93 -16.31
C PRO A 17 -9.12 -9.90 -15.53
N THR A 18 -8.48 -10.90 -14.95
CA THR A 18 -9.18 -11.90 -14.18
C THR A 18 -8.30 -12.43 -13.05
N MET A 19 -7.95 -11.53 -12.13
CA MET A 19 -7.11 -11.90 -11.01
C MET A 19 -7.92 -11.90 -9.70
N GLU A 20 -7.59 -12.87 -8.86
CA GLU A 20 -8.28 -13.01 -7.58
C GLU A 20 -7.33 -12.68 -6.43
N GLU A 21 -6.04 -12.91 -6.68
CA GLU A 21 -5.03 -12.65 -5.68
C GLU A 21 -3.67 -12.40 -6.36
N GLY A 22 -2.75 -11.88 -5.56
CA GLY A 22 -1.41 -11.59 -6.07
C GLY A 22 -0.35 -12.00 -5.06
N ASN A 23 0.87 -11.51 -5.30
CA ASN A 23 1.98 -11.81 -4.42
C ASN A 23 3.02 -10.69 -4.51
N ILE A 24 3.12 -9.94 -3.42
CA ILE A 24 4.07 -8.83 -3.37
C ILE A 24 5.49 -9.39 -3.34
N VAL A 25 6.21 -9.13 -4.42
CA VAL A 25 7.59 -9.60 -4.53
C VAL A 25 8.49 -8.75 -3.62
N LYS A 26 8.45 -7.45 -3.87
CA LYS A 26 9.25 -6.52 -3.09
C LYS A 26 8.60 -5.13 -3.14
N TRP A 27 8.63 -4.46 -1.99
CA TRP A 27 8.05 -3.13 -1.89
C TRP A 27 9.06 -2.14 -2.46
N LEU A 28 8.59 -1.34 -3.41
CA LEU A 28 9.44 -0.35 -4.04
C LEU A 28 9.49 0.90 -3.16
N LYS A 29 8.69 0.89 -2.11
CA LYS A 29 8.63 2.00 -1.19
C LYS A 29 8.76 1.49 0.24
N LYS A 30 9.19 2.38 1.12
CA LYS A 30 9.35 2.03 2.53
C LYS A 30 8.34 2.81 3.37
N GLU A 31 8.14 2.34 4.59
CA GLU A 31 7.20 2.96 5.50
C GLU A 31 7.73 4.34 5.93
N GLY A 32 7.01 5.37 5.55
CA GLY A 32 7.38 6.73 5.88
C GLY A 32 7.81 7.51 4.64
N GLU A 33 7.98 6.78 3.55
CA GLU A 33 8.38 7.38 2.29
C GLU A 33 7.17 7.97 1.57
N ALA A 34 7.43 8.98 0.76
CA ALA A 34 6.39 9.64 0.00
C ALA A 34 5.96 8.73 -1.15
N VAL A 35 4.81 9.06 -1.73
CA VAL A 35 4.28 8.29 -2.84
C VAL A 35 3.63 9.25 -3.84
N SER A 36 3.75 8.89 -5.12
CA SER A 36 3.18 9.70 -6.18
C SER A 36 2.44 8.81 -7.18
N ALA A 37 1.28 9.29 -7.61
CA ALA A 37 0.47 8.54 -8.56
C ALA A 37 1.33 8.20 -9.78
N GLY A 38 1.25 6.93 -10.17
CA GLY A 38 2.00 6.46 -11.32
C GLY A 38 3.28 5.76 -10.87
N ASP A 39 3.90 6.30 -9.84
CA ASP A 39 5.12 5.74 -9.31
C ASP A 39 4.86 4.33 -8.79
N ALA A 40 5.76 3.42 -9.11
CA ALA A 40 5.63 2.04 -8.69
C ALA A 40 5.73 1.97 -7.16
N LEU A 41 4.82 1.20 -6.58
CA LEU A 41 4.79 1.05 -5.14
C LEU A 41 5.46 -0.28 -4.76
N CYS A 42 4.97 -1.35 -5.37
CA CYS A 42 5.52 -2.67 -5.11
C CYS A 42 5.33 -3.52 -6.37
N GLU A 43 5.95 -4.69 -6.34
CA GLU A 43 5.86 -5.61 -7.47
C GLU A 43 4.82 -6.70 -7.19
N ILE A 44 3.76 -6.70 -7.98
CA ILE A 44 2.70 -7.68 -7.82
C ILE A 44 2.96 -8.85 -8.76
N GLU A 45 2.86 -10.05 -8.21
CA GLU A 45 3.08 -11.26 -8.98
C GLU A 45 1.77 -11.75 -9.59
N THR A 46 1.83 -12.09 -10.87
CA THR A 46 0.65 -12.58 -11.58
C THR A 46 1.04 -13.69 -12.55
N ASP A 47 0.13 -14.65 -12.69
CA ASP A 47 0.35 -15.77 -13.58
C ASP A 47 0.90 -15.26 -14.91
N LYS A 48 0.18 -14.28 -15.47
CA LYS A 48 0.58 -13.71 -16.74
C LYS A 48 2.09 -13.45 -16.72
N ALA A 49 2.51 -12.58 -15.83
CA ALA A 49 3.91 -12.24 -15.70
C ALA A 49 4.11 -11.33 -14.49
N VAL A 50 5.30 -10.74 -14.41
CA VAL A 50 5.63 -9.86 -13.31
C VAL A 50 5.07 -8.46 -13.60
N VAL A 51 4.22 -8.01 -12.69
CA VAL A 51 3.61 -6.69 -12.84
C VAL A 51 3.97 -5.83 -11.64
N THR A 52 3.84 -4.52 -11.81
CA THR A 52 4.15 -3.59 -10.74
C THR A 52 2.90 -2.80 -10.34
N LEU A 53 2.79 -2.56 -9.04
CA LEU A 53 1.64 -1.82 -8.52
C LEU A 53 1.97 -0.33 -8.48
N ASP A 54 1.27 0.41 -9.32
CA ASP A 54 1.47 1.85 -9.40
C ASP A 54 0.59 2.55 -8.35
N ALA A 55 1.07 3.69 -7.90
CA ALA A 55 0.35 4.46 -6.90
C ALA A 55 -0.92 5.04 -7.53
N SER A 56 -1.97 5.12 -6.72
CA SER A 56 -3.24 5.64 -7.18
C SER A 56 -3.42 7.08 -6.68
N ASP A 57 -2.57 7.47 -5.75
CA ASP A 57 -2.62 8.80 -5.18
C ASP A 57 -1.26 9.17 -4.60
N ASP A 58 -1.10 10.44 -4.28
CA ASP A 58 0.14 10.93 -3.72
C ASP A 58 -0.03 11.13 -2.21
N GLY A 59 0.89 10.53 -1.46
CA GLY A 59 0.84 10.64 -0.01
C GLY A 59 2.07 9.99 0.62
N ILE A 60 2.04 9.88 1.94
CA ILE A 60 3.13 9.27 2.67
C ILE A 60 2.76 7.84 3.07
N LEU A 61 3.70 6.93 2.85
CA LEU A 61 3.49 5.54 3.17
C LEU A 61 3.34 5.39 4.68
N ALA A 62 2.11 5.54 5.15
CA ALA A 62 1.82 5.42 6.57
C ALA A 62 2.36 4.09 7.09
N LYS A 63 1.72 3.01 6.64
CA LYS A 63 2.13 1.68 7.05
C LYS A 63 1.95 0.72 5.87
N ILE A 64 2.43 -0.50 6.07
CA ILE A 64 2.32 -1.53 5.05
C ILE A 64 1.63 -2.76 5.62
N VAL A 65 0.31 -2.77 5.51
CA VAL A 65 -0.47 -3.89 6.01
C VAL A 65 0.27 -5.19 5.73
N VAL A 66 0.52 -5.42 4.44
CA VAL A 66 1.21 -6.63 4.02
C VAL A 66 2.57 -6.26 3.44
N GLU A 67 3.60 -6.86 4.00
CA GLU A 67 4.96 -6.61 3.55
C GLU A 67 5.30 -7.51 2.36
N GLU A 68 6.49 -7.28 1.81
CA GLU A 68 6.96 -8.07 0.69
C GLU A 68 7.21 -9.51 1.10
N GLY A 69 7.07 -10.41 0.15
CA GLY A 69 7.29 -11.83 0.41
C GLY A 69 5.97 -12.55 0.68
N SER A 70 4.91 -11.75 0.86
CA SER A 70 3.60 -12.30 1.13
C SER A 70 2.94 -12.72 -0.19
N LYS A 71 2.42 -13.95 -0.19
CA LYS A 71 1.76 -14.47 -1.36
C LYS A 71 0.24 -14.55 -1.11
N ASN A 72 -0.47 -14.99 -2.13
CA ASN A 72 -1.91 -15.13 -2.02
C ASN A 72 -2.50 -13.86 -1.38
N ILE A 73 -2.61 -12.83 -2.20
CA ILE A 73 -3.15 -11.56 -1.74
C ILE A 73 -4.55 -11.36 -2.31
N ARG A 74 -5.53 -11.92 -1.60
CA ARG A 74 -6.92 -11.81 -2.04
C ARG A 74 -7.18 -10.43 -2.63
N LEU A 75 -8.18 -10.38 -3.50
CA LEU A 75 -8.55 -9.13 -4.15
C LEU A 75 -9.10 -8.16 -3.11
N GLY A 76 -9.00 -6.88 -3.43
CA GLY A 76 -9.48 -5.84 -2.53
C GLY A 76 -9.01 -6.09 -1.09
N SER A 77 -7.69 -6.11 -0.93
CA SER A 77 -7.10 -6.34 0.37
C SER A 77 -6.11 -5.22 0.70
N LEU A 78 -6.24 -4.70 1.91
CA LEU A 78 -5.37 -3.63 2.36
C LEU A 78 -3.93 -4.14 2.43
N ILE A 79 -3.07 -3.53 1.62
CA ILE A 79 -1.67 -3.91 1.58
C ILE A 79 -0.82 -2.78 2.18
N GLY A 80 -1.42 -1.59 2.23
CA GLY A 80 -0.74 -0.43 2.76
C GLY A 80 -1.70 0.75 2.91
N LEU A 81 -1.36 1.62 3.85
CA LEU A 81 -2.18 2.79 4.12
C LEU A 81 -1.38 4.06 3.82
N ILE A 82 -2.03 4.98 3.11
CA ILE A 82 -1.38 6.23 2.75
C ILE A 82 -2.02 7.37 3.53
N VAL A 83 -1.21 8.39 3.79
CA VAL A 83 -1.69 9.55 4.54
C VAL A 83 -1.10 10.82 3.92
N GLU A 84 -1.98 11.78 3.67
CA GLU A 84 -1.57 13.04 3.09
C GLU A 84 -0.28 13.54 3.76
N GLU A 85 0.79 13.55 2.98
CA GLU A 85 2.08 13.99 3.47
C GLU A 85 1.90 15.20 4.39
N GLY A 86 2.63 15.17 5.50
CA GLY A 86 2.56 16.26 6.47
C GLY A 86 1.69 15.87 7.66
N GLU A 87 1.45 14.57 7.79
CA GLU A 87 0.64 14.05 8.88
C GLU A 87 1.47 13.14 9.77
N ASP A 88 0.90 12.83 10.93
CA ASP A 88 1.57 11.96 11.88
C ASP A 88 1.51 10.52 11.38
N TRP A 89 2.06 10.32 10.19
CA TRP A 89 2.09 8.99 9.58
C TRP A 89 2.68 8.01 10.60
N LYS A 90 3.83 8.41 11.13
CA LYS A 90 4.52 7.58 12.12
C LYS A 90 3.51 7.12 13.18
N HIS A 91 3.35 5.80 13.25
CA HIS A 91 2.43 5.23 14.23
C HIS A 91 1.00 5.66 13.90
N VAL A 92 0.21 4.70 13.45
CA VAL A 92 -1.17 4.98 13.11
C VAL A 92 -1.97 5.26 14.38
N SER A 93 -2.24 6.53 14.59
CA SER A 93 -3.00 6.95 15.76
C SER A 93 -3.85 8.18 15.44
N GLY A 94 -5.03 8.23 16.04
CA GLY A 94 -5.94 9.33 15.83
C GLY A 94 -5.45 10.60 16.52
N PRO A 95 -5.92 11.77 15.99
CA PRO A 95 -5.53 13.04 16.55
C PRO A 95 -6.26 13.31 17.87
N SER A 96 -6.08 12.38 18.81
CA SER A 96 -6.71 12.52 20.11
C SER A 96 -5.76 13.23 21.08
N SER A 97 -6.24 14.36 21.60
CA SER A 97 -5.45 15.15 22.53
C SER A 97 -4.00 15.21 22.06
N GLY A 98 -3.72 16.23 21.25
CA GLY A 98 -2.38 16.42 20.72
C GLY A 98 -2.42 16.81 19.25
N GLY A 1 -11.48 -0.46 22.48
CA GLY A 1 -12.29 -0.49 21.27
C GLY A 1 -12.09 0.76 20.44
N SER A 2 -13.18 1.50 20.28
CA SER A 2 -13.14 2.74 19.50
C SER A 2 -12.80 2.43 18.04
N SER A 3 -13.82 2.48 17.21
CA SER A 3 -13.66 2.21 15.79
C SER A 3 -13.56 3.53 15.01
N GLY A 4 -12.73 3.52 13.99
CA GLY A 4 -12.54 4.69 13.16
C GLY A 4 -11.63 4.38 11.97
N SER A 5 -11.64 5.30 11.01
CA SER A 5 -10.82 5.13 9.82
C SER A 5 -10.36 6.50 9.30
N SER A 6 -9.32 6.47 8.48
CA SER A 6 -8.78 7.70 7.92
C SER A 6 -7.55 7.39 7.07
N GLY A 7 -7.37 8.18 6.03
CA GLY A 7 -6.25 8.00 5.13
C GLY A 7 -6.66 7.24 3.86
N ILE A 8 -5.72 7.12 2.95
CA ILE A 8 -5.97 6.42 1.70
C ILE A 8 -5.52 4.97 1.83
N LYS A 9 -6.49 4.08 1.93
CA LYS A 9 -6.21 2.67 2.06
C LYS A 9 -5.90 2.08 0.68
N ILE A 10 -4.77 1.39 0.60
CA ILE A 10 -4.37 0.78 -0.66
C ILE A 10 -4.95 -0.62 -0.76
N LEU A 11 -5.87 -0.80 -1.70
CA LEU A 11 -6.51 -2.08 -1.91
C LEU A 11 -5.91 -2.75 -3.14
N MET A 12 -5.61 -4.03 -3.00
CA MET A 12 -5.04 -4.80 -4.08
C MET A 12 -5.83 -4.59 -5.38
N PRO A 13 -5.22 -3.83 -6.32
CA PRO A 13 -5.86 -3.56 -7.59
C PRO A 13 -5.81 -4.78 -8.51
N SER A 14 -6.74 -4.80 -9.45
CA SER A 14 -6.82 -5.91 -10.40
C SER A 14 -5.76 -5.74 -11.48
N LEU A 15 -4.51 -5.69 -11.03
CA LEU A 15 -3.39 -5.54 -11.95
C LEU A 15 -3.62 -6.44 -13.17
N SER A 16 -4.27 -7.57 -12.93
CA SER A 16 -4.55 -8.51 -13.99
C SER A 16 -6.05 -8.77 -14.07
N PRO A 17 -6.51 -9.12 -15.30
CA PRO A 17 -7.92 -9.39 -15.54
C PRO A 17 -8.31 -10.75 -14.97
N THR A 18 -9.43 -10.75 -14.26
CA THR A 18 -9.93 -11.99 -13.66
C THR A 18 -8.97 -12.47 -12.57
N MET A 19 -8.23 -11.53 -12.01
CA MET A 19 -7.27 -11.84 -10.96
C MET A 19 -7.98 -12.03 -9.62
N GLU A 20 -7.72 -13.19 -9.01
CA GLU A 20 -8.32 -13.50 -7.73
C GLU A 20 -7.42 -13.04 -6.59
N GLU A 21 -6.11 -13.06 -6.86
CA GLU A 21 -5.14 -12.65 -5.88
C GLU A 21 -3.78 -12.40 -6.54
N GLY A 22 -2.80 -12.07 -5.72
CA GLY A 22 -1.46 -11.81 -6.21
C GLY A 22 -0.41 -12.10 -5.14
N ASN A 23 0.84 -11.85 -5.50
CA ASN A 23 1.95 -12.09 -4.58
C ASN A 23 2.87 -10.88 -4.59
N ILE A 24 2.93 -10.21 -3.45
CA ILE A 24 3.77 -9.04 -3.30
C ILE A 24 5.24 -9.47 -3.30
N VAL A 25 5.88 -9.29 -4.45
CA VAL A 25 7.28 -9.66 -4.59
C VAL A 25 8.11 -8.87 -3.58
N LYS A 26 8.12 -7.56 -3.76
CA LYS A 26 8.87 -6.69 -2.87
C LYS A 26 8.27 -5.29 -2.91
N TRP A 27 8.57 -4.52 -1.87
CA TRP A 27 8.06 -3.16 -1.77
C TRP A 27 9.14 -2.21 -2.31
N LEU A 28 8.74 -1.40 -3.28
CA LEU A 28 9.66 -0.45 -3.88
C LEU A 28 9.76 0.79 -2.99
N LYS A 29 8.79 0.92 -2.10
CA LYS A 29 8.75 2.05 -1.19
C LYS A 29 8.74 1.54 0.25
N LYS A 30 9.26 2.37 1.15
CA LYS A 30 9.33 2.02 2.55
C LYS A 30 8.27 2.81 3.32
N GLU A 31 8.00 2.37 4.54
CA GLU A 31 7.01 3.01 5.38
C GLU A 31 7.56 4.34 5.90
N GLY A 32 6.88 5.41 5.51
CA GLY A 32 7.29 6.74 5.93
C GLY A 32 7.77 7.58 4.73
N GLU A 33 7.98 6.88 3.62
CA GLU A 33 8.43 7.54 2.41
C GLU A 33 7.24 8.15 1.65
N ALA A 34 7.54 9.16 0.85
CA ALA A 34 6.52 9.84 0.07
C ALA A 34 6.15 8.96 -1.13
N VAL A 35 5.00 9.28 -1.72
CA VAL A 35 4.54 8.54 -2.88
C VAL A 35 3.88 9.51 -3.87
N SER A 36 3.99 9.18 -5.15
CA SER A 36 3.41 10.00 -6.20
C SER A 36 2.54 9.16 -7.12
N ALA A 37 1.65 9.83 -7.82
CA ALA A 37 0.75 9.15 -8.74
C ALA A 37 1.56 8.59 -9.92
N GLY A 38 1.17 7.41 -10.34
CA GLY A 38 1.84 6.75 -11.45
C GLY A 38 3.28 6.39 -11.08
N ASP A 39 3.44 5.89 -9.87
CA ASP A 39 4.75 5.50 -9.38
C ASP A 39 4.69 4.07 -8.85
N ALA A 40 5.73 3.31 -9.14
CA ALA A 40 5.81 1.93 -8.71
C ALA A 40 5.97 1.89 -7.18
N LEU A 41 5.02 1.25 -6.53
CA LEU A 41 5.04 1.13 -5.08
C LEU A 41 5.67 -0.21 -4.69
N CYS A 42 5.13 -1.28 -5.26
CA CYS A 42 5.64 -2.62 -4.99
C CYS A 42 5.39 -3.48 -6.23
N GLU A 43 5.98 -4.66 -6.20
CA GLU A 43 5.85 -5.59 -7.31
C GLU A 43 4.91 -6.74 -6.92
N ILE A 44 3.87 -6.90 -7.73
CA ILE A 44 2.90 -7.96 -7.47
C ILE A 44 3.00 -9.01 -8.59
N GLU A 45 2.81 -10.26 -8.20
CA GLU A 45 2.86 -11.36 -9.15
C GLU A 45 1.48 -11.65 -9.72
N THR A 46 1.46 -12.04 -10.98
CA THR A 46 0.21 -12.35 -11.66
C THR A 46 0.40 -13.51 -12.64
N ASP A 47 -0.64 -14.32 -12.76
CA ASP A 47 -0.60 -15.46 -13.65
C ASP A 47 0.11 -15.06 -14.95
N LYS A 48 -0.19 -13.86 -15.41
CA LYS A 48 0.41 -13.35 -16.63
C LYS A 48 1.93 -13.31 -16.47
N ALA A 49 2.38 -12.33 -15.70
CA ALA A 49 3.81 -12.17 -15.46
C ALA A 49 4.02 -11.28 -14.24
N VAL A 50 5.24 -10.76 -14.12
CA VAL A 50 5.57 -9.90 -13.01
C VAL A 50 5.14 -8.46 -13.33
N VAL A 51 4.24 -7.96 -12.50
CA VAL A 51 3.73 -6.60 -12.68
C VAL A 51 4.11 -5.76 -11.46
N THR A 52 3.93 -4.45 -11.62
CA THR A 52 4.23 -3.52 -10.54
C THR A 52 2.98 -2.74 -10.13
N LEU A 53 2.92 -2.43 -8.84
CA LEU A 53 1.79 -1.69 -8.31
C LEU A 53 2.08 -0.19 -8.40
N ASP A 54 1.20 0.51 -9.11
CA ASP A 54 1.35 1.95 -9.28
C ASP A 54 0.40 2.67 -8.31
N ALA A 55 0.78 3.89 -7.96
CA ALA A 55 -0.02 4.69 -7.05
C ALA A 55 -1.05 5.47 -7.85
N SER A 56 -2.17 5.75 -7.20
CA SER A 56 -3.25 6.49 -7.83
C SER A 56 -3.27 7.92 -7.32
N ASP A 57 -2.72 8.11 -6.13
CA ASP A 57 -2.67 9.43 -5.52
C ASP A 57 -1.31 9.61 -4.84
N ASP A 58 -1.01 10.87 -4.55
CA ASP A 58 0.25 11.20 -3.90
C ASP A 58 0.04 11.28 -2.38
N GLY A 59 0.87 10.53 -1.67
CA GLY A 59 0.78 10.52 -0.21
C GLY A 59 2.02 9.86 0.40
N ILE A 60 1.98 9.72 1.71
CA ILE A 60 3.09 9.10 2.43
C ILE A 60 2.69 7.69 2.87
N LEU A 61 3.59 6.75 2.62
CA LEU A 61 3.36 5.37 2.98
C LEU A 61 3.28 5.25 4.51
N ALA A 62 2.06 5.36 5.02
CA ALA A 62 1.84 5.26 6.45
C ALA A 62 2.38 3.92 6.96
N LYS A 63 1.73 2.85 6.54
CA LYS A 63 2.13 1.51 6.94
C LYS A 63 1.98 0.57 5.75
N ILE A 64 2.51 -0.64 5.94
CA ILE A 64 2.44 -1.66 4.89
C ILE A 64 1.72 -2.89 5.44
N VAL A 65 0.39 -2.82 5.43
CA VAL A 65 -0.41 -3.92 5.92
C VAL A 65 0.21 -5.24 5.48
N VAL A 66 0.35 -5.40 4.17
CA VAL A 66 0.93 -6.60 3.61
C VAL A 66 2.38 -6.32 3.21
N GLU A 67 3.30 -7.03 3.85
CA GLU A 67 4.71 -6.87 3.57
C GLU A 67 5.14 -7.84 2.47
N GLU A 68 6.37 -7.66 2.02
CA GLU A 68 6.93 -8.51 0.98
C GLU A 68 7.21 -9.91 1.52
N GLY A 69 7.12 -10.88 0.63
CA GLY A 69 7.36 -12.27 1.01
C GLY A 69 6.04 -13.04 1.13
N SER A 70 4.95 -12.30 1.16
CA SER A 70 3.63 -12.89 1.28
C SER A 70 3.18 -13.43 -0.08
N LYS A 71 2.05 -14.12 -0.07
CA LYS A 71 1.51 -14.69 -1.28
C LYS A 71 -0.01 -14.86 -1.13
N ASN A 72 -0.67 -15.03 -2.26
CA ASN A 72 -2.11 -15.21 -2.26
C ASN A 72 -2.78 -13.97 -1.67
N ILE A 73 -2.59 -12.84 -2.35
CA ILE A 73 -3.16 -11.59 -1.90
C ILE A 73 -4.40 -11.27 -2.75
N ARG A 74 -5.55 -11.62 -2.20
CA ARG A 74 -6.81 -11.37 -2.88
C ARG A 74 -7.04 -9.88 -3.06
N LEU A 75 -8.10 -9.55 -3.78
CA LEU A 75 -8.44 -8.16 -4.02
C LEU A 75 -9.22 -7.60 -2.83
N GLY A 76 -9.10 -6.31 -2.63
CA GLY A 76 -9.78 -5.64 -1.53
C GLY A 76 -8.95 -5.71 -0.25
N SER A 77 -7.96 -6.58 -0.27
CA SER A 77 -7.08 -6.76 0.88
C SER A 77 -6.14 -5.56 1.00
N LEU A 78 -6.17 -4.94 2.16
CA LEU A 78 -5.33 -3.78 2.42
C LEU A 78 -3.86 -4.23 2.46
N ILE A 79 -3.04 -3.52 1.69
CA ILE A 79 -1.62 -3.84 1.63
C ILE A 79 -0.83 -2.72 2.30
N GLY A 80 -1.37 -1.52 2.21
CA GLY A 80 -0.73 -0.35 2.80
C GLY A 80 -1.71 0.82 2.93
N LEU A 81 -1.43 1.68 3.89
CA LEU A 81 -2.27 2.84 4.13
C LEU A 81 -1.48 4.11 3.85
N ILE A 82 -2.08 4.98 3.04
CA ILE A 82 -1.44 6.24 2.69
C ILE A 82 -2.01 7.36 3.56
N VAL A 83 -1.18 8.36 3.81
CA VAL A 83 -1.58 9.49 4.63
C VAL A 83 -1.08 10.78 3.99
N GLU A 84 -1.98 11.74 3.84
CA GLU A 84 -1.63 13.02 3.25
C GLU A 84 -0.27 13.49 3.77
N GLU A 85 0.62 13.75 2.84
CA GLU A 85 1.96 14.21 3.18
C GLU A 85 1.90 15.18 4.36
N GLY A 86 2.49 14.76 5.47
CA GLY A 86 2.51 15.58 6.67
C GLY A 86 1.21 15.40 7.47
N GLU A 87 0.91 14.15 7.77
CA GLU A 87 -0.29 13.84 8.54
C GLU A 87 0.00 12.73 9.55
N ASP A 88 1.09 12.92 10.29
CA ASP A 88 1.50 11.95 11.30
C ASP A 88 1.36 10.54 10.73
N TRP A 89 2.41 10.13 10.04
CA TRP A 89 2.44 8.80 9.44
C TRP A 89 3.08 7.84 10.44
N LYS A 90 4.22 8.26 10.97
CA LYS A 90 4.95 7.45 11.93
C LYS A 90 3.99 6.99 13.02
N HIS A 91 3.56 7.95 13.84
CA HIS A 91 2.64 7.64 14.93
C HIS A 91 3.36 6.82 15.99
N VAL A 92 3.86 7.53 16.99
CA VAL A 92 4.57 6.88 18.09
C VAL A 92 3.94 7.30 19.42
N SER A 93 3.47 6.30 20.15
CA SER A 93 2.84 6.55 21.43
C SER A 93 1.89 7.74 21.33
N GLY A 94 0.67 7.45 20.89
CA GLY A 94 -0.33 8.48 20.73
C GLY A 94 -1.06 8.73 22.07
N PRO A 95 -2.01 9.70 22.03
CA PRO A 95 -2.78 10.05 23.21
C PRO A 95 -3.84 8.98 23.51
N SER A 96 -4.30 8.99 24.75
CA SER A 96 -5.30 8.03 25.17
C SER A 96 -6.70 8.55 24.82
N SER A 97 -7.49 7.66 24.23
CA SER A 97 -8.84 8.00 23.83
C SER A 97 -9.77 6.81 24.04
N GLY A 98 -10.45 6.83 25.18
CA GLY A 98 -11.38 5.76 25.53
C GLY A 98 -12.57 6.30 26.31
N GLY A 1 -18.48 0.37 15.27
CA GLY A 1 -17.13 0.63 14.83
C GLY A 1 -16.12 -0.24 15.58
N SER A 2 -14.91 -0.29 15.06
CA SER A 2 -13.84 -1.07 15.67
C SER A 2 -12.51 -0.33 15.56
N SER A 3 -12.13 -0.04 14.33
CA SER A 3 -10.88 0.66 14.06
C SER A 3 -10.98 1.41 12.73
N GLY A 4 -10.26 2.52 12.67
CA GLY A 4 -10.25 3.34 11.46
C GLY A 4 -10.58 4.79 11.79
N SER A 5 -9.63 5.66 11.48
CA SER A 5 -9.81 7.09 11.73
C SER A 5 -9.85 7.85 10.41
N SER A 6 -8.80 7.70 9.63
CA SER A 6 -8.71 8.37 8.34
C SER A 6 -7.46 7.90 7.60
N GLY A 7 -7.43 8.22 6.30
CA GLY A 7 -6.30 7.84 5.47
C GLY A 7 -6.77 7.17 4.18
N ILE A 8 -5.80 6.74 3.38
CA ILE A 8 -6.10 6.09 2.13
C ILE A 8 -5.66 4.62 2.21
N LYS A 9 -6.65 3.74 2.24
CA LYS A 9 -6.38 2.31 2.31
C LYS A 9 -6.12 1.78 0.91
N ILE A 10 -4.95 1.16 0.75
CA ILE A 10 -4.57 0.60 -0.53
C ILE A 10 -5.04 -0.85 -0.60
N LEU A 11 -5.96 -1.10 -1.53
CA LEU A 11 -6.49 -2.43 -1.72
C LEU A 11 -5.95 -3.02 -3.01
N MET A 12 -5.63 -4.31 -2.96
CA MET A 12 -5.10 -5.00 -4.12
C MET A 12 -5.96 -4.73 -5.36
N PRO A 13 -5.32 -4.06 -6.36
CA PRO A 13 -6.02 -3.72 -7.59
C PRO A 13 -6.17 -4.96 -8.48
N SER A 14 -7.07 -4.86 -9.43
CA SER A 14 -7.34 -5.96 -10.35
C SER A 14 -6.40 -5.85 -11.56
N LEU A 15 -5.11 -5.85 -11.28
CA LEU A 15 -4.11 -5.76 -12.32
C LEU A 15 -4.53 -6.64 -13.51
N SER A 16 -4.66 -7.93 -13.22
CA SER A 16 -5.05 -8.89 -14.24
C SER A 16 -6.55 -8.75 -14.53
N PRO A 17 -6.93 -9.21 -15.76
CA PRO A 17 -8.33 -9.15 -16.16
C PRO A 17 -9.14 -10.23 -15.47
N THR A 18 -8.47 -11.31 -15.10
CA THR A 18 -9.11 -12.41 -14.44
C THR A 18 -8.25 -12.93 -13.28
N MET A 19 -7.85 -12.00 -12.42
CA MET A 19 -7.03 -12.34 -11.28
C MET A 19 -7.87 -12.47 -10.01
N GLU A 20 -7.49 -13.43 -9.17
CA GLU A 20 -8.19 -13.67 -7.93
C GLU A 20 -7.33 -13.25 -6.74
N GLU A 21 -6.03 -13.26 -6.96
CA GLU A 21 -5.10 -12.88 -5.91
C GLU A 21 -3.71 -12.61 -6.50
N GLY A 22 -2.93 -11.81 -5.79
CA GLY A 22 -1.60 -11.47 -6.24
C GLY A 22 -0.55 -11.89 -5.20
N ASN A 23 0.67 -11.41 -5.42
CA ASN A 23 1.76 -11.74 -4.51
C ASN A 23 2.81 -10.62 -4.57
N ILE A 24 2.90 -9.89 -3.47
CA ILE A 24 3.85 -8.79 -3.38
C ILE A 24 5.27 -9.35 -3.33
N VAL A 25 5.98 -9.19 -4.43
CA VAL A 25 7.35 -9.68 -4.53
C VAL A 25 8.24 -8.86 -3.59
N LYS A 26 8.27 -7.56 -3.84
CA LYS A 26 9.07 -6.66 -3.04
C LYS A 26 8.46 -5.27 -3.07
N TRP A 27 8.53 -4.59 -1.93
CA TRP A 27 7.98 -3.24 -1.82
C TRP A 27 9.03 -2.27 -2.37
N LEU A 28 8.60 -1.47 -3.33
CA LEU A 28 9.48 -0.49 -3.94
C LEU A 28 9.47 0.80 -3.11
N LYS A 29 8.73 0.75 -2.02
CA LYS A 29 8.62 1.90 -1.14
C LYS A 29 8.73 1.44 0.32
N LYS A 30 9.06 2.38 1.18
CA LYS A 30 9.21 2.08 2.60
C LYS A 30 8.16 2.88 3.39
N GLU A 31 7.89 2.40 4.59
CA GLU A 31 6.92 3.05 5.46
C GLU A 31 7.47 4.39 5.95
N GLY A 32 6.72 5.44 5.67
CA GLY A 32 7.12 6.77 6.09
C GLY A 32 7.62 7.59 4.89
N GLU A 33 7.79 6.90 3.77
CA GLU A 33 8.27 7.54 2.56
C GLU A 33 7.08 8.11 1.76
N ALA A 34 7.38 9.11 0.95
CA ALA A 34 6.37 9.74 0.13
C ALA A 34 6.04 8.83 -1.06
N VAL A 35 4.94 9.14 -1.73
CA VAL A 35 4.52 8.37 -2.88
C VAL A 35 3.92 9.31 -3.94
N SER A 36 4.08 8.92 -5.19
CA SER A 36 3.57 9.72 -6.29
C SER A 36 2.75 8.83 -7.24
N ALA A 37 1.68 9.42 -7.75
CA ALA A 37 0.80 8.70 -8.68
C ALA A 37 1.60 8.33 -9.93
N GLY A 38 1.51 7.05 -10.29
CA GLY A 38 2.20 6.55 -11.46
C GLY A 38 3.47 5.80 -11.06
N ASP A 39 4.13 6.31 -10.03
CA ASP A 39 5.35 5.70 -9.54
C ASP A 39 5.06 4.27 -9.10
N ALA A 40 6.08 3.44 -9.16
CA ALA A 40 5.96 2.05 -8.76
C ALA A 40 6.00 1.96 -7.24
N LEU A 41 5.04 1.21 -6.69
CA LEU A 41 4.95 1.04 -5.25
C LEU A 41 5.58 -0.30 -4.87
N CYS A 42 5.07 -1.37 -5.49
CA CYS A 42 5.57 -2.70 -5.22
C CYS A 42 5.34 -3.55 -6.47
N GLU A 43 5.97 -4.72 -6.48
CA GLU A 43 5.85 -5.63 -7.60
C GLU A 43 4.81 -6.70 -7.29
N ILE A 44 3.74 -6.69 -8.08
CA ILE A 44 2.66 -7.65 -7.91
C ILE A 44 2.91 -8.86 -8.82
N GLU A 45 2.79 -10.03 -8.22
CA GLU A 45 3.00 -11.27 -8.97
C GLU A 45 1.67 -11.78 -9.53
N THR A 46 1.69 -12.06 -10.83
CA THR A 46 0.50 -12.56 -11.50
C THR A 46 0.88 -13.60 -12.54
N ASP A 47 -0.04 -14.53 -12.76
CA ASP A 47 0.18 -15.60 -13.72
C ASP A 47 0.55 -14.98 -15.08
N LYS A 48 -0.14 -13.89 -15.40
CA LYS A 48 0.10 -13.20 -16.66
C LYS A 48 1.59 -12.91 -16.80
N ALA A 49 2.12 -12.20 -15.82
CA ALA A 49 3.54 -11.86 -15.82
C ALA A 49 3.86 -11.02 -14.58
N VAL A 50 5.08 -10.50 -14.56
CA VAL A 50 5.52 -9.68 -13.44
C VAL A 50 5.08 -8.23 -13.66
N VAL A 51 4.08 -7.83 -12.89
CA VAL A 51 3.55 -6.48 -13.00
C VAL A 51 3.91 -5.70 -11.72
N THR A 52 3.79 -4.39 -11.83
CA THR A 52 4.10 -3.52 -10.70
C THR A 52 2.87 -2.72 -10.29
N LEU A 53 2.74 -2.50 -8.99
CA LEU A 53 1.62 -1.75 -8.46
C LEU A 53 1.94 -0.26 -8.49
N ASP A 54 1.26 0.45 -9.37
CA ASP A 54 1.46 1.88 -9.51
C ASP A 54 0.59 2.61 -8.49
N ALA A 55 1.07 3.78 -8.08
CA ALA A 55 0.34 4.59 -7.12
C ALA A 55 -0.78 5.34 -7.84
N SER A 56 -1.94 5.37 -7.20
CA SER A 56 -3.10 6.05 -7.76
C SER A 56 -3.16 7.49 -7.24
N ASP A 57 -2.65 7.67 -6.03
CA ASP A 57 -2.65 8.98 -5.41
C ASP A 57 -1.26 9.26 -4.82
N ASP A 58 -1.00 10.52 -4.54
CA ASP A 58 0.27 10.92 -3.97
C ASP A 58 0.10 11.17 -2.47
N GLY A 59 0.88 10.43 -1.69
CA GLY A 59 0.83 10.56 -0.25
C GLY A 59 2.02 9.86 0.41
N ILE A 60 2.01 9.85 1.73
CA ILE A 60 3.08 9.22 2.48
C ILE A 60 2.66 7.80 2.87
N LEU A 61 3.58 6.88 2.68
CA LEU A 61 3.33 5.48 3.01
C LEU A 61 3.14 5.34 4.52
N ALA A 62 1.90 5.52 4.95
CA ALA A 62 1.57 5.41 6.36
C ALA A 62 2.21 4.15 6.94
N LYS A 63 1.71 3.01 6.45
CA LYS A 63 2.22 1.73 6.92
C LYS A 63 2.07 0.69 5.80
N ILE A 64 2.51 -0.51 6.09
CA ILE A 64 2.42 -1.60 5.12
C ILE A 64 1.74 -2.81 5.78
N VAL A 65 0.45 -2.94 5.50
CA VAL A 65 -0.32 -4.04 6.06
C VAL A 65 0.34 -5.37 5.67
N VAL A 66 0.51 -5.54 4.37
CA VAL A 66 1.13 -6.75 3.85
C VAL A 66 2.54 -6.43 3.35
N GLU A 67 3.51 -6.97 4.06
CA GLU A 67 4.91 -6.76 3.69
C GLU A 67 5.31 -7.68 2.53
N GLU A 68 6.44 -7.35 1.92
CA GLU A 68 6.93 -8.13 0.80
C GLU A 68 7.19 -9.58 1.24
N GLY A 69 6.99 -10.49 0.30
CA GLY A 69 7.19 -11.90 0.57
C GLY A 69 5.86 -12.60 0.81
N SER A 70 4.80 -11.81 0.84
CA SER A 70 3.47 -12.35 1.06
C SER A 70 2.88 -12.83 -0.25
N LYS A 71 2.47 -14.08 -0.26
CA LYS A 71 1.88 -14.68 -1.45
C LYS A 71 0.37 -14.77 -1.28
N ASN A 72 -0.30 -15.21 -2.34
CA ASN A 72 -1.74 -15.34 -2.32
C ASN A 72 -2.36 -14.11 -1.66
N ILE A 73 -2.53 -13.07 -2.46
CA ILE A 73 -3.10 -11.83 -1.98
C ILE A 73 -4.37 -11.51 -2.77
N ARG A 74 -5.48 -12.06 -2.29
CA ARG A 74 -6.76 -11.85 -2.96
C ARG A 74 -7.02 -10.35 -3.13
N LEU A 75 -8.13 -10.04 -3.78
CA LEU A 75 -8.50 -8.66 -4.03
C LEU A 75 -9.21 -8.11 -2.80
N GLY A 76 -9.12 -6.79 -2.66
CA GLY A 76 -9.76 -6.12 -1.53
C GLY A 76 -9.01 -6.42 -0.23
N SER A 77 -7.69 -6.46 -0.33
CA SER A 77 -6.86 -6.74 0.83
C SER A 77 -5.92 -5.56 1.09
N LEU A 78 -6.07 -4.96 2.26
CA LEU A 78 -5.24 -3.83 2.64
C LEU A 78 -3.78 -4.28 2.71
N ILE A 79 -2.95 -3.62 1.92
CA ILE A 79 -1.54 -3.94 1.88
C ILE A 79 -0.74 -2.79 2.51
N GLY A 80 -1.34 -1.61 2.46
CA GLY A 80 -0.69 -0.43 3.02
C GLY A 80 -1.63 0.78 2.96
N LEU A 81 -1.41 1.71 3.88
CA LEU A 81 -2.22 2.91 3.94
C LEU A 81 -1.36 4.12 3.59
N ILE A 82 -2.03 5.18 3.16
CA ILE A 82 -1.34 6.40 2.79
C ILE A 82 -1.90 7.57 3.62
N VAL A 83 -1.01 8.49 3.96
CA VAL A 83 -1.39 9.65 4.75
C VAL A 83 -0.92 10.92 4.03
N GLU A 84 -1.85 11.86 3.90
CA GLU A 84 -1.54 13.12 3.24
C GLU A 84 -0.19 13.65 3.73
N GLU A 85 0.68 13.92 2.76
CA GLU A 85 2.00 14.43 3.08
C GLU A 85 1.93 15.44 4.23
N GLY A 86 2.92 15.35 5.12
CA GLY A 86 2.97 16.23 6.27
C GLY A 86 2.43 15.54 7.52
N GLU A 87 1.18 15.12 7.43
CA GLU A 87 0.54 14.44 8.55
C GLU A 87 1.52 13.50 9.25
N ASP A 88 1.33 13.36 10.54
CA ASP A 88 2.20 12.50 11.33
C ASP A 88 1.81 11.04 11.10
N TRP A 89 2.44 10.44 10.09
CA TRP A 89 2.18 9.06 9.75
C TRP A 89 2.44 8.20 11.00
N LYS A 90 3.62 8.43 11.58
CA LYS A 90 4.00 7.70 12.78
C LYS A 90 2.95 7.89 13.87
N HIS A 91 2.49 6.78 14.41
CA HIS A 91 1.47 6.83 15.46
C HIS A 91 2.09 7.40 16.74
N VAL A 92 1.64 8.60 17.08
CA VAL A 92 2.14 9.26 18.27
C VAL A 92 0.96 9.66 19.17
N SER A 93 0.56 8.72 20.02
CA SER A 93 -0.55 8.95 20.93
C SER A 93 -0.39 10.30 21.61
N GLY A 94 -1.51 11.01 21.73
CA GLY A 94 -1.51 12.31 22.36
C GLY A 94 -2.89 12.98 22.25
N PRO A 95 -2.95 14.24 22.74
CA PRO A 95 -4.20 14.99 22.70
C PRO A 95 -4.48 15.49 21.28
N SER A 96 -4.92 14.57 20.44
CA SER A 96 -5.23 14.90 19.06
C SER A 96 -5.84 13.68 18.36
N SER A 97 -7.08 13.85 17.93
CA SER A 97 -7.79 12.78 17.24
C SER A 97 -7.15 12.52 15.88
N GLY A 98 -7.11 13.56 15.07
CA GLY A 98 -6.53 13.45 13.74
C GLY A 98 -6.21 14.83 13.16
N GLY A 1 -20.97 3.70 15.84
CA GLY A 1 -20.23 2.62 16.48
C GLY A 1 -18.75 2.71 16.16
N SER A 2 -18.16 1.55 15.90
CA SER A 2 -16.74 1.48 15.58
C SER A 2 -16.56 1.11 14.10
N SER A 3 -16.41 2.14 13.29
CA SER A 3 -16.23 1.94 11.85
C SER A 3 -15.83 3.26 11.19
N GLY A 4 -14.54 3.39 10.90
CA GLY A 4 -14.02 4.58 10.26
C GLY A 4 -12.53 4.43 9.96
N SER A 5 -12.09 5.22 8.99
CA SER A 5 -10.68 5.19 8.59
C SER A 5 -10.22 6.58 8.20
N SER A 6 -8.91 6.79 8.28
CA SER A 6 -8.33 8.08 7.95
C SER A 6 -7.07 7.87 7.09
N GLY A 7 -7.26 8.08 5.79
CA GLY A 7 -6.15 7.93 4.86
C GLY A 7 -6.59 7.14 3.62
N ILE A 8 -5.63 6.89 2.75
CA ILE A 8 -5.90 6.15 1.52
C ILE A 8 -5.46 4.69 1.71
N LYS A 9 -6.45 3.82 1.84
CA LYS A 9 -6.18 2.40 2.02
C LYS A 9 -5.80 1.79 0.67
N ILE A 10 -4.59 1.24 0.62
CA ILE A 10 -4.10 0.62 -0.59
C ILE A 10 -4.75 -0.75 -0.77
N LEU A 11 -5.67 -0.82 -1.72
CA LEU A 11 -6.38 -2.05 -1.99
C LEU A 11 -5.79 -2.70 -3.25
N MET A 12 -5.69 -4.02 -3.19
CA MET A 12 -5.14 -4.77 -4.31
C MET A 12 -5.92 -4.48 -5.59
N PRO A 13 -5.21 -3.81 -6.55
CA PRO A 13 -5.82 -3.46 -7.82
C PRO A 13 -5.95 -4.69 -8.72
N SER A 14 -6.99 -4.68 -9.54
CA SER A 14 -7.24 -5.78 -10.45
C SER A 14 -6.28 -5.70 -11.64
N LEU A 15 -4.99 -5.70 -11.33
CA LEU A 15 -3.97 -5.63 -12.35
C LEU A 15 -4.36 -6.54 -13.52
N SER A 16 -4.68 -7.78 -13.19
CA SER A 16 -5.08 -8.74 -14.20
C SER A 16 -6.58 -8.64 -14.47
N PRO A 17 -6.98 -9.11 -15.69
CA PRO A 17 -8.38 -9.07 -16.08
C PRO A 17 -9.19 -10.14 -15.35
N THR A 18 -8.47 -11.17 -14.90
CA THR A 18 -9.11 -12.27 -14.19
C THR A 18 -8.23 -12.74 -13.04
N MET A 19 -7.94 -11.81 -12.14
CA MET A 19 -7.11 -12.12 -10.99
C MET A 19 -7.93 -12.10 -9.70
N GLU A 20 -7.58 -13.00 -8.80
CA GLU A 20 -8.27 -13.10 -7.52
C GLU A 20 -7.36 -12.65 -6.37
N GLU A 21 -6.06 -12.79 -6.62
CA GLU A 21 -5.08 -12.39 -5.62
C GLU A 21 -3.73 -12.11 -6.29
N GLY A 22 -2.75 -11.78 -5.46
CA GLY A 22 -1.42 -11.48 -5.96
C GLY A 22 -0.36 -11.79 -4.90
N ASN A 23 0.89 -11.68 -5.31
CA ASN A 23 2.01 -11.94 -4.40
C ASN A 23 2.97 -10.75 -4.45
N ILE A 24 3.04 -10.04 -3.33
CA ILE A 24 3.91 -8.89 -3.23
C ILE A 24 5.36 -9.36 -3.29
N VAL A 25 5.97 -9.16 -4.46
CA VAL A 25 7.35 -9.55 -4.66
C VAL A 25 8.25 -8.75 -3.71
N LYS A 26 8.26 -7.45 -3.92
CA LYS A 26 9.07 -6.57 -3.09
C LYS A 26 8.46 -5.16 -3.09
N TRP A 27 8.68 -4.46 -1.99
CA TRP A 27 8.14 -3.11 -1.84
C TRP A 27 9.18 -2.15 -2.43
N LEU A 28 8.70 -1.33 -3.37
CA LEU A 28 9.56 -0.36 -4.02
C LEU A 28 9.61 0.92 -3.18
N LYS A 29 8.81 0.91 -2.12
CA LYS A 29 8.75 2.06 -1.22
C LYS A 29 8.90 1.59 0.22
N LYS A 30 9.28 2.52 1.08
CA LYS A 30 9.47 2.21 2.49
C LYS A 30 8.38 2.92 3.31
N GLU A 31 8.19 2.42 4.52
CA GLU A 31 7.19 2.99 5.41
C GLU A 31 7.63 4.37 5.89
N GLY A 32 6.93 5.39 5.39
CA GLY A 32 7.23 6.76 5.75
C GLY A 32 7.54 7.60 4.52
N GLU A 33 8.20 6.96 3.56
CA GLU A 33 8.56 7.64 2.33
C GLU A 33 7.30 8.17 1.62
N ALA A 34 7.51 9.20 0.82
CA ALA A 34 6.40 9.81 0.08
C ALA A 34 6.01 8.90 -1.07
N VAL A 35 4.88 9.23 -1.68
CA VAL A 35 4.38 8.46 -2.81
C VAL A 35 3.76 9.40 -3.84
N SER A 36 3.89 9.03 -5.10
CA SER A 36 3.35 9.83 -6.18
C SER A 36 2.57 8.95 -7.15
N ALA A 37 1.42 9.45 -7.56
CA ALA A 37 0.56 8.72 -8.48
C ALA A 37 1.35 8.39 -9.75
N GLY A 38 1.28 7.13 -10.14
CA GLY A 38 1.99 6.68 -11.33
C GLY A 38 3.27 5.94 -10.96
N ASP A 39 3.94 6.45 -9.94
CA ASP A 39 5.18 5.86 -9.48
C ASP A 39 4.90 4.46 -8.93
N ALA A 40 5.83 3.55 -9.20
CA ALA A 40 5.70 2.18 -8.75
C ALA A 40 5.77 2.14 -7.23
N LEU A 41 4.94 1.29 -6.64
CA LEU A 41 4.90 1.15 -5.19
C LEU A 41 5.58 -0.15 -4.80
N CYS A 42 5.13 -1.25 -5.40
CA CYS A 42 5.68 -2.55 -5.12
C CYS A 42 5.38 -3.47 -6.31
N GLU A 43 5.96 -4.66 -6.26
CA GLU A 43 5.77 -5.63 -7.32
C GLU A 43 4.82 -6.75 -6.85
N ILE A 44 3.88 -7.08 -7.71
CA ILE A 44 2.91 -8.12 -7.40
C ILE A 44 2.95 -9.19 -8.49
N GLU A 45 2.79 -10.43 -8.06
CA GLU A 45 2.80 -11.55 -8.99
C GLU A 45 1.39 -11.84 -9.49
N THR A 46 1.30 -12.16 -10.77
CA THR A 46 0.01 -12.47 -11.38
C THR A 46 0.17 -13.56 -12.43
N ASP A 47 -0.91 -14.30 -12.64
CA ASP A 47 -0.91 -15.37 -13.61
C ASP A 47 -0.24 -14.89 -14.91
N LYS A 48 -0.59 -13.67 -15.30
CA LYS A 48 -0.03 -13.09 -16.50
C LYS A 48 1.49 -13.07 -16.40
N ALA A 49 1.99 -12.13 -15.62
CA ALA A 49 3.43 -11.99 -15.42
C ALA A 49 3.69 -11.15 -14.18
N VAL A 50 4.94 -10.76 -14.03
CA VAL A 50 5.34 -9.94 -12.89
C VAL A 50 4.98 -8.48 -13.16
N VAL A 51 3.89 -8.05 -12.54
CA VAL A 51 3.43 -6.68 -12.70
C VAL A 51 3.83 -5.86 -11.48
N THR A 52 3.75 -4.55 -11.64
CA THR A 52 4.09 -3.64 -10.55
C THR A 52 2.88 -2.81 -10.15
N LEU A 53 2.80 -2.52 -8.86
CA LEU A 53 1.70 -1.74 -8.33
C LEU A 53 2.05 -0.25 -8.41
N ASP A 54 1.30 0.46 -9.23
CA ASP A 54 1.52 1.88 -9.42
C ASP A 54 0.63 2.65 -8.44
N ALA A 55 1.22 3.66 -7.81
CA ALA A 55 0.49 4.48 -6.86
C ALA A 55 -0.74 5.07 -7.55
N SER A 56 -1.82 5.15 -6.79
CA SER A 56 -3.06 5.69 -7.31
C SER A 56 -3.18 7.17 -6.96
N ASP A 57 -2.74 7.50 -5.76
CA ASP A 57 -2.78 8.87 -5.29
C ASP A 57 -1.47 9.21 -4.57
N ASP A 58 -1.19 10.50 -4.47
CA ASP A 58 0.01 10.96 -3.81
C ASP A 58 -0.22 11.00 -2.30
N GLY A 59 0.73 10.41 -1.58
CA GLY A 59 0.63 10.37 -0.13
C GLY A 59 1.91 9.77 0.48
N ILE A 60 1.87 9.61 1.80
CA ILE A 60 3.01 9.06 2.51
C ILE A 60 2.66 7.65 3.00
N LEU A 61 3.52 6.71 2.66
CA LEU A 61 3.32 5.32 3.06
C LEU A 61 3.21 5.24 4.58
N ALA A 62 1.98 5.40 5.07
CA ALA A 62 1.74 5.36 6.50
C ALA A 62 2.33 4.06 7.08
N LYS A 63 1.86 2.94 6.54
CA LYS A 63 2.33 1.65 6.98
C LYS A 63 2.21 0.64 5.83
N ILE A 64 2.68 -0.56 6.09
CA ILE A 64 2.62 -1.62 5.09
C ILE A 64 2.00 -2.87 5.71
N VAL A 65 0.68 -2.88 5.73
CA VAL A 65 -0.05 -4.01 6.29
C VAL A 65 0.65 -5.31 5.89
N VAL A 66 0.74 -5.53 4.59
CA VAL A 66 1.38 -6.73 4.08
C VAL A 66 2.73 -6.36 3.46
N GLU A 67 3.79 -6.84 4.08
CA GLU A 67 5.13 -6.57 3.61
C GLU A 67 5.46 -7.47 2.41
N GLU A 68 6.72 -7.38 1.97
CA GLU A 68 7.17 -8.17 0.84
C GLU A 68 7.47 -9.61 1.29
N GLY A 69 7.32 -10.52 0.35
CA GLY A 69 7.56 -11.93 0.63
C GLY A 69 6.26 -12.68 0.88
N SER A 70 5.22 -11.91 1.20
CA SER A 70 3.92 -12.50 1.45
C SER A 70 3.15 -12.68 0.13
N LYS A 71 2.18 -13.57 0.17
CA LYS A 71 1.37 -13.85 -1.00
C LYS A 71 -0.10 -13.99 -0.58
N ASN A 72 -0.84 -14.70 -1.41
CA ASN A 72 -2.26 -14.92 -1.15
C ASN A 72 -2.91 -13.59 -0.75
N ILE A 73 -2.79 -12.62 -1.65
CA ILE A 73 -3.35 -11.31 -1.40
C ILE A 73 -4.70 -11.19 -2.13
N ARG A 74 -5.74 -11.69 -1.47
CA ARG A 74 -7.07 -11.66 -2.04
C ARG A 74 -7.31 -10.32 -2.74
N LEU A 75 -8.31 -10.31 -3.62
CA LEU A 75 -8.65 -9.11 -4.37
C LEU A 75 -9.17 -8.05 -3.39
N GLY A 76 -8.93 -6.80 -3.74
CA GLY A 76 -9.37 -5.70 -2.92
C GLY A 76 -9.00 -5.92 -1.45
N SER A 77 -7.71 -6.15 -1.24
CA SER A 77 -7.20 -6.38 0.11
C SER A 77 -6.28 -5.23 0.52
N LEU A 78 -6.30 -4.94 1.82
CA LEU A 78 -5.47 -3.87 2.35
C LEU A 78 -4.02 -4.36 2.48
N ILE A 79 -3.15 -3.69 1.75
CA ILE A 79 -1.73 -4.05 1.77
C ILE A 79 -0.94 -2.97 2.51
N GLY A 80 -1.43 -1.74 2.38
CA GLY A 80 -0.79 -0.61 3.02
C GLY A 80 -1.73 0.60 3.07
N LEU A 81 -1.46 1.48 4.02
CA LEU A 81 -2.26 2.68 4.19
C LEU A 81 -1.42 3.91 3.83
N ILE A 82 -2.04 4.81 3.08
CA ILE A 82 -1.37 6.02 2.67
C ILE A 82 -1.99 7.22 3.39
N VAL A 83 -1.14 8.21 3.68
CA VAL A 83 -1.59 9.40 4.37
C VAL A 83 -1.08 10.63 3.62
N GLU A 84 -1.95 11.63 3.53
CA GLU A 84 -1.60 12.86 2.85
C GLU A 84 -0.28 13.41 3.39
N GLU A 85 0.61 13.76 2.47
CA GLU A 85 1.91 14.29 2.85
C GLU A 85 1.77 15.23 4.04
N GLY A 86 2.33 14.79 5.17
CA GLY A 86 2.28 15.57 6.39
C GLY A 86 0.96 15.34 7.12
N GLU A 87 0.78 14.11 7.59
CA GLU A 87 -0.43 13.76 8.32
C GLU A 87 -0.10 12.76 9.43
N ASP A 88 1.03 13.00 10.08
CA ASP A 88 1.47 12.13 11.17
C ASP A 88 1.43 10.67 10.70
N TRP A 89 2.41 10.31 9.88
CA TRP A 89 2.48 8.96 9.36
C TRP A 89 3.19 8.10 10.41
N LYS A 90 4.22 8.68 11.01
CA LYS A 90 4.98 7.97 12.03
C LYS A 90 4.02 7.37 13.07
N HIS A 91 3.46 8.26 13.87
CA HIS A 91 2.53 7.84 14.91
C HIS A 91 1.21 8.60 14.74
N VAL A 92 0.30 8.00 13.99
CA VAL A 92 -1.00 8.61 13.75
C VAL A 92 -1.66 8.94 15.09
N SER A 93 -2.60 9.87 15.04
CA SER A 93 -3.31 10.28 16.23
C SER A 93 -4.62 10.96 15.85
N GLY A 94 -5.71 10.40 16.34
CA GLY A 94 -7.03 10.95 16.06
C GLY A 94 -7.36 12.11 17.01
N PRO A 95 -8.31 12.97 16.55
CA PRO A 95 -8.71 14.12 17.35
C PRO A 95 -9.62 13.69 18.51
N SER A 96 -10.50 12.74 18.20
CA SER A 96 -11.43 12.24 19.20
C SER A 96 -10.88 10.96 19.83
N SER A 97 -10.36 11.12 21.04
CA SER A 97 -9.80 9.98 21.76
C SER A 97 -10.92 9.08 22.28
N GLY A 98 -10.54 7.86 22.62
CA GLY A 98 -11.50 6.89 23.13
C GLY A 98 -11.88 7.22 24.58
N GLY A 1 -13.33 3.10 19.72
CA GLY A 1 -12.31 2.75 18.75
C GLY A 1 -12.74 1.54 17.92
N SER A 2 -11.79 0.64 17.70
CA SER A 2 -12.04 -0.56 16.93
C SER A 2 -12.12 -0.22 15.44
N SER A 3 -13.04 0.68 15.11
CA SER A 3 -13.23 1.09 13.73
C SER A 3 -12.38 2.34 13.45
N GLY A 4 -11.17 2.10 12.99
CA GLY A 4 -10.25 3.18 12.67
C GLY A 4 -10.23 3.45 11.17
N SER A 5 -11.05 4.41 10.76
CA SER A 5 -11.13 4.78 9.35
C SER A 5 -10.60 6.19 9.15
N SER A 6 -9.47 6.28 8.46
CA SER A 6 -8.84 7.57 8.19
C SER A 6 -7.58 7.36 7.36
N GLY A 7 -7.61 7.92 6.15
CA GLY A 7 -6.47 7.82 5.26
C GLY A 7 -6.87 7.11 3.96
N ILE A 8 -5.87 6.88 3.13
CA ILE A 8 -6.09 6.21 1.85
C ILE A 8 -5.64 4.75 1.96
N LYS A 9 -6.62 3.86 1.99
CA LYS A 9 -6.33 2.44 2.09
C LYS A 9 -6.00 1.89 0.71
N ILE A 10 -4.85 1.23 0.63
CA ILE A 10 -4.41 0.65 -0.62
C ILE A 10 -4.93 -0.77 -0.75
N LEU A 11 -5.93 -0.94 -1.58
CA LEU A 11 -6.53 -2.25 -1.80
C LEU A 11 -5.96 -2.86 -3.08
N MET A 12 -5.76 -4.17 -3.04
CA MET A 12 -5.23 -4.89 -4.17
C MET A 12 -6.04 -4.60 -5.44
N PRO A 13 -5.38 -3.95 -6.42
CA PRO A 13 -6.03 -3.61 -7.67
C PRO A 13 -6.19 -4.85 -8.56
N SER A 14 -6.98 -4.69 -9.61
CA SER A 14 -7.22 -5.78 -10.55
C SER A 14 -6.21 -5.73 -11.69
N LEU A 15 -4.94 -5.79 -11.31
CA LEU A 15 -3.87 -5.75 -12.29
C LEU A 15 -4.24 -6.62 -13.48
N SER A 16 -4.43 -7.90 -13.21
CA SER A 16 -4.80 -8.85 -14.25
C SER A 16 -6.31 -8.86 -14.44
N PRO A 17 -6.74 -9.15 -15.70
CA PRO A 17 -8.15 -9.21 -16.02
C PRO A 17 -8.80 -10.47 -15.47
N THR A 18 -7.96 -11.46 -15.18
CA THR A 18 -8.43 -12.72 -14.65
C THR A 18 -7.55 -13.17 -13.48
N MET A 19 -7.34 -12.24 -12.56
CA MET A 19 -6.53 -12.53 -11.39
C MET A 19 -7.38 -12.56 -10.13
N GLU A 20 -7.18 -13.60 -9.33
CA GLU A 20 -7.92 -13.76 -8.10
C GLU A 20 -7.11 -13.23 -6.92
N GLU A 21 -5.80 -13.29 -7.06
CA GLU A 21 -4.89 -12.83 -6.03
C GLU A 21 -3.51 -12.53 -6.61
N GLY A 22 -2.68 -11.91 -5.79
CA GLY A 22 -1.33 -11.57 -6.21
C GLY A 22 -0.31 -11.90 -5.12
N ASN A 23 0.95 -11.70 -5.45
CA ASN A 23 2.02 -11.97 -4.51
C ASN A 23 3.03 -10.82 -4.54
N ILE A 24 3.05 -10.07 -3.45
CA ILE A 24 3.96 -8.94 -3.33
C ILE A 24 5.40 -9.44 -3.35
N VAL A 25 6.04 -9.27 -4.50
CA VAL A 25 7.42 -9.71 -4.66
C VAL A 25 8.30 -8.92 -3.70
N LYS A 26 8.31 -7.60 -3.89
CA LYS A 26 9.11 -6.73 -3.05
C LYS A 26 8.52 -5.32 -3.07
N TRP A 27 8.65 -4.64 -1.94
CA TRP A 27 8.13 -3.29 -1.82
C TRP A 27 9.18 -2.33 -2.39
N LEU A 28 8.73 -1.49 -3.32
CA LEU A 28 9.61 -0.53 -3.94
C LEU A 28 9.65 0.75 -3.09
N LYS A 29 8.80 0.76 -2.07
CA LYS A 29 8.73 1.91 -1.18
C LYS A 29 8.84 1.43 0.26
N LYS A 30 9.24 2.36 1.13
CA LYS A 30 9.40 2.05 2.54
C LYS A 30 8.34 2.80 3.35
N GLU A 31 8.15 2.34 4.58
CA GLU A 31 7.17 2.97 5.45
C GLU A 31 7.67 4.35 5.92
N GLY A 32 6.92 5.37 5.55
CA GLY A 32 7.27 6.73 5.91
C GLY A 32 7.70 7.53 4.68
N GLU A 33 7.97 6.80 3.60
CA GLU A 33 8.40 7.43 2.37
C GLU A 33 7.21 8.08 1.67
N ALA A 34 7.53 8.96 0.73
CA ALA A 34 6.49 9.66 -0.03
C ALA A 34 6.06 8.79 -1.22
N VAL A 35 4.91 9.15 -1.77
CA VAL A 35 4.38 8.42 -2.91
C VAL A 35 3.73 9.41 -3.88
N SER A 36 3.93 9.14 -5.16
CA SER A 36 3.38 9.99 -6.21
C SER A 36 2.64 9.14 -7.24
N ALA A 37 1.39 9.53 -7.49
CA ALA A 37 0.57 8.81 -8.45
C ALA A 37 1.40 8.49 -9.68
N GLY A 38 1.27 7.25 -10.13
CA GLY A 38 2.01 6.79 -11.30
C GLY A 38 3.45 6.45 -10.95
N ASP A 39 3.61 5.78 -9.81
CA ASP A 39 4.93 5.40 -9.36
C ASP A 39 4.90 3.94 -8.88
N ALA A 40 5.98 3.23 -9.15
CA ALA A 40 6.08 1.83 -8.77
C ALA A 40 6.14 1.74 -7.23
N LEU A 41 5.09 1.19 -6.67
CA LEU A 41 5.00 1.03 -5.23
C LEU A 41 5.64 -0.30 -4.83
N CYS A 42 5.15 -1.36 -5.44
CA CYS A 42 5.67 -2.69 -5.17
C CYS A 42 5.38 -3.58 -6.38
N GLU A 43 6.01 -4.75 -6.37
CA GLU A 43 5.84 -5.69 -7.46
C GLU A 43 4.94 -6.86 -7.02
N ILE A 44 3.93 -7.12 -7.83
CA ILE A 44 3.00 -8.20 -7.54
C ILE A 44 3.10 -9.27 -8.62
N GLU A 45 3.01 -10.52 -8.19
CA GLU A 45 3.08 -11.64 -9.13
C GLU A 45 1.72 -11.90 -9.76
N THR A 46 1.74 -12.17 -11.05
CA THR A 46 0.51 -12.44 -11.78
C THR A 46 0.75 -13.50 -12.85
N ASP A 47 -0.29 -14.29 -13.10
CA ASP A 47 -0.20 -15.35 -14.11
C ASP A 47 0.56 -14.83 -15.32
N LYS A 48 0.21 -13.61 -15.72
CA LYS A 48 0.84 -12.99 -16.87
C LYS A 48 2.35 -12.88 -16.61
N ALA A 49 2.68 -12.01 -15.67
CA ALA A 49 4.08 -11.79 -15.31
C ALA A 49 4.15 -10.98 -14.02
N VAL A 50 5.35 -10.51 -13.72
CA VAL A 50 5.56 -9.73 -12.52
C VAL A 50 5.23 -8.26 -12.79
N VAL A 51 4.01 -7.88 -12.44
CA VAL A 51 3.56 -6.53 -12.65
C VAL A 51 3.88 -5.68 -11.41
N THR A 52 3.73 -4.38 -11.57
CA THR A 52 4.01 -3.45 -10.48
C THR A 52 2.75 -2.68 -10.10
N LEU A 53 2.63 -2.41 -8.80
CA LEU A 53 1.48 -1.69 -8.30
C LEU A 53 1.76 -0.18 -8.36
N ASP A 54 1.06 0.49 -9.26
CA ASP A 54 1.22 1.92 -9.43
C ASP A 54 0.32 2.66 -8.44
N ALA A 55 0.78 3.83 -8.03
CA ALA A 55 0.02 4.64 -7.09
C ALA A 55 -1.04 5.44 -7.85
N SER A 56 -2.22 5.52 -7.24
CA SER A 56 -3.32 6.26 -7.85
C SER A 56 -3.37 7.68 -7.29
N ASP A 57 -2.79 7.84 -6.11
CA ASP A 57 -2.76 9.14 -5.47
C ASP A 57 -1.38 9.38 -4.86
N ASP A 58 -1.13 10.62 -4.49
CA ASP A 58 0.14 10.99 -3.90
C ASP A 58 -0.03 11.17 -2.39
N GLY A 59 0.82 10.48 -1.65
CA GLY A 59 0.77 10.55 -0.20
C GLY A 59 2.00 9.89 0.42
N ILE A 60 1.98 9.77 1.75
CA ILE A 60 3.08 9.16 2.47
C ILE A 60 2.71 7.75 2.87
N LEU A 61 3.64 6.83 2.65
CA LEU A 61 3.41 5.44 2.98
C LEU A 61 3.28 5.30 4.50
N ALA A 62 2.05 5.46 4.98
CA ALA A 62 1.78 5.35 6.40
C ALA A 62 2.35 4.04 6.93
N LYS A 63 1.80 2.94 6.43
CA LYS A 63 2.25 1.63 6.84
C LYS A 63 2.05 0.64 5.69
N ILE A 64 2.53 -0.58 5.90
CA ILE A 64 2.42 -1.61 4.89
C ILE A 64 1.68 -2.82 5.48
N VAL A 65 0.36 -2.78 5.40
CA VAL A 65 -0.46 -3.86 5.93
C VAL A 65 0.20 -5.19 5.61
N VAL A 66 0.49 -5.40 4.33
CA VAL A 66 1.12 -6.62 3.89
C VAL A 66 2.51 -6.31 3.34
N GLU A 67 3.52 -6.85 4.01
CA GLU A 67 4.90 -6.62 3.61
C GLU A 67 5.24 -7.51 2.41
N GLU A 68 6.51 -7.46 2.01
CA GLU A 68 6.97 -8.24 0.89
C GLU A 68 7.28 -9.67 1.32
N GLY A 69 7.04 -10.61 0.41
CA GLY A 69 7.30 -12.01 0.69
C GLY A 69 5.98 -12.77 0.87
N SER A 70 4.88 -12.03 0.81
CA SER A 70 3.57 -12.62 0.96
C SER A 70 3.06 -13.12 -0.40
N LYS A 71 2.16 -14.09 -0.33
CA LYS A 71 1.59 -14.66 -1.54
C LYS A 71 0.09 -14.88 -1.34
N ASN A 72 -0.60 -15.09 -2.45
CA ASN A 72 -2.03 -15.31 -2.40
C ASN A 72 -2.71 -14.11 -1.76
N ILE A 73 -2.60 -12.97 -2.43
CA ILE A 73 -3.20 -11.75 -1.93
C ILE A 73 -4.52 -11.49 -2.67
N ARG A 74 -5.60 -11.89 -2.03
CA ARG A 74 -6.92 -11.70 -2.61
C ARG A 74 -7.19 -10.22 -2.87
N LEU A 75 -8.09 -9.97 -3.81
CA LEU A 75 -8.43 -8.61 -4.18
C LEU A 75 -9.17 -7.95 -3.00
N GLY A 76 -9.24 -6.62 -3.06
CA GLY A 76 -9.90 -5.86 -2.02
C GLY A 76 -9.24 -6.12 -0.65
N SER A 77 -7.93 -6.22 -0.67
CA SER A 77 -7.17 -6.46 0.55
C SER A 77 -6.19 -5.31 0.80
N LEU A 78 -6.25 -4.79 2.02
CA LEU A 78 -5.39 -3.68 2.40
C LEU A 78 -3.93 -4.17 2.42
N ILE A 79 -3.11 -3.49 1.63
CA ILE A 79 -1.70 -3.83 1.54
C ILE A 79 -0.87 -2.72 2.19
N GLY A 80 -1.39 -1.52 2.12
CA GLY A 80 -0.72 -0.36 2.70
C GLY A 80 -1.68 0.81 2.87
N LEU A 81 -1.35 1.67 3.83
CA LEU A 81 -2.18 2.83 4.10
C LEU A 81 -1.36 4.09 3.86
N ILE A 82 -1.94 4.99 3.08
CA ILE A 82 -1.28 6.25 2.75
C ILE A 82 -1.85 7.37 3.64
N VAL A 83 -1.02 8.37 3.86
CA VAL A 83 -1.43 9.51 4.69
C VAL A 83 -1.01 10.81 4.00
N GLU A 84 -1.95 11.73 3.94
CA GLU A 84 -1.69 13.02 3.31
C GLU A 84 -0.29 13.50 3.64
N GLU A 85 0.45 13.81 2.59
CA GLU A 85 1.82 14.28 2.74
C GLU A 85 1.91 15.28 3.90
N GLY A 86 2.77 14.97 4.86
CA GLY A 86 2.95 15.83 6.01
C GLY A 86 2.38 15.18 7.27
N GLU A 87 1.11 14.78 7.18
CA GLU A 87 0.44 14.15 8.30
C GLU A 87 1.39 13.21 9.03
N ASP A 88 1.49 13.42 10.34
CA ASP A 88 2.37 12.60 11.15
C ASP A 88 1.99 11.12 10.97
N TRP A 89 2.63 10.50 9.99
CA TRP A 89 2.38 9.10 9.71
C TRP A 89 2.70 8.29 10.97
N LYS A 90 3.91 8.49 11.48
CA LYS A 90 4.35 7.79 12.67
C LYS A 90 3.99 8.63 13.90
N HIS A 91 3.48 7.93 14.91
CA HIS A 91 3.10 8.58 16.15
C HIS A 91 4.28 9.39 16.70
N VAL A 92 4.01 10.10 17.78
CA VAL A 92 5.04 10.92 18.41
C VAL A 92 5.49 12.01 17.44
N SER A 93 5.39 13.25 17.89
CA SER A 93 5.78 14.38 17.08
C SER A 93 6.54 15.40 17.92
N GLY A 94 7.24 16.29 17.24
CA GLY A 94 8.00 17.33 17.92
C GLY A 94 8.53 18.36 16.92
N PRO A 95 8.82 19.58 17.44
CA PRO A 95 9.32 20.65 16.62
C PRO A 95 10.79 20.43 16.25
N SER A 96 11.01 19.93 15.05
CA SER A 96 12.35 19.66 14.57
C SER A 96 12.56 20.30 13.19
N SER A 97 13.82 20.35 12.79
CA SER A 97 14.16 20.93 11.50
C SER A 97 14.34 19.82 10.47
N GLY A 98 14.11 20.19 9.21
CA GLY A 98 14.24 19.24 8.12
C GLY A 98 14.86 19.89 6.89
N GLY A 1 -24.14 9.15 4.29
CA GLY A 1 -23.99 8.51 5.58
C GLY A 1 -23.27 9.42 6.57
N SER A 2 -22.18 8.90 7.13
CA SER A 2 -21.41 9.65 8.09
C SER A 2 -20.29 10.42 7.38
N SER A 3 -19.47 9.69 6.66
CA SER A 3 -18.36 10.29 5.92
C SER A 3 -17.40 10.96 6.89
N GLY A 4 -16.19 11.21 6.40
CA GLY A 4 -15.17 11.86 7.21
C GLY A 4 -13.82 11.82 6.50
N SER A 5 -12.85 12.51 7.10
CA SER A 5 -11.51 12.56 6.54
C SER A 5 -10.75 11.28 6.88
N SER A 6 -10.71 10.38 5.91
CA SER A 6 -10.02 9.11 6.09
C SER A 6 -8.83 9.02 5.14
N GLY A 7 -7.85 8.22 5.53
CA GLY A 7 -6.66 8.03 4.72
C GLY A 7 -6.99 7.28 3.43
N ILE A 8 -5.94 6.98 2.68
CA ILE A 8 -6.10 6.28 1.42
C ILE A 8 -5.66 4.82 1.59
N LYS A 9 -6.65 3.93 1.57
CA LYS A 9 -6.38 2.52 1.72
C LYS A 9 -6.01 1.92 0.36
N ILE A 10 -4.87 1.24 0.34
CA ILE A 10 -4.40 0.62 -0.89
C ILE A 10 -4.93 -0.81 -0.97
N LEU A 11 -5.93 -1.00 -1.82
CA LEU A 11 -6.53 -2.32 -2.00
C LEU A 11 -5.95 -2.97 -3.25
N MET A 12 -5.77 -4.27 -3.17
CA MET A 12 -5.23 -5.03 -4.28
C MET A 12 -6.07 -4.81 -5.55
N PRO A 13 -5.46 -4.12 -6.54
CA PRO A 13 -6.13 -3.85 -7.80
C PRO A 13 -6.22 -5.10 -8.66
N SER A 14 -7.22 -5.12 -9.52
CA SER A 14 -7.42 -6.25 -10.42
C SER A 14 -6.44 -6.18 -11.59
N LEU A 15 -5.16 -6.23 -11.24
CA LEU A 15 -4.12 -6.17 -12.25
C LEU A 15 -4.43 -7.15 -13.37
N SER A 16 -4.57 -8.41 -12.99
CA SER A 16 -4.87 -9.46 -13.96
C SER A 16 -6.35 -9.38 -14.36
N PRO A 17 -6.65 -9.94 -15.56
CA PRO A 17 -8.01 -9.94 -16.08
C PRO A 17 -8.86 -10.98 -15.36
N THR A 18 -8.19 -11.99 -14.83
CA THR A 18 -8.87 -13.06 -14.11
C THR A 18 -8.00 -13.56 -12.96
N MET A 19 -7.62 -12.64 -12.09
CA MET A 19 -6.79 -12.98 -10.94
C MET A 19 -7.62 -12.97 -9.65
N GLU A 20 -7.38 -13.99 -8.84
CA GLU A 20 -8.09 -14.12 -7.57
C GLU A 20 -7.24 -13.57 -6.43
N GLU A 21 -5.93 -13.67 -6.61
CA GLU A 21 -5.00 -13.19 -5.61
C GLU A 21 -3.63 -12.92 -6.24
N GLY A 22 -2.86 -12.08 -5.56
CA GLY A 22 -1.53 -11.73 -6.04
C GLY A 22 -0.45 -12.13 -5.03
N ASN A 23 0.73 -11.55 -5.22
CA ASN A 23 1.85 -11.84 -4.33
C ASN A 23 2.85 -10.70 -4.40
N ILE A 24 2.92 -9.93 -3.32
CA ILE A 24 3.84 -8.81 -3.25
C ILE A 24 5.27 -9.32 -3.27
N VAL A 25 5.90 -9.17 -4.43
CA VAL A 25 7.28 -9.61 -4.60
C VAL A 25 8.19 -8.82 -3.67
N LYS A 26 8.16 -7.50 -3.86
CA LYS A 26 8.98 -6.62 -3.05
C LYS A 26 8.40 -5.20 -3.09
N TRP A 27 8.52 -4.51 -1.97
CA TRP A 27 8.00 -3.16 -1.87
C TRP A 27 9.05 -2.21 -2.46
N LEU A 28 8.58 -1.36 -3.36
CA LEU A 28 9.45 -0.40 -4.00
C LEU A 28 9.57 0.85 -3.13
N LYS A 29 8.76 0.88 -2.09
CA LYS A 29 8.76 2.01 -1.17
C LYS A 29 8.93 1.49 0.26
N LYS A 30 9.27 2.41 1.15
CA LYS A 30 9.47 2.06 2.55
C LYS A 30 8.48 2.86 3.41
N GLU A 31 8.34 2.43 4.65
CA GLU A 31 7.44 3.10 5.58
C GLU A 31 7.98 4.48 5.94
N GLY A 32 7.18 5.49 5.62
CA GLY A 32 7.55 6.86 5.91
C GLY A 32 7.88 7.61 4.61
N GLU A 33 8.35 6.86 3.63
CA GLU A 33 8.70 7.44 2.34
C GLU A 33 7.47 8.04 1.67
N ALA A 34 7.71 9.01 0.79
CA ALA A 34 6.64 9.67 0.09
C ALA A 34 6.17 8.79 -1.07
N VAL A 35 5.03 9.15 -1.64
CA VAL A 35 4.46 8.40 -2.75
C VAL A 35 3.84 9.38 -3.75
N SER A 36 3.94 9.01 -5.02
CA SER A 36 3.39 9.85 -6.08
C SER A 36 2.57 8.99 -7.04
N ALA A 37 1.43 9.53 -7.44
CA ALA A 37 0.55 8.83 -8.35
C ALA A 37 1.31 8.49 -9.63
N GLY A 38 1.20 7.24 -10.03
CA GLY A 38 1.87 6.78 -11.24
C GLY A 38 3.18 6.05 -10.90
N ASP A 39 3.78 6.47 -9.79
CA ASP A 39 5.03 5.87 -9.34
C ASP A 39 4.75 4.44 -8.86
N ALA A 40 5.76 3.59 -9.00
CA ALA A 40 5.65 2.21 -8.58
C ALA A 40 5.71 2.13 -7.05
N LEU A 41 4.87 1.29 -6.50
CA LEU A 41 4.81 1.11 -5.06
C LEU A 41 5.52 -0.20 -4.69
N CYS A 42 5.07 -1.28 -5.33
CA CYS A 42 5.64 -2.59 -5.08
C CYS A 42 5.35 -3.47 -6.29
N GLU A 43 5.90 -4.68 -6.24
CA GLU A 43 5.71 -5.64 -7.32
C GLU A 43 4.79 -6.78 -6.87
N ILE A 44 3.87 -7.15 -7.75
CA ILE A 44 2.93 -8.21 -7.46
C ILE A 44 3.05 -9.29 -8.54
N GLU A 45 2.86 -10.53 -8.11
CA GLU A 45 2.93 -11.65 -9.02
C GLU A 45 1.55 -11.97 -9.60
N THR A 46 1.54 -12.30 -10.88
CA THR A 46 0.29 -12.62 -11.56
C THR A 46 0.51 -13.74 -12.59
N ASP A 47 -0.55 -14.47 -12.87
CA ASP A 47 -0.48 -15.55 -13.84
C ASP A 47 0.05 -15.01 -15.17
N LYS A 48 -0.37 -13.80 -15.49
CA LYS A 48 0.05 -13.16 -16.72
C LYS A 48 1.57 -13.01 -16.72
N ALA A 49 2.05 -12.19 -15.79
CA ALA A 49 3.48 -11.95 -15.66
C ALA A 49 3.74 -11.13 -14.40
N VAL A 50 4.97 -10.63 -14.31
CA VAL A 50 5.37 -9.83 -13.15
C VAL A 50 4.99 -8.37 -13.42
N VAL A 51 3.90 -7.95 -12.78
CA VAL A 51 3.43 -6.58 -12.92
C VAL A 51 3.81 -5.78 -11.67
N THR A 52 3.92 -4.48 -11.86
CA THR A 52 4.27 -3.59 -10.76
C THR A 52 3.07 -2.75 -10.35
N LEU A 53 2.94 -2.58 -9.04
CA LEU A 53 1.83 -1.80 -8.49
C LEU A 53 2.20 -0.31 -8.51
N ASP A 54 1.35 0.47 -9.16
CA ASP A 54 1.56 1.90 -9.26
C ASP A 54 0.66 2.62 -8.26
N ALA A 55 1.17 3.72 -7.72
CA ALA A 55 0.41 4.51 -6.77
C ALA A 55 -0.83 5.09 -7.46
N SER A 56 -1.87 5.28 -6.67
CA SER A 56 -3.12 5.82 -7.19
C SER A 56 -3.25 7.29 -6.77
N ASP A 57 -2.48 7.66 -5.76
CA ASP A 57 -2.51 9.03 -5.27
C ASP A 57 -1.15 9.36 -4.64
N ASP A 58 -0.98 10.65 -4.34
CA ASP A 58 0.27 11.10 -3.75
C ASP A 58 0.08 11.23 -2.23
N GLY A 59 0.94 10.55 -1.50
CA GLY A 59 0.88 10.58 -0.05
C GLY A 59 2.13 9.93 0.57
N ILE A 60 2.07 9.72 1.87
CA ILE A 60 3.17 9.11 2.59
C ILE A 60 2.76 7.71 3.06
N LEU A 61 3.63 6.76 2.78
CA LEU A 61 3.37 5.38 3.17
C LEU A 61 3.30 5.28 4.70
N ALA A 62 2.09 5.43 5.21
CA ALA A 62 1.87 5.36 6.64
C ALA A 62 2.41 4.03 7.18
N LYS A 63 1.76 2.95 6.77
CA LYS A 63 2.16 1.62 7.20
C LYS A 63 1.85 0.62 6.10
N ILE A 64 2.75 -0.33 5.92
CA ILE A 64 2.57 -1.35 4.91
C ILE A 64 1.87 -2.57 5.52
N VAL A 65 0.54 -2.48 5.55
CA VAL A 65 -0.26 -3.56 6.11
C VAL A 65 0.36 -4.91 5.72
N VAL A 66 0.44 -5.13 4.41
CA VAL A 66 1.01 -6.36 3.89
C VAL A 66 2.38 -6.08 3.30
N GLU A 67 3.40 -6.58 3.97
CA GLU A 67 4.77 -6.40 3.52
C GLU A 67 5.09 -7.36 2.38
N GLU A 68 6.33 -7.30 1.93
CA GLU A 68 6.79 -8.16 0.85
C GLU A 68 7.03 -9.58 1.36
N GLY A 69 7.04 -10.53 0.44
CA GLY A 69 7.26 -11.92 0.79
C GLY A 69 5.93 -12.63 1.07
N SER A 70 4.86 -11.86 1.01
CA SER A 70 3.53 -12.40 1.26
C SER A 70 2.92 -12.88 -0.06
N LYS A 71 2.51 -14.14 -0.06
CA LYS A 71 1.91 -14.73 -1.24
C LYS A 71 0.39 -14.81 -1.05
N ASN A 72 -0.29 -15.20 -2.12
CA ASN A 72 -1.73 -15.32 -2.08
C ASN A 72 -2.33 -14.04 -1.48
N ILE A 73 -2.46 -13.03 -2.34
CA ILE A 73 -3.01 -11.76 -1.92
C ILE A 73 -4.31 -11.48 -2.69
N ARG A 74 -5.41 -11.97 -2.13
CA ARG A 74 -6.71 -11.78 -2.76
C ARG A 74 -6.93 -10.30 -3.09
N LEU A 75 -7.98 -10.05 -3.86
CA LEU A 75 -8.32 -8.69 -4.25
C LEU A 75 -9.03 -7.99 -3.09
N GLY A 76 -9.07 -6.67 -3.17
CA GLY A 76 -9.70 -5.88 -2.14
C GLY A 76 -9.05 -6.11 -0.78
N SER A 77 -7.74 -6.32 -0.82
CA SER A 77 -6.98 -6.58 0.41
C SER A 77 -6.05 -5.39 0.69
N LEU A 78 -6.23 -4.81 1.87
CA LEU A 78 -5.42 -3.68 2.28
C LEU A 78 -3.96 -4.13 2.41
N ILE A 79 -3.11 -3.50 1.60
CA ILE A 79 -1.69 -3.83 1.62
C ILE A 79 -0.92 -2.69 2.28
N GLY A 80 -1.48 -1.49 2.17
CA GLY A 80 -0.86 -0.31 2.75
C GLY A 80 -1.85 0.86 2.81
N LEU A 81 -1.60 1.74 3.76
CA LEU A 81 -2.46 2.91 3.94
C LEU A 81 -1.64 4.17 3.66
N ILE A 82 -2.22 5.03 2.83
CA ILE A 82 -1.56 6.28 2.48
C ILE A 82 -2.15 7.42 3.33
N VAL A 83 -1.32 8.42 3.56
CA VAL A 83 -1.74 9.56 4.36
C VAL A 83 -1.19 10.84 3.73
N GLU A 84 -2.05 11.85 3.65
CA GLU A 84 -1.67 13.12 3.07
C GLU A 84 -0.24 13.49 3.49
N GLU A 85 0.61 13.67 2.48
CA GLU A 85 1.99 14.02 2.73
C GLU A 85 2.09 14.99 3.90
N GLY A 86 2.41 14.45 5.06
CA GLY A 86 2.55 15.25 6.27
C GLY A 86 1.26 15.18 7.11
N GLU A 87 0.89 13.96 7.46
CA GLU A 87 -0.31 13.75 8.27
C GLU A 87 -0.10 12.58 9.23
N ASP A 88 0.83 12.77 10.15
CA ASP A 88 1.13 11.75 11.13
C ASP A 88 1.13 10.38 10.45
N TRP A 89 2.26 10.05 9.84
CA TRP A 89 2.40 8.78 9.16
C TRP A 89 2.92 7.75 10.17
N LYS A 90 3.91 8.18 10.94
CA LYS A 90 4.51 7.31 11.93
C LYS A 90 3.46 6.96 12.99
N HIS A 91 3.63 5.78 13.57
CA HIS A 91 2.71 5.31 14.59
C HIS A 91 3.46 5.12 15.92
N VAL A 92 4.47 4.27 15.86
CA VAL A 92 5.27 3.98 17.05
C VAL A 92 5.57 5.30 17.77
N SER A 93 6.31 6.16 17.10
CA SER A 93 6.67 7.45 17.67
C SER A 93 5.55 8.46 17.43
N GLY A 94 5.66 9.59 18.10
CA GLY A 94 4.67 10.64 17.97
C GLY A 94 4.33 11.24 19.33
N PRO A 95 3.54 12.35 19.29
CA PRO A 95 3.13 13.03 20.51
C PRO A 95 2.05 12.23 21.24
N SER A 96 2.13 12.27 22.57
CA SER A 96 1.16 11.56 23.39
C SER A 96 1.26 12.05 24.84
N SER A 97 0.42 13.03 25.15
CA SER A 97 0.40 13.59 26.49
C SER A 97 -1.04 13.83 26.94
N GLY A 98 -1.22 13.83 28.25
CA GLY A 98 -2.55 14.05 28.81
C GLY A 98 -2.76 15.51 29.19
N GLY A 1 -0.17 16.00 18.30
CA GLY A 1 -0.58 16.19 16.92
C GLY A 1 -1.85 15.37 16.62
N SER A 2 -2.40 15.61 15.44
CA SER A 2 -3.60 14.93 15.02
C SER A 2 -3.33 13.41 14.94
N SER A 3 -4.36 12.69 14.52
CA SER A 3 -4.25 11.24 14.40
C SER A 3 -4.51 10.83 12.95
N GLY A 4 -5.68 11.20 12.45
CA GLY A 4 -6.05 10.88 11.09
C GLY A 4 -7.57 10.72 10.96
N SER A 5 -8.07 11.10 9.80
CA SER A 5 -9.50 11.01 9.53
C SER A 5 -9.86 9.60 9.06
N SER A 6 -9.27 9.22 7.94
CA SER A 6 -9.50 7.90 7.37
C SER A 6 -8.24 7.39 6.69
N GLY A 7 -7.77 8.15 5.73
CA GLY A 7 -6.57 7.79 4.99
C GLY A 7 -6.92 7.08 3.68
N ILE A 8 -5.90 6.82 2.88
CA ILE A 8 -6.09 6.15 1.60
C ILE A 8 -5.70 4.68 1.74
N LYS A 9 -6.70 3.82 1.70
CA LYS A 9 -6.47 2.39 1.80
C LYS A 9 -6.05 1.84 0.44
N ILE A 10 -4.90 1.17 0.43
CA ILE A 10 -4.39 0.59 -0.78
C ILE A 10 -4.97 -0.82 -0.97
N LEU A 11 -5.94 -0.91 -1.86
CA LEU A 11 -6.59 -2.18 -2.13
C LEU A 11 -5.95 -2.82 -3.38
N MET A 12 -5.78 -4.13 -3.31
CA MET A 12 -5.20 -4.86 -4.42
C MET A 12 -5.97 -4.62 -5.72
N PRO A 13 -5.28 -3.98 -6.70
CA PRO A 13 -5.89 -3.68 -7.98
C PRO A 13 -6.00 -4.94 -8.84
N SER A 14 -6.91 -4.88 -9.81
CA SER A 14 -7.13 -6.01 -10.70
C SER A 14 -6.14 -5.94 -11.86
N LEU A 15 -4.86 -5.94 -11.52
CA LEU A 15 -3.81 -5.89 -12.52
C LEU A 15 -4.17 -6.83 -13.67
N SER A 16 -4.49 -8.07 -13.30
CA SER A 16 -4.85 -9.07 -14.30
C SER A 16 -6.34 -8.98 -14.61
N PRO A 17 -6.74 -9.62 -15.74
CA PRO A 17 -8.12 -9.62 -16.17
C PRO A 17 -8.96 -10.57 -15.31
N THR A 18 -8.30 -11.61 -14.82
CA THR A 18 -8.96 -12.60 -13.99
C THR A 18 -8.06 -13.01 -12.84
N MET A 19 -7.76 -12.04 -11.98
CA MET A 19 -6.91 -12.29 -10.82
C MET A 19 -7.73 -12.28 -9.53
N GLU A 20 -7.50 -13.31 -8.73
CA GLU A 20 -8.21 -13.43 -7.46
C GLU A 20 -7.29 -13.02 -6.30
N GLU A 21 -6.00 -13.14 -6.54
CA GLU A 21 -5.01 -12.80 -5.54
C GLU A 21 -3.63 -12.61 -6.17
N GLY A 22 -2.81 -11.81 -5.52
CA GLY A 22 -1.47 -11.54 -6.02
C GLY A 22 -0.41 -11.93 -4.98
N ASN A 23 0.80 -11.46 -5.21
CA ASN A 23 1.90 -11.74 -4.32
C ASN A 23 2.93 -10.62 -4.40
N ILE A 24 3.05 -9.88 -3.30
CA ILE A 24 3.98 -8.76 -3.23
C ILE A 24 5.41 -9.31 -3.22
N VAL A 25 6.11 -9.08 -4.31
CA VAL A 25 7.49 -9.55 -4.43
C VAL A 25 8.39 -8.70 -3.52
N LYS A 26 8.40 -7.40 -3.78
CA LYS A 26 9.20 -6.49 -2.99
C LYS A 26 8.55 -5.10 -3.01
N TRP A 27 8.73 -4.39 -1.90
CA TRP A 27 8.16 -3.06 -1.76
C TRP A 27 9.16 -2.06 -2.35
N LEU A 28 8.70 -1.32 -3.34
CA LEU A 28 9.54 -0.32 -3.98
C LEU A 28 9.66 0.91 -3.08
N LYS A 29 8.75 0.98 -2.12
CA LYS A 29 8.74 2.10 -1.18
C LYS A 29 8.84 1.56 0.24
N LYS A 30 9.24 2.44 1.15
CA LYS A 30 9.37 2.07 2.54
C LYS A 30 8.38 2.89 3.38
N GLU A 31 8.26 2.50 4.64
CA GLU A 31 7.36 3.18 5.55
C GLU A 31 7.92 4.55 5.93
N GLY A 32 7.21 5.58 5.52
CA GLY A 32 7.63 6.94 5.81
C GLY A 32 7.88 7.73 4.53
N GLU A 33 8.50 7.05 3.58
CA GLU A 33 8.81 7.66 2.29
C GLU A 33 7.53 8.21 1.65
N ALA A 34 7.74 9.16 0.74
CA ALA A 34 6.61 9.77 0.05
C ALA A 34 6.18 8.87 -1.11
N VAL A 35 5.00 9.16 -1.64
CA VAL A 35 4.46 8.39 -2.75
C VAL A 35 3.74 9.33 -3.71
N SER A 36 3.85 9.02 -5.00
CA SER A 36 3.21 9.83 -6.02
C SER A 36 2.33 8.93 -6.90
N ALA A 37 1.40 9.59 -7.60
CA ALA A 37 0.49 8.88 -8.48
C ALA A 37 1.26 8.38 -9.71
N GLY A 38 1.05 7.11 -10.04
CA GLY A 38 1.71 6.52 -11.18
C GLY A 38 3.00 5.82 -10.77
N ASP A 39 3.68 6.42 -9.80
CA ASP A 39 4.93 5.87 -9.31
C ASP A 39 4.68 4.45 -8.79
N ALA A 40 5.65 3.57 -9.05
CA ALA A 40 5.55 2.19 -8.62
C ALA A 40 5.64 2.14 -7.10
N LEU A 41 4.84 1.24 -6.52
CA LEU A 41 4.82 1.08 -5.08
C LEU A 41 5.52 -0.23 -4.71
N CYS A 42 5.03 -1.31 -5.32
CA CYS A 42 5.60 -2.62 -5.07
C CYS A 42 5.40 -3.48 -6.32
N GLU A 43 5.95 -4.68 -6.27
CA GLU A 43 5.83 -5.61 -7.39
C GLU A 43 4.81 -6.69 -7.08
N ILE A 44 3.74 -6.70 -7.87
CA ILE A 44 2.68 -7.68 -7.69
C ILE A 44 2.95 -8.88 -8.60
N GLU A 45 2.77 -10.07 -8.03
CA GLU A 45 2.98 -11.29 -8.77
C GLU A 45 1.65 -11.85 -9.29
N THR A 46 1.65 -12.17 -10.57
CA THR A 46 0.44 -12.72 -11.20
C THR A 46 0.81 -13.87 -12.13
N ASP A 47 -0.11 -14.83 -12.22
CA ASP A 47 0.10 -15.98 -13.07
C ASP A 47 0.57 -15.52 -14.45
N LYS A 48 -0.13 -14.54 -14.98
CA LYS A 48 0.21 -13.99 -16.29
C LYS A 48 1.71 -13.73 -16.35
N ALA A 49 2.16 -12.79 -15.54
CA ALA A 49 3.57 -12.44 -15.50
C ALA A 49 3.82 -11.51 -14.31
N VAL A 50 5.03 -10.96 -14.27
CA VAL A 50 5.41 -10.07 -13.20
C VAL A 50 4.91 -8.66 -13.52
N VAL A 51 4.15 -8.11 -12.58
CA VAL A 51 3.59 -6.78 -12.75
C VAL A 51 3.95 -5.93 -11.53
N THR A 52 3.89 -4.62 -11.74
CA THR A 52 4.20 -3.68 -10.66
C THR A 52 2.97 -2.86 -10.30
N LEU A 53 2.80 -2.63 -9.01
CA LEU A 53 1.66 -1.86 -8.52
C LEU A 53 2.04 -0.38 -8.49
N ASP A 54 1.26 0.42 -9.20
CA ASP A 54 1.50 1.85 -9.27
C ASP A 54 0.56 2.56 -8.29
N ALA A 55 1.02 3.72 -7.81
CA ALA A 55 0.25 4.50 -6.88
C ALA A 55 -0.87 5.24 -7.63
N SER A 56 -2.02 5.31 -6.98
CA SER A 56 -3.17 5.98 -7.57
C SER A 56 -3.26 7.42 -7.06
N ASP A 57 -2.73 7.62 -5.86
CA ASP A 57 -2.74 8.95 -5.26
C ASP A 57 -1.39 9.20 -4.57
N ASP A 58 -1.08 10.48 -4.43
CA ASP A 58 0.18 10.87 -3.80
C ASP A 58 -0.03 10.96 -2.29
N GLY A 59 0.88 10.34 -1.56
CA GLY A 59 0.81 10.35 -0.11
C GLY A 59 2.05 9.69 0.51
N ILE A 60 2.05 9.63 1.82
CA ILE A 60 3.17 9.05 2.54
C ILE A 60 2.79 7.65 3.02
N LEU A 61 3.69 6.71 2.79
CA LEU A 61 3.46 5.32 3.19
C LEU A 61 3.35 5.26 4.71
N ALA A 62 2.13 5.44 5.19
CA ALA A 62 1.88 5.39 6.62
C ALA A 62 2.43 4.09 7.19
N LYS A 63 1.77 2.99 6.82
CA LYS A 63 2.19 1.68 7.28
C LYS A 63 1.90 0.64 6.20
N ILE A 64 2.81 -0.31 6.07
CA ILE A 64 2.67 -1.35 5.07
C ILE A 64 1.98 -2.57 5.71
N VAL A 65 0.67 -2.55 5.67
CA VAL A 65 -0.12 -3.64 6.23
C VAL A 65 0.56 -4.97 5.91
N VAL A 66 0.71 -5.21 4.62
CA VAL A 66 1.34 -6.45 4.16
C VAL A 66 2.71 -6.12 3.58
N GLU A 67 3.73 -6.75 4.13
CA GLU A 67 5.09 -6.55 3.68
C GLU A 67 5.36 -7.39 2.43
N GLU A 68 6.59 -7.28 1.94
CA GLU A 68 6.99 -8.02 0.76
C GLU A 68 7.12 -9.51 1.08
N GLY A 69 7.20 -10.31 0.03
CA GLY A 69 7.33 -11.75 0.19
C GLY A 69 6.01 -12.36 0.66
N SER A 70 4.96 -11.56 0.59
CA SER A 70 3.64 -12.01 1.01
C SER A 70 2.87 -12.53 -0.21
N LYS A 71 2.71 -13.85 -0.25
CA LYS A 71 1.99 -14.48 -1.35
C LYS A 71 0.52 -14.64 -0.95
N ASN A 72 -0.31 -14.81 -1.97
CA ASN A 72 -1.73 -14.97 -1.75
C ASN A 72 -2.31 -13.68 -1.18
N ILE A 73 -2.49 -12.71 -2.07
CA ILE A 73 -3.04 -11.42 -1.67
C ILE A 73 -4.45 -11.27 -2.24
N ARG A 74 -5.43 -11.71 -1.46
CA ARG A 74 -6.81 -11.62 -1.88
C ARG A 74 -7.06 -10.32 -2.64
N LEU A 75 -8.10 -10.34 -3.46
CA LEU A 75 -8.45 -9.16 -4.24
C LEU A 75 -8.95 -8.07 -3.31
N GLY A 76 -8.86 -6.84 -3.79
CA GLY A 76 -9.29 -5.69 -3.01
C GLY A 76 -8.92 -5.86 -1.54
N SER A 77 -7.65 -6.16 -1.31
CA SER A 77 -7.15 -6.34 0.04
C SER A 77 -6.19 -5.21 0.42
N LEU A 78 -6.35 -4.73 1.64
CA LEU A 78 -5.49 -3.65 2.12
C LEU A 78 -4.06 -4.16 2.29
N ILE A 79 -3.17 -3.55 1.52
CA ILE A 79 -1.76 -3.94 1.57
C ILE A 79 -0.96 -2.83 2.24
N GLY A 80 -1.49 -1.62 2.17
CA GLY A 80 -0.84 -0.47 2.76
C GLY A 80 -1.80 0.71 2.88
N LEU A 81 -1.52 1.57 3.85
CA LEU A 81 -2.36 2.75 4.08
C LEU A 81 -1.52 4.01 3.86
N ILE A 82 -2.05 4.90 3.04
CA ILE A 82 -1.37 6.14 2.74
C ILE A 82 -2.01 7.28 3.54
N VAL A 83 -1.20 8.29 3.83
CA VAL A 83 -1.68 9.43 4.59
C VAL A 83 -1.17 10.72 3.94
N GLU A 84 -2.04 11.71 3.90
CA GLU A 84 -1.68 12.99 3.31
C GLU A 84 -0.29 13.43 3.77
N GLU A 85 0.56 13.70 2.80
CA GLU A 85 1.91 14.12 3.09
C GLU A 85 1.92 15.09 4.27
N GLY A 86 2.39 14.60 5.40
CA GLY A 86 2.47 15.41 6.61
C GLY A 86 1.19 15.26 7.44
N GLU A 87 0.92 14.03 7.83
CA GLU A 87 -0.27 13.73 8.63
C GLU A 87 0.01 12.58 9.59
N ASP A 88 1.02 12.78 10.43
CA ASP A 88 1.40 11.76 11.39
C ASP A 88 1.36 10.39 10.73
N TRP A 89 2.42 10.09 9.98
CA TRP A 89 2.52 8.82 9.29
C TRP A 89 3.10 7.80 10.26
N LYS A 90 4.24 8.15 10.84
CA LYS A 90 4.91 7.27 11.78
C LYS A 90 3.99 7.03 12.99
N HIS A 91 3.50 5.81 13.10
CA HIS A 91 2.61 5.44 14.19
C HIS A 91 3.38 4.63 15.22
N VAL A 92 3.87 3.49 14.79
CA VAL A 92 4.63 2.61 15.66
C VAL A 92 5.81 3.38 16.26
N SER A 93 5.88 3.35 17.58
CA SER A 93 6.94 4.04 18.29
C SER A 93 6.81 5.55 18.10
N GLY A 94 6.25 6.19 19.12
CA GLY A 94 6.06 7.63 19.08
C GLY A 94 6.01 8.22 20.49
N PRO A 95 5.33 9.40 20.59
CA PRO A 95 5.20 10.07 21.88
C PRO A 95 4.18 9.36 22.78
N SER A 96 4.71 8.58 23.71
CA SER A 96 3.87 7.84 24.63
C SER A 96 4.41 7.97 26.06
N SER A 97 3.58 8.54 26.92
CA SER A 97 3.96 8.73 28.30
C SER A 97 4.07 7.38 29.01
N GLY A 98 5.28 7.09 29.46
CA GLY A 98 5.54 5.84 30.16
C GLY A 98 5.74 6.06 31.66
N GLY A 1 -18.00 1.61 9.38
CA GLY A 1 -17.86 0.82 10.58
C GLY A 1 -17.57 1.70 11.80
N SER A 2 -16.43 1.44 12.42
CA SER A 2 -16.03 2.21 13.59
C SER A 2 -14.54 2.53 13.52
N SER A 3 -13.73 1.47 13.42
CA SER A 3 -12.29 1.63 13.33
C SER A 3 -11.92 2.47 12.11
N GLY A 4 -10.78 3.14 12.21
CA GLY A 4 -10.31 3.98 11.13
C GLY A 4 -10.17 5.43 11.58
N SER A 5 -9.64 6.25 10.69
CA SER A 5 -9.45 7.67 10.98
C SER A 5 -9.39 8.47 9.69
N SER A 6 -8.37 8.18 8.89
CA SER A 6 -8.18 8.87 7.63
C SER A 6 -7.00 8.26 6.87
N GLY A 7 -6.91 8.62 5.60
CA GLY A 7 -5.83 8.12 4.76
C GLY A 7 -6.39 7.24 3.63
N ILE A 8 -5.56 7.06 2.61
CA ILE A 8 -5.96 6.26 1.46
C ILE A 8 -5.46 4.82 1.66
N LYS A 9 -6.41 3.93 1.89
CA LYS A 9 -6.09 2.53 2.10
C LYS A 9 -5.68 1.89 0.77
N ILE A 10 -4.53 1.24 0.79
CA ILE A 10 -4.01 0.59 -0.40
C ILE A 10 -4.67 -0.79 -0.56
N LEU A 11 -5.53 -0.89 -1.56
CA LEU A 11 -6.23 -2.13 -1.83
C LEU A 11 -5.65 -2.78 -3.09
N MET A 12 -5.45 -4.08 -3.01
CA MET A 12 -4.91 -4.83 -4.14
C MET A 12 -5.69 -4.52 -5.42
N PRO A 13 -5.04 -3.72 -6.31
CA PRO A 13 -5.66 -3.34 -7.57
C PRO A 13 -5.65 -4.52 -8.55
N SER A 14 -6.62 -4.51 -9.45
CA SER A 14 -6.73 -5.56 -10.45
C SER A 14 -5.71 -5.33 -11.57
N LEU A 15 -4.45 -5.31 -11.17
CA LEU A 15 -3.37 -5.10 -12.12
C LEU A 15 -3.59 -6.00 -13.34
N SER A 16 -4.24 -7.13 -13.09
CA SER A 16 -4.52 -8.08 -14.15
C SER A 16 -6.02 -8.37 -14.21
N PRO A 17 -6.47 -8.81 -15.42
CA PRO A 17 -7.88 -9.13 -15.62
C PRO A 17 -8.25 -10.46 -14.94
N THR A 18 -9.45 -10.50 -14.41
CA THR A 18 -9.93 -11.69 -13.73
C THR A 18 -8.92 -12.17 -12.68
N MET A 19 -8.13 -11.21 -12.20
CA MET A 19 -7.13 -11.51 -11.20
C MET A 19 -7.78 -11.77 -9.84
N GLU A 20 -7.79 -13.04 -9.46
CA GLU A 20 -8.38 -13.43 -8.20
C GLU A 20 -7.51 -12.95 -7.04
N GLU A 21 -6.21 -12.89 -7.29
CA GLU A 21 -5.26 -12.43 -6.28
C GLU A 21 -3.88 -12.25 -6.90
N GLY A 22 -2.92 -11.90 -6.04
CA GLY A 22 -1.56 -11.68 -6.49
C GLY A 22 -0.57 -12.01 -5.37
N ASN A 23 0.66 -11.56 -5.57
CA ASN A 23 1.71 -11.80 -4.59
C ASN A 23 2.71 -10.64 -4.63
N ILE A 24 2.89 -10.01 -3.48
CA ILE A 24 3.81 -8.89 -3.37
C ILE A 24 5.24 -9.42 -3.31
N VAL A 25 5.96 -9.24 -4.42
CA VAL A 25 7.33 -9.70 -4.50
C VAL A 25 8.19 -8.89 -3.51
N LYS A 26 8.24 -7.59 -3.74
CA LYS A 26 9.01 -6.70 -2.90
C LYS A 26 8.39 -5.30 -2.92
N TRP A 27 8.72 -4.54 -1.89
CA TRP A 27 8.20 -3.18 -1.77
C TRP A 27 9.25 -2.23 -2.34
N LEU A 28 8.82 -1.45 -3.32
CA LEU A 28 9.71 -0.49 -3.95
C LEU A 28 9.84 0.74 -3.05
N LYS A 29 8.90 0.88 -2.14
CA LYS A 29 8.88 2.00 -1.22
C LYS A 29 9.01 1.48 0.21
N LYS A 30 9.25 2.40 1.12
CA LYS A 30 9.39 2.04 2.53
C LYS A 30 8.31 2.77 3.34
N GLU A 31 8.22 2.41 4.61
CA GLU A 31 7.24 3.01 5.50
C GLU A 31 7.67 4.42 5.89
N GLY A 32 6.79 5.37 5.63
CA GLY A 32 7.06 6.76 5.94
C GLY A 32 7.50 7.53 4.70
N GLU A 33 7.80 6.78 3.66
CA GLU A 33 8.23 7.38 2.41
C GLU A 33 7.04 8.01 1.68
N ALA A 34 7.36 8.91 0.76
CA ALA A 34 6.33 9.59 0.00
C ALA A 34 5.87 8.69 -1.15
N VAL A 35 4.76 9.07 -1.75
CA VAL A 35 4.20 8.30 -2.86
C VAL A 35 3.62 9.26 -3.89
N SER A 36 3.81 8.91 -5.15
CA SER A 36 3.31 9.72 -6.25
C SER A 36 2.56 8.85 -7.25
N ALA A 37 1.49 9.40 -7.79
CA ALA A 37 0.68 8.69 -8.76
C ALA A 37 1.54 8.30 -9.96
N GLY A 38 1.48 7.03 -10.31
CA GLY A 38 2.25 6.51 -11.43
C GLY A 38 3.48 5.76 -10.94
N ASP A 39 4.11 6.32 -9.91
CA ASP A 39 5.31 5.72 -9.34
C ASP A 39 4.98 4.31 -8.86
N ALA A 40 5.96 3.43 -8.98
CA ALA A 40 5.79 2.05 -8.55
C ALA A 40 5.94 1.96 -7.03
N LEU A 41 5.04 1.23 -6.42
CA LEU A 41 5.06 1.06 -4.97
C LEU A 41 5.70 -0.29 -4.64
N CYS A 42 5.17 -1.34 -5.25
CA CYS A 42 5.69 -2.68 -5.02
C CYS A 42 5.44 -3.51 -6.28
N GLU A 43 6.04 -4.69 -6.30
CA GLU A 43 5.89 -5.59 -7.43
C GLU A 43 4.82 -6.64 -7.15
N ILE A 44 3.74 -6.57 -7.91
CA ILE A 44 2.63 -7.50 -7.75
C ILE A 44 2.82 -8.67 -8.72
N GLU A 45 2.65 -9.87 -8.20
CA GLU A 45 2.79 -11.07 -9.01
C GLU A 45 1.43 -11.50 -9.56
N THR A 46 1.44 -11.90 -10.82
CA THR A 46 0.20 -12.34 -11.47
C THR A 46 0.51 -13.49 -12.44
N ASP A 47 -0.45 -14.41 -12.51
CA ASP A 47 -0.30 -15.56 -13.39
C ASP A 47 0.18 -15.09 -14.76
N LYS A 48 -0.40 -13.98 -15.20
CA LYS A 48 -0.04 -13.41 -16.49
C LYS A 48 1.47 -13.22 -16.57
N ALA A 49 1.95 -12.29 -15.75
CA ALA A 49 3.37 -11.99 -15.72
C ALA A 49 3.69 -11.18 -14.46
N VAL A 50 4.91 -10.67 -14.41
CA VAL A 50 5.35 -9.88 -13.28
C VAL A 50 4.94 -8.42 -13.49
N VAL A 51 3.94 -8.01 -12.72
CA VAL A 51 3.44 -6.64 -12.82
C VAL A 51 3.87 -5.86 -11.57
N THR A 52 3.72 -4.55 -11.66
CA THR A 52 4.09 -3.68 -10.56
C THR A 52 2.89 -2.82 -10.13
N LEU A 53 2.81 -2.58 -8.83
CA LEU A 53 1.72 -1.78 -8.29
C LEU A 53 2.09 -0.30 -8.38
N ASP A 54 1.28 0.43 -9.13
CA ASP A 54 1.50 1.85 -9.31
C ASP A 54 0.56 2.64 -8.40
N ALA A 55 1.10 3.69 -7.80
CA ALA A 55 0.32 4.53 -6.91
C ALA A 55 -0.82 5.18 -7.70
N SER A 56 -1.98 5.23 -7.05
CA SER A 56 -3.16 5.82 -7.67
C SER A 56 -3.31 7.27 -7.23
N ASP A 57 -2.64 7.59 -6.13
CA ASP A 57 -2.70 8.94 -5.59
C ASP A 57 -1.38 9.26 -4.87
N ASP A 58 -1.16 10.54 -4.65
CA ASP A 58 0.06 10.99 -3.99
C ASP A 58 -0.20 11.07 -2.49
N GLY A 59 0.67 10.42 -1.73
CA GLY A 59 0.56 10.41 -0.29
C GLY A 59 1.79 9.77 0.36
N ILE A 60 1.75 9.70 1.68
CA ILE A 60 2.86 9.12 2.42
C ILE A 60 2.47 7.71 2.89
N LEU A 61 3.39 6.78 2.67
CA LEU A 61 3.16 5.40 3.06
C LEU A 61 3.05 5.32 4.60
N ALA A 62 1.83 5.50 5.07
CA ALA A 62 1.58 5.44 6.50
C ALA A 62 2.19 4.17 7.08
N LYS A 63 1.79 3.04 6.52
CA LYS A 63 2.29 1.76 6.97
C LYS A 63 2.13 0.72 5.85
N ILE A 64 2.69 -0.45 6.08
CA ILE A 64 2.61 -1.52 5.09
C ILE A 64 1.96 -2.74 5.74
N VAL A 65 0.63 -2.72 5.75
CA VAL A 65 -0.13 -3.82 6.32
C VAL A 65 0.53 -5.15 5.95
N VAL A 66 0.61 -5.38 4.65
CA VAL A 66 1.21 -6.61 4.15
C VAL A 66 2.59 -6.29 3.57
N GLU A 67 3.59 -6.97 4.10
CA GLU A 67 4.96 -6.77 3.64
C GLU A 67 5.29 -7.73 2.49
N GLU A 68 6.52 -7.64 2.02
CA GLU A 68 6.96 -8.50 0.94
C GLU A 68 7.25 -9.90 1.44
N GLY A 69 6.96 -10.88 0.60
CA GLY A 69 7.17 -12.28 0.96
C GLY A 69 5.84 -13.03 1.05
N SER A 70 4.77 -12.26 1.18
CA SER A 70 3.44 -12.83 1.29
C SER A 70 3.01 -13.41 -0.07
N LYS A 71 1.98 -14.22 -0.03
CA LYS A 71 1.46 -14.84 -1.24
C LYS A 71 -0.07 -14.97 -1.14
N ASN A 72 -0.71 -14.98 -2.29
CA ASN A 72 -2.15 -15.08 -2.35
C ASN A 72 -2.78 -13.85 -1.70
N ILE A 73 -2.70 -12.74 -2.41
CA ILE A 73 -3.24 -11.48 -1.91
C ILE A 73 -4.49 -11.13 -2.73
N ARG A 74 -5.62 -11.64 -2.28
CA ARG A 74 -6.88 -11.37 -2.96
C ARG A 74 -7.08 -9.87 -3.13
N LEU A 75 -8.07 -9.53 -3.95
CA LEU A 75 -8.37 -8.14 -4.22
C LEU A 75 -9.04 -7.52 -2.99
N GLY A 76 -8.99 -6.20 -2.93
CA GLY A 76 -9.58 -5.48 -1.82
C GLY A 76 -8.90 -5.85 -0.49
N SER A 77 -7.58 -5.94 -0.57
CA SER A 77 -6.80 -6.28 0.61
C SER A 77 -5.90 -5.11 1.00
N LEU A 78 -5.90 -4.80 2.29
CA LEU A 78 -5.10 -3.70 2.80
C LEU A 78 -3.64 -4.16 2.93
N ILE A 79 -2.83 -3.65 2.01
CA ILE A 79 -1.42 -3.99 2.01
C ILE A 79 -0.60 -2.79 2.51
N GLY A 80 -1.28 -1.66 2.60
CA GLY A 80 -0.64 -0.44 3.06
C GLY A 80 -1.64 0.71 3.13
N LEU A 81 -1.32 1.67 4.00
CA LEU A 81 -2.18 2.83 4.17
C LEU A 81 -1.43 4.09 3.75
N ILE A 82 -2.14 4.97 3.08
CA ILE A 82 -1.55 6.21 2.61
C ILE A 82 -2.17 7.38 3.39
N VAL A 83 -1.34 8.38 3.65
CA VAL A 83 -1.79 9.56 4.37
C VAL A 83 -1.30 10.81 3.64
N GLU A 84 -2.24 11.73 3.42
CA GLU A 84 -1.92 12.97 2.74
C GLU A 84 -0.55 13.49 3.20
N GLU A 85 0.29 13.77 2.21
CA GLU A 85 1.62 14.27 2.49
C GLU A 85 1.57 15.30 3.62
N GLY A 86 2.37 15.04 4.65
CA GLY A 86 2.43 15.93 5.79
C GLY A 86 1.82 15.28 7.03
N GLU A 87 0.58 14.82 6.86
CA GLU A 87 -0.12 14.18 7.97
C GLU A 87 0.84 13.31 8.77
N ASP A 88 0.87 13.57 10.07
CA ASP A 88 1.74 12.81 10.96
C ASP A 88 1.50 11.32 10.76
N TRP A 89 2.30 10.73 9.89
CA TRP A 89 2.19 9.32 9.59
C TRP A 89 2.60 8.53 10.84
N LYS A 90 3.76 8.91 11.37
CA LYS A 90 4.28 8.25 12.56
C LYS A 90 3.22 8.31 13.67
N HIS A 91 2.87 9.52 14.05
CA HIS A 91 1.88 9.73 15.09
C HIS A 91 2.42 9.22 16.43
N VAL A 92 2.24 10.04 17.46
CA VAL A 92 2.70 9.70 18.78
C VAL A 92 1.66 10.12 19.81
N SER A 93 1.26 11.39 19.72
CA SER A 93 0.27 11.93 20.64
C SER A 93 -0.63 12.93 19.91
N GLY A 94 0.01 13.97 19.39
CA GLY A 94 -0.72 15.01 18.67
C GLY A 94 -0.92 16.24 19.54
N PRO A 95 -1.61 17.26 18.94
CA PRO A 95 -1.88 18.50 19.66
C PRO A 95 -2.99 18.30 20.69
N SER A 96 -2.83 18.98 21.82
CA SER A 96 -3.80 18.89 22.89
C SER A 96 -5.00 19.81 22.59
N SER A 97 -6.06 19.18 22.11
CA SER A 97 -7.27 19.92 21.76
C SER A 97 -7.56 20.98 22.84
N GLY A 98 -8.31 21.98 22.45
CA GLY A 98 -8.67 23.06 23.36
C GLY A 98 -10.08 22.88 23.90
#